data_9NSV
#
_entry.id   9NSV
#
_cell.length_a   1.00
_cell.length_b   1.00
_cell.length_c   1.00
_cell.angle_alpha   90.00
_cell.angle_beta   90.00
_cell.angle_gamma   90.00
#
_symmetry.space_group_name_H-M   'P 1'
#
loop_
_entity.id
_entity.type
_entity.pdbx_description
1 polymer 'Nitrogenase MoFe-protein alpha chain'
2 polymer 'Nitrogenase MoFe-protein beta chain'
3 non-polymer 'iron-sulfur-molybdenum cluster with interstitial carbon'
4 non-polymer '3-HYDROXY-3-CARBOXY-ADIPIC ACID'
5 non-polymer 'FE(8)-S(7) CLUSTER'
6 non-polymer 'FE (III) ION'
7 water water
#
loop_
_entity_poly.entity_id
_entity_poly.type
_entity_poly.pdbx_seq_one_letter_code
_entity_poly.pdbx_strand_id
1 'polypeptide(L)'
;MTGMSRDEVESLIQEVLEVYPEKAKKNREKHLSPNDPELEQSKKCITSNKKSLPGVMTIRGCAYAGSKGVVWGPIKDMIH
ISHGPVGCGQYSRAGRRNYYIGTTGVNAFVTMNFTSDFQEKDIVFGGDKKLAKLIDEIETLFPLNKGISVQSECPIGLIG
DDIEAVSKQKGKEHGKTIVPVRCEGFRGVSQSLGHHIANDAVRDWVLSARDDDDSFETTDYDVAIIGDYNIGGDAWSSRI
LLEEMGLRVVAQWSGDGTISEMELTPKVKLNLVHCYRSMNYISRHMEEKYGIPWMEYNFFGPTKTIESLRKIAAQFDESI
QKKCEEVIAKYQPEWEAVVAKYRPRLEGKRVMLYVGGLRPRHVIGAYEDLGMEVVGTGYEFGHNDDYDRTLKEMGDSTLL
YDDVTGYEFEEFVKKVKPDLIGSGIKEKYIFQKMGIPFRQMHSWDYSGPYHGFDGFAIFARDMDMTLNNPCWKKLQAPWK
KSEQADEAVAASA
;
A,C
2 'polypeptide(L)'
;MSQQVDNIKPSYPLFRDQDYKDMLAKKRDNFEEKHPQEKIDEVFQWTTTEEYQELNFQREALTVNPAKACQPLGAVLCSL
GFEKTMPYVHGSQGCVAYFRTYFNRHFKEPISCVSDSMTEDAAVFGGQQNMKDGLQNCKAIYKPDMIAVSTTCMAEVIGD
DLNAFINNSKKEGHIPDEFPVPFAHTPSFVGSHVTGWDNMFEGIARYFTLNYMEDKEVGSNGKINIVPGFETYLGNFRVI
KRMMNEMNVDYTLLSDPEEVLDTPADGQFRMYAGGTTQDEMKDAPNALNTLMLQPWQLTKTTKFVKNTWKHEVPKLNIPM
GLDWTDEFLMKVSEISGQPIPESLAKERGRLVDMMTDSHTWLHGKKFALWGDPDFVMGMTKFLLELGCEPIHILCNNANK
RWKKAMDAILAESPYGANSEVHIGKDLWHMRSLVFTNKPDFMIGNSYGKFIQRDTLYKGKEFEVPLIRIGFPIFDRHHLH
RQTTLGYEGAMQILTTLVNSVLERLDEETRGMQTTDYNYDLVR
;
B,D
#
loop_
_chem_comp.id
_chem_comp.type
_chem_comp.name
_chem_comp.formula
CLF non-polymer 'FE(8)-S(7) CLUSTER' 'Fe8 S7'
FE non-polymer 'FE (III) ION' 'Fe 3'
HCA non-polymer '3-HYDROXY-3-CARBOXY-ADIPIC ACID' 'C7 H10 O7'
ICS non-polymer 'iron-sulfur-molybdenum cluster with interstitial carbon' 'C Fe7 Mo S9'
#
# COMPACT_ATOMS: atom_id res chain seq x y z
N ARG A 6 -25.99 46.82 -6.62
CA ARG A 6 -25.54 46.73 -8.01
C ARG A 6 -26.60 46.07 -8.87
N ASP A 7 -26.99 46.75 -9.94
CA ASP A 7 -27.95 46.22 -10.90
C ASP A 7 -27.41 44.95 -11.54
N GLU A 8 -26.08 44.86 -11.67
CA GLU A 8 -25.47 43.71 -12.33
C GLU A 8 -25.74 42.42 -11.56
N VAL A 9 -25.66 42.47 -10.23
CA VAL A 9 -25.95 41.29 -9.42
C VAL A 9 -27.42 40.91 -9.56
N GLU A 10 -28.32 41.90 -9.57
CA GLU A 10 -29.74 41.61 -9.78
C GLU A 10 -29.99 41.02 -11.17
N SER A 11 -29.24 41.49 -12.18
CA SER A 11 -29.35 40.91 -13.50
C SER A 11 -28.92 39.45 -13.49
N LEU A 12 -27.85 39.13 -12.76
CA LEU A 12 -27.44 37.74 -12.61
C LEU A 12 -28.53 36.92 -11.94
N ILE A 13 -29.14 37.47 -10.88
CA ILE A 13 -30.22 36.75 -10.19
C ILE A 13 -31.38 36.50 -11.16
N GLN A 14 -31.69 37.47 -12.01
CA GLN A 14 -32.77 37.30 -12.98
C GLN A 14 -32.45 36.20 -13.99
N GLU A 15 -31.20 36.14 -14.45
CA GLU A 15 -30.83 35.16 -15.47
C GLU A 15 -30.91 33.73 -14.95
N VAL A 16 -30.39 33.49 -13.74
CA VAL A 16 -30.49 32.15 -13.17
C VAL A 16 -31.92 31.76 -12.85
N LEU A 17 -32.82 32.73 -12.69
CA LEU A 17 -34.20 32.43 -12.34
C LEU A 17 -35.03 31.93 -13.52
N GLU A 18 -34.62 32.24 -14.76
CA GLU A 18 -35.46 31.89 -15.91
C GLU A 18 -35.58 30.39 -16.12
N VAL A 19 -34.65 29.59 -15.59
CA VAL A 19 -34.71 28.15 -15.78
C VAL A 19 -35.91 27.55 -15.06
N TYR A 20 -36.28 28.10 -13.91
CA TYR A 20 -37.30 27.49 -13.08
C TYR A 20 -38.69 27.60 -13.72
N PRO A 21 -39.56 26.63 -13.47
CA PRO A 21 -40.98 26.84 -13.75
C PRO A 21 -41.52 28.01 -12.94
N GLU A 22 -42.70 28.48 -13.31
CA GLU A 22 -43.19 29.74 -12.75
C GLU A 22 -43.35 29.65 -11.23
N LYS A 23 -43.89 28.54 -10.72
CA LYS A 23 -44.08 28.41 -9.28
C LYS A 23 -42.74 28.32 -8.55
N ALA A 24 -41.81 27.52 -9.08
CA ALA A 24 -40.50 27.41 -8.46
C ALA A 24 -39.73 28.72 -8.52
N LYS A 25 -39.84 29.43 -9.65
CA LYS A 25 -39.12 30.69 -9.82
C LYS A 25 -39.60 31.74 -8.82
N LYS A 26 -40.92 31.91 -8.71
CA LYS A 26 -41.47 32.91 -7.81
C LYS A 26 -41.02 32.67 -6.38
N ASN A 27 -40.88 31.41 -5.98
CA ASN A 27 -40.37 31.08 -4.65
C ASN A 27 -38.91 31.47 -4.52
N ARG A 28 -38.10 31.23 -5.55
CA ARG A 28 -36.66 31.38 -5.44
C ARG A 28 -36.21 32.84 -5.43
N GLU A 29 -36.95 33.75 -6.05
CA GLU A 29 -36.53 35.16 -6.06
C GLU A 29 -36.44 35.73 -4.65
N LYS A 30 -37.27 35.23 -3.73
CA LYS A 30 -37.23 35.70 -2.36
C LYS A 30 -35.93 35.33 -1.66
N HIS A 31 -35.23 34.29 -2.12
CA HIS A 31 -34.07 33.76 -1.44
C HIS A 31 -32.75 34.24 -2.05
N LEU A 32 -32.79 35.14 -3.02
CA LEU A 32 -31.58 35.70 -3.62
C LEU A 32 -31.72 37.21 -3.67
N SER A 33 -30.66 37.91 -3.28
CA SER A 33 -30.72 39.37 -3.19
C SER A 33 -29.31 39.92 -3.02
N PRO A 34 -29.04 41.11 -3.56
CA PRO A 34 -27.79 41.80 -3.23
C PRO A 34 -27.77 42.22 -1.78
N ASN A 35 -26.57 42.38 -1.24
CA ASN A 35 -26.41 42.77 0.15
C ASN A 35 -26.53 44.29 0.29
N ASP A 36 -27.37 44.72 1.22
CA ASP A 36 -27.51 46.14 1.56
C ASP A 36 -27.05 46.34 3.00
N PRO A 37 -25.82 46.78 3.23
CA PRO A 37 -25.37 47.02 4.60
C PRO A 37 -26.20 48.07 5.33
N GLU A 38 -26.70 49.07 4.61
CA GLU A 38 -27.55 50.09 5.22
C GLU A 38 -28.90 49.54 5.65
N LEU A 39 -29.30 48.38 5.14
CA LEU A 39 -30.56 47.77 5.54
C LEU A 39 -30.45 47.18 6.94
N GLU A 40 -31.49 47.40 7.75
CA GLU A 40 -31.50 46.96 9.13
C GLU A 40 -32.18 45.62 9.33
N GLN A 41 -33.20 45.30 8.53
CA GLN A 41 -33.94 44.05 8.65
C GLN A 41 -33.83 43.29 7.34
N SER A 42 -33.29 42.07 7.41
CA SER A 42 -33.07 41.27 6.21
C SER A 42 -34.36 40.67 5.65
N LYS A 43 -35.47 40.74 6.39
CA LYS A 43 -36.75 40.30 5.85
C LYS A 43 -37.12 41.07 4.59
N LYS A 44 -36.68 42.31 4.48
CA LYS A 44 -37.01 43.17 3.36
C LYS A 44 -36.10 42.97 2.15
N CYS A 45 -35.12 42.07 2.25
CA CYS A 45 -34.29 41.78 1.09
C CYS A 45 -34.21 40.29 0.78
N ILE A 46 -34.19 39.42 1.79
CA ILE A 46 -34.05 37.99 1.58
C ILE A 46 -35.00 37.25 2.51
N THR A 47 -35.37 36.04 2.10
CA THR A 47 -36.28 35.18 2.84
C THR A 47 -35.58 33.87 3.15
N SER A 48 -35.75 33.37 4.37
CA SER A 48 -35.05 32.19 4.82
C SER A 48 -35.99 31.30 5.63
N ASN A 49 -35.48 30.13 6.01
CA ASN A 49 -36.16 29.19 6.89
C ASN A 49 -37.51 28.75 6.33
N LYS A 50 -37.59 28.66 5.01
CA LYS A 50 -38.78 28.17 4.32
C LYS A 50 -38.55 26.75 3.83
N LYS A 51 -39.60 26.18 3.22
CA LYS A 51 -39.48 24.84 2.69
C LYS A 51 -38.63 24.81 1.43
N SER A 52 -37.83 23.75 1.28
CA SER A 52 -37.07 23.56 0.06
C SER A 52 -37.99 23.18 -1.09
N LEU A 53 -37.72 23.73 -2.26
CA LEU A 53 -38.49 23.37 -3.45
C LEU A 53 -38.24 21.90 -3.80
N PRO A 54 -39.27 21.14 -4.15
CA PRO A 54 -39.06 19.75 -4.55
C PRO A 54 -38.31 19.66 -5.87
N GLY A 55 -37.55 18.59 -6.02
CA GLY A 55 -36.87 18.30 -7.26
C GLY A 55 -35.63 19.13 -7.54
N VAL A 56 -35.17 19.93 -6.60
CA VAL A 56 -33.94 20.69 -6.75
C VAL A 56 -32.88 20.06 -5.87
N MET A 57 -31.62 20.21 -6.27
CA MET A 57 -30.50 19.67 -5.49
C MET A 57 -30.21 20.63 -4.34
N THR A 58 -31.04 20.55 -3.32
CA THR A 58 -30.79 21.31 -2.10
C THR A 58 -29.65 20.65 -1.32
N ILE A 59 -28.88 21.49 -0.63
CA ILE A 59 -27.76 21.01 0.17
C ILE A 59 -28.19 20.66 1.59
N ARG A 60 -29.40 21.06 1.98
CA ARG A 60 -29.87 20.93 3.35
C ARG A 60 -29.94 19.46 3.80
N GLY A 61 -29.72 19.26 5.09
CA GLY A 61 -30.01 18.01 5.74
C GLY A 61 -31.38 18.02 6.38
N CYS A 62 -31.52 17.23 7.44
CA CYS A 62 -32.80 17.04 8.11
C CYS A 62 -32.68 17.36 9.60
N ALA A 63 -33.81 17.29 10.29
CA ALA A 63 -33.82 17.53 11.74
C ALA A 63 -32.98 16.50 12.48
N TYR A 64 -32.95 15.25 12.00
CA TYR A 64 -32.10 14.25 12.61
C TYR A 64 -30.62 14.61 12.47
N ALA A 65 -30.22 15.12 11.29
CA ALA A 65 -28.85 15.54 11.11
C ALA A 65 -28.50 16.70 12.03
N GLY A 66 -29.44 17.62 12.25
CA GLY A 66 -29.20 18.74 13.13
C GLY A 66 -29.24 18.42 14.61
N SER A 67 -29.94 17.35 14.99
CA SER A 67 -30.02 16.96 16.40
C SER A 67 -29.00 15.87 16.75
N LYS A 68 -29.09 14.72 16.08
CA LYS A 68 -28.12 13.65 16.32
C LYS A 68 -26.73 14.05 15.84
N GLY A 69 -26.62 14.52 14.60
CA GLY A 69 -25.31 14.83 14.05
C GLY A 69 -24.65 15.99 14.75
N VAL A 70 -25.42 17.05 15.05
CA VAL A 70 -24.83 18.32 15.44
C VAL A 70 -24.76 18.47 16.95
N VAL A 71 -25.90 18.34 17.63
CA VAL A 71 -25.99 18.73 19.04
C VAL A 71 -25.69 17.56 19.97
N TRP A 72 -26.34 16.42 19.77
CA TRP A 72 -26.25 15.34 20.75
C TRP A 72 -25.05 14.44 20.50
N GLY A 73 -24.80 14.06 19.24
CA GLY A 73 -23.72 13.15 18.92
C GLY A 73 -22.36 13.50 19.48
N PRO A 74 -21.95 14.77 19.47
CA PRO A 74 -20.63 15.11 20.04
C PRO A 74 -20.48 14.83 21.53
N ILE A 75 -21.57 14.69 22.28
CA ILE A 75 -21.47 14.41 23.71
C ILE A 75 -20.85 13.03 23.88
N LYS A 76 -19.61 12.98 24.37
CA LYS A 76 -18.79 11.79 24.25
C LYS A 76 -19.19 10.69 25.23
N ASP A 77 -19.55 11.04 26.45
CA ASP A 77 -19.85 10.02 27.46
C ASP A 77 -21.28 9.51 27.37
N MET A 78 -22.02 9.88 26.35
CA MET A 78 -23.40 9.43 26.15
C MET A 78 -23.48 8.56 24.90
N ILE A 79 -24.32 7.55 24.95
CA ILE A 79 -24.60 6.72 23.78
C ILE A 79 -25.85 7.25 23.10
N HIS A 80 -25.77 7.48 21.80
CA HIS A 80 -26.84 8.06 21.02
C HIS A 80 -27.37 7.01 20.05
N ILE A 81 -28.63 6.62 20.23
CA ILE A 81 -29.26 5.61 19.40
C ILE A 81 -29.92 6.30 18.22
N SER A 82 -29.54 5.89 17.01
CA SER A 82 -30.27 6.25 15.80
C SER A 82 -31.47 5.31 15.72
N HIS A 83 -32.59 5.76 16.28
CA HIS A 83 -33.77 4.92 16.42
C HIS A 83 -34.51 4.89 15.09
N GLY A 84 -34.54 3.72 14.46
CA GLY A 84 -35.16 3.55 13.16
C GLY A 84 -34.31 2.67 12.27
N PRO A 85 -34.53 2.75 10.96
CA PRO A 85 -33.75 1.93 10.02
C PRO A 85 -32.28 2.31 10.01
N VAL A 86 -31.49 1.45 9.38
CA VAL A 86 -30.04 1.49 9.52
C VAL A 86 -29.42 2.70 8.83
N GLY A 87 -30.12 3.31 7.87
CA GLY A 87 -29.47 4.28 6.99
C GLY A 87 -28.93 5.50 7.72
N CYS A 88 -29.79 6.16 8.50
CA CYS A 88 -29.43 7.48 9.03
C CYS A 88 -28.19 7.42 9.91
N GLY A 89 -28.14 6.44 10.82
CA GLY A 89 -26.98 6.31 11.69
C GLY A 89 -25.72 5.98 10.92
N GLN A 90 -25.84 5.21 9.84
CA GLN A 90 -24.67 4.81 9.07
C GLN A 90 -24.04 6.00 8.35
N TYR A 91 -24.86 6.83 7.71
CA TYR A 91 -24.31 7.94 6.93
C TYR A 91 -23.77 9.04 7.83
N SER A 92 -24.30 9.18 9.05
CA SER A 92 -23.84 10.20 9.97
C SER A 92 -22.75 9.69 10.91
N ARG A 93 -22.29 8.46 10.76
CA ARG A 93 -21.29 7.91 11.66
C ARG A 93 -19.92 8.52 11.38
N ALA A 94 -19.38 9.23 12.37
CA ALA A 94 -18.04 9.80 12.31
C ALA A 94 -17.84 10.68 11.08
N GLY A 95 -18.86 11.47 10.76
CA GLY A 95 -18.81 12.31 9.57
C GLY A 95 -18.61 13.79 9.83
N ARG A 96 -18.60 14.21 11.10
CA ARG A 96 -18.62 15.63 11.43
C ARG A 96 -17.32 16.17 12.02
N ARG A 97 -16.45 15.31 12.53
CA ARG A 97 -15.15 15.71 13.09
C ARG A 97 -15.31 16.57 14.34
N ASN A 98 -16.32 16.24 15.16
CA ASN A 98 -16.45 16.85 16.48
C ASN A 98 -15.50 16.12 17.42
N TYR A 99 -14.36 16.75 17.71
CA TYR A 99 -13.26 16.07 18.36
C TYR A 99 -13.53 15.88 19.85
N TYR A 100 -12.99 14.79 20.39
CA TYR A 100 -13.22 14.42 21.77
C TYR A 100 -12.03 13.62 22.27
N ILE A 101 -11.93 13.51 23.59
CA ILE A 101 -10.91 12.70 24.25
C ILE A 101 -11.62 11.62 25.03
N GLY A 102 -11.30 10.36 24.74
CA GLY A 102 -11.88 9.26 25.47
C GLY A 102 -11.48 7.93 24.88
N THR A 103 -11.90 6.88 25.56
CA THR A 103 -11.69 5.51 25.09
C THR A 103 -12.97 5.08 24.38
N THR A 104 -12.92 5.06 23.06
CA THR A 104 -14.11 4.75 22.26
C THR A 104 -14.55 3.32 22.52
N GLY A 105 -15.85 3.14 22.74
CA GLY A 105 -16.42 1.85 23.06
C GLY A 105 -16.45 1.52 24.53
N VAL A 106 -15.80 2.33 25.38
CA VAL A 106 -15.75 2.07 26.80
C VAL A 106 -16.43 3.20 27.56
N ASN A 107 -15.87 4.41 27.47
CA ASN A 107 -16.46 5.57 28.09
C ASN A 107 -16.76 6.70 27.11
N ALA A 108 -16.38 6.57 25.85
CA ALA A 108 -16.69 7.53 24.82
C ALA A 108 -17.29 6.79 23.63
N PHE A 109 -18.26 7.42 22.96
CA PHE A 109 -19.01 6.72 21.93
C PHE A 109 -19.33 7.59 20.71
N VAL A 110 -18.55 8.65 20.47
CA VAL A 110 -18.93 9.63 19.46
C VAL A 110 -18.90 9.02 18.06
N THR A 111 -17.80 8.36 17.70
CA THR A 111 -17.66 7.83 16.36
C THR A 111 -18.38 6.50 16.18
N MET A 112 -19.11 6.06 17.19
CA MET A 112 -19.88 4.84 17.19
C MET A 112 -21.24 5.07 16.54
N ASN A 113 -21.83 3.98 16.02
CA ASN A 113 -23.16 4.03 15.42
C ASN A 113 -24.05 3.03 16.17
N PHE A 114 -24.72 3.52 17.20
CA PHE A 114 -25.74 2.74 17.89
C PHE A 114 -27.07 2.95 17.19
N THR A 115 -27.71 1.87 16.78
CA THR A 115 -28.96 1.96 16.03
C THR A 115 -29.86 0.80 16.40
N SER A 116 -31.16 1.00 16.23
CA SER A 116 -32.12 -0.07 16.42
C SER A 116 -32.34 -0.90 15.16
N ASP A 117 -31.87 -0.42 14.01
CA ASP A 117 -31.87 -1.19 12.77
C ASP A 117 -33.25 -1.75 12.46
N PHE A 118 -34.20 -0.83 12.23
CA PHE A 118 -35.59 -1.20 12.08
C PHE A 118 -35.79 -2.12 10.88
N GLN A 119 -36.56 -3.18 11.09
CA GLN A 119 -37.00 -4.08 10.04
C GLN A 119 -38.50 -3.88 9.82
N GLU A 120 -39.08 -4.71 8.95
CA GLU A 120 -40.50 -4.59 8.66
C GLU A 120 -41.36 -4.85 9.88
N LYS A 121 -40.97 -5.83 10.71
CA LYS A 121 -41.74 -6.13 11.91
C LYS A 121 -41.75 -4.94 12.87
N ASP A 122 -40.63 -4.20 12.94
CA ASP A 122 -40.60 -3.02 13.79
C ASP A 122 -41.43 -1.88 13.22
N ILE A 123 -41.50 -1.77 11.89
CA ILE A 123 -42.36 -0.77 11.27
C ILE A 123 -43.83 -1.11 11.46
N VAL A 124 -44.16 -2.40 11.36
CA VAL A 124 -45.57 -2.81 11.36
C VAL A 124 -46.11 -2.85 12.79
N PHE A 125 -45.36 -3.41 13.73
CA PHE A 125 -45.83 -3.62 15.09
C PHE A 125 -45.19 -2.65 16.09
N GLY A 126 -44.42 -1.68 15.63
CA GLY A 126 -43.80 -0.72 16.52
C GLY A 126 -42.44 -1.18 17.02
N GLY A 127 -41.65 -0.21 17.47
CA GLY A 127 -40.32 -0.49 17.96
C GLY A 127 -40.11 -0.07 19.40
N ASP A 128 -41.20 0.07 20.16
CA ASP A 128 -41.07 0.45 21.56
C ASP A 128 -40.50 -0.70 22.38
N LYS A 129 -40.97 -1.93 22.14
CA LYS A 129 -40.40 -3.09 22.81
C LYS A 129 -38.95 -3.30 22.40
N LYS A 130 -38.64 -3.10 21.12
CA LYS A 130 -37.26 -3.22 20.66
C LYS A 130 -36.37 -2.16 21.30
N LEU A 131 -36.90 -0.94 21.45
CA LEU A 131 -36.13 0.12 22.10
C LEU A 131 -35.86 -0.22 23.56
N ALA A 132 -36.85 -0.77 24.26
CA ALA A 132 -36.66 -1.16 25.65
C ALA A 132 -35.60 -2.25 25.78
N LYS A 133 -35.66 -3.26 24.90
CA LYS A 133 -34.65 -4.30 24.89
C LYS A 133 -33.29 -3.75 24.52
N LEU A 134 -33.26 -2.81 23.59
CA LEU A 134 -31.99 -2.23 23.14
C LEU A 134 -31.28 -1.50 24.28
N ILE A 135 -32.05 -0.77 25.09
CA ILE A 135 -31.45 -0.03 26.21
C ILE A 135 -30.86 -0.99 27.23
N ASP A 136 -31.52 -2.14 27.44
CA ASP A 136 -30.96 -3.16 28.33
C ASP A 136 -29.63 -3.68 27.79
N GLU A 137 -29.55 -3.91 26.48
CA GLU A 137 -28.30 -4.39 25.89
C GLU A 137 -27.20 -3.34 25.99
N ILE A 138 -27.56 -2.06 25.86
CA ILE A 138 -26.60 -0.99 26.03
C ILE A 138 -26.03 -1.00 27.45
N GLU A 139 -26.91 -1.19 28.44
CA GLU A 139 -26.46 -1.22 29.83
C GLU A 139 -25.51 -2.39 30.07
N THR A 140 -25.81 -3.54 29.47
CA THR A 140 -24.97 -4.72 29.67
C THR A 140 -23.61 -4.57 28.99
N LEU A 141 -23.60 -4.16 27.73
CA LEU A 141 -22.40 -4.18 26.92
C LEU A 141 -21.57 -2.90 27.01
N PHE A 142 -22.17 -1.81 27.46
CA PHE A 142 -21.47 -0.53 27.62
C PHE A 142 -21.81 0.04 28.99
N PRO A 143 -21.36 -0.61 30.07
CA PRO A 143 -21.78 -0.18 31.41
C PRO A 143 -21.21 1.16 31.85
N LEU A 144 -20.20 1.68 31.19
CA LEU A 144 -19.58 2.93 31.59
C LEU A 144 -20.20 4.15 30.92
N ASN A 145 -21.21 3.97 30.07
CA ASN A 145 -21.91 5.12 29.52
C ASN A 145 -22.57 5.92 30.64
N LYS A 146 -22.59 7.24 30.48
CA LYS A 146 -23.15 8.13 31.47
C LYS A 146 -24.52 8.67 31.08
N GLY A 147 -25.12 8.12 30.04
CA GLY A 147 -26.40 8.57 29.57
C GLY A 147 -26.73 8.06 28.19
N ILE A 148 -28.00 8.11 27.82
CA ILE A 148 -28.49 7.59 26.55
C ILE A 148 -29.42 8.60 25.93
N SER A 149 -29.28 8.83 24.63
CA SER A 149 -30.18 9.66 23.87
C SER A 149 -30.82 8.82 22.76
N VAL A 150 -32.12 8.99 22.56
CA VAL A 150 -32.86 8.29 21.52
C VAL A 150 -33.16 9.31 20.44
N GLN A 151 -32.40 9.27 19.36
CA GLN A 151 -32.59 10.16 18.21
C GLN A 151 -33.55 9.51 17.24
N SER A 152 -34.77 10.04 17.17
CA SER A 152 -35.79 9.46 16.30
C SER A 152 -35.49 9.75 14.84
N GLU A 153 -35.51 8.71 14.03
CA GLU A 153 -35.48 8.87 12.58
C GLU A 153 -36.91 8.94 12.06
N CYS A 154 -37.05 9.14 10.75
CA CYS A 154 -38.35 9.43 10.14
C CYS A 154 -39.47 8.48 10.54
N PRO A 155 -39.31 7.15 10.48
CA PRO A 155 -40.45 6.27 10.78
C PRO A 155 -40.94 6.34 12.21
N ILE A 156 -40.13 6.81 13.16
CA ILE A 156 -40.51 6.78 14.57
C ILE A 156 -41.75 7.64 14.81
N GLY A 157 -41.76 8.84 14.24
CA GLY A 157 -42.92 9.71 14.39
C GLY A 157 -44.10 9.36 13.51
N LEU A 158 -43.92 8.43 12.58
CA LEU A 158 -44.96 8.06 11.63
C LEU A 158 -45.70 6.80 12.01
N ILE A 159 -45.07 5.89 12.74
CA ILE A 159 -45.71 4.63 13.13
C ILE A 159 -46.31 4.79 14.52
N GLY A 160 -46.19 5.97 15.09
CA GLY A 160 -46.80 6.24 16.39
C GLY A 160 -46.10 5.62 17.57
N ASP A 161 -44.78 5.48 17.50
CA ASP A 161 -44.03 4.96 18.64
C ASP A 161 -44.05 5.96 19.79
N ASP A 162 -43.85 5.46 21.00
CA ASP A 162 -43.83 6.27 22.22
C ASP A 162 -42.47 6.08 22.89
N ILE A 163 -41.49 6.87 22.45
CA ILE A 163 -40.14 6.73 23.01
C ILE A 163 -39.98 7.49 24.32
N GLU A 164 -40.84 8.48 24.60
CA GLU A 164 -40.79 9.16 25.89
C GLU A 164 -41.14 8.21 27.02
N ALA A 165 -42.16 7.37 26.82
CA ALA A 165 -42.54 6.41 27.86
C ALA A 165 -41.45 5.37 28.07
N VAL A 166 -40.84 4.88 27.00
CA VAL A 166 -39.75 3.91 27.14
C VAL A 166 -38.55 4.54 27.82
N SER A 167 -38.22 5.77 27.44
CA SER A 167 -37.07 6.46 28.04
C SER A 167 -37.30 6.71 29.53
N LYS A 168 -38.51 7.09 29.91
CA LYS A 168 -38.82 7.34 31.31
C LYS A 168 -38.69 6.06 32.13
N GLN A 169 -39.30 4.97 31.66
CA GLN A 169 -39.28 3.71 32.41
C GLN A 169 -37.87 3.15 32.50
N LYS A 170 -37.14 3.15 31.38
CA LYS A 170 -35.79 2.59 31.38
C LYS A 170 -34.82 3.46 32.17
N GLY A 171 -35.01 4.77 32.15
CA GLY A 171 -34.16 5.65 32.94
C GLY A 171 -34.31 5.42 34.43
N LYS A 172 -35.54 5.24 34.90
CA LYS A 172 -35.76 4.90 36.30
C LYS A 172 -35.23 3.51 36.62
N GLU A 173 -35.40 2.56 35.70
CA GLU A 173 -34.99 1.19 35.94
C GLU A 173 -33.48 1.07 36.11
N HIS A 174 -32.72 1.77 35.25
CA HIS A 174 -31.27 1.69 35.26
C HIS A 174 -30.61 2.84 36.00
N GLY A 175 -31.39 3.76 36.58
CA GLY A 175 -30.81 4.92 37.22
C GLY A 175 -30.02 5.79 36.26
N LYS A 176 -30.52 5.95 35.04
CA LYS A 176 -29.79 6.62 33.97
C LYS A 176 -30.62 7.75 33.41
N THR A 177 -29.94 8.69 32.75
CA THR A 177 -30.60 9.76 32.01
C THR A 177 -30.78 9.30 30.58
N ILE A 178 -32.04 9.13 30.17
CA ILE A 178 -32.37 8.76 28.80
C ILE A 178 -33.19 9.88 28.20
N VAL A 179 -32.67 10.47 27.12
CA VAL A 179 -33.22 11.67 26.51
C VAL A 179 -33.92 11.26 25.22
N PRO A 180 -35.26 11.27 25.18
CA PRO A 180 -35.96 11.03 23.91
C PRO A 180 -35.99 12.31 23.08
N VAL A 181 -35.49 12.22 21.86
CA VAL A 181 -35.43 13.37 20.95
C VAL A 181 -36.28 13.05 19.73
N ARG A 182 -37.36 13.80 19.56
CA ARG A 182 -38.24 13.65 18.40
C ARG A 182 -37.70 14.51 17.25
N CYS A 183 -36.59 14.04 16.70
CA CYS A 183 -35.88 14.73 15.63
C CYS A 183 -36.08 14.03 14.30
N GLU A 184 -37.30 13.53 14.05
CA GLU A 184 -37.62 12.89 12.79
C GLU A 184 -37.29 13.82 11.63
N GLY A 185 -36.62 13.27 10.62
CA GLY A 185 -36.03 14.07 9.57
C GLY A 185 -37.02 14.90 8.76
N PHE A 186 -38.29 14.51 8.77
CA PHE A 186 -39.30 15.24 8.02
C PHE A 186 -39.90 16.41 8.79
N ARG A 187 -39.54 16.57 10.07
CA ARG A 187 -40.28 17.48 10.94
C ARG A 187 -40.13 18.94 10.49
N GLY A 188 -38.94 19.34 10.09
CA GLY A 188 -38.74 20.73 9.71
C GLY A 188 -38.44 20.93 8.25
N VAL A 189 -37.66 21.95 7.95
CA VAL A 189 -37.22 22.23 6.58
C VAL A 189 -35.72 22.03 6.40
N SER A 190 -34.99 21.75 7.46
CA SER A 190 -33.53 21.66 7.42
C SER A 190 -33.06 21.10 8.76
N GLN A 191 -31.75 21.12 8.96
CA GLN A 191 -31.15 20.78 10.25
C GLN A 191 -31.48 21.79 11.34
N SER A 192 -32.02 22.96 10.97
CA SER A 192 -32.24 24.02 11.94
C SER A 192 -33.26 23.61 13.00
N LEU A 193 -34.37 22.99 12.58
CA LEU A 193 -35.34 22.51 13.56
C LEU A 193 -34.75 21.40 14.42
N GLY A 194 -33.80 20.64 13.87
CA GLY A 194 -33.10 19.65 14.67
C GLY A 194 -32.34 20.28 15.83
N HIS A 195 -31.80 21.48 15.62
CA HIS A 195 -31.16 22.21 16.72
C HIS A 195 -32.15 22.57 17.80
N HIS A 196 -33.32 23.09 17.39
CA HIS A 196 -34.33 23.49 18.37
C HIS A 196 -34.88 22.29 19.13
N ILE A 197 -35.14 21.18 18.43
CA ILE A 197 -35.62 19.98 19.08
C ILE A 197 -34.57 19.42 20.03
N ALA A 198 -33.31 19.40 19.60
CA ALA A 198 -32.24 18.92 20.47
C ALA A 198 -32.05 19.84 21.67
N ASN A 199 -32.14 21.16 21.47
CA ASN A 199 -32.01 22.09 22.57
C ASN A 199 -33.12 21.91 23.59
N ASP A 200 -34.35 21.70 23.11
CA ASP A 200 -35.47 21.45 24.02
C ASP A 200 -35.28 20.14 24.77
N ALA A 201 -34.72 19.14 24.10
CA ALA A 201 -34.41 17.87 24.77
C ALA A 201 -33.38 18.07 25.86
N VAL A 202 -32.38 18.93 25.63
CA VAL A 202 -31.41 19.25 26.66
C VAL A 202 -32.12 19.90 27.86
N ARG A 203 -32.98 20.88 27.58
CA ARG A 203 -33.65 21.60 28.64
C ARG A 203 -34.57 20.70 29.45
N ASP A 204 -35.30 19.80 28.78
CA ASP A 204 -36.33 19.01 29.45
C ASP A 204 -35.77 17.79 30.18
N TRP A 205 -34.53 17.39 29.90
CA TRP A 205 -34.04 16.12 30.39
C TRP A 205 -32.68 16.17 31.07
N VAL A 206 -31.84 17.17 30.79
CA VAL A 206 -30.48 17.20 31.28
C VAL A 206 -30.18 18.45 32.11
N LEU A 207 -30.64 19.61 31.65
CA LEU A 207 -30.15 20.88 32.19
C LEU A 207 -30.48 21.04 33.67
N SER A 208 -31.68 20.63 34.09
CA SER A 208 -32.14 20.84 35.45
C SER A 208 -31.74 19.71 36.39
N ALA A 209 -30.71 18.93 36.04
CA ALA A 209 -30.36 17.77 36.85
C ALA A 209 -29.78 18.18 38.21
N ARG A 210 -29.04 19.28 38.26
CA ARG A 210 -28.39 19.73 39.48
C ARG A 210 -28.98 21.06 39.97
N ASP A 211 -30.29 21.25 39.77
CA ASP A 211 -30.92 22.49 40.20
C ASP A 211 -30.89 22.63 41.71
N ASP A 212 -31.12 21.54 42.43
CA ASP A 212 -31.05 21.52 43.89
C ASP A 212 -29.71 20.97 44.39
N ASP A 213 -28.65 21.15 43.60
CA ASP A 213 -27.32 20.64 43.93
C ASP A 213 -26.32 21.77 43.79
N ASP A 214 -25.79 22.23 44.92
CA ASP A 214 -24.80 23.32 44.94
C ASP A 214 -23.42 22.83 45.35
N SER A 215 -23.17 21.52 45.25
CA SER A 215 -21.89 20.97 45.70
C SER A 215 -20.73 21.45 44.83
N PHE A 216 -20.97 21.72 43.56
CA PHE A 216 -19.91 22.13 42.66
C PHE A 216 -19.39 23.51 43.07
N GLU A 217 -18.07 23.62 43.21
CA GLU A 217 -17.45 24.88 43.61
C GLU A 217 -17.47 25.85 42.43
N THR A 218 -17.90 27.08 42.69
CA THR A 218 -18.04 28.09 41.65
C THR A 218 -17.11 29.26 41.93
N THR A 219 -16.58 29.85 40.87
CA THR A 219 -15.78 31.05 40.94
C THR A 219 -16.47 32.15 40.14
N ASP A 220 -15.97 33.38 40.30
CA ASP A 220 -16.54 34.52 39.58
C ASP A 220 -16.19 34.51 38.10
N TYR A 221 -15.27 33.65 37.66
CA TYR A 221 -14.80 33.63 36.29
C TYR A 221 -15.26 32.38 35.56
N ASP A 222 -16.34 31.75 36.02
CA ASP A 222 -16.87 30.55 35.40
C ASP A 222 -17.59 30.93 34.11
N VAL A 223 -17.25 30.25 33.02
CA VAL A 223 -17.92 30.42 31.74
C VAL A 223 -18.22 29.05 31.15
N ALA A 224 -19.18 29.02 30.24
CA ALA A 224 -19.48 27.84 29.46
C ALA A 224 -19.49 28.21 27.99
N ILE A 225 -18.80 27.43 27.18
CA ILE A 225 -18.81 27.61 25.73
C ILE A 225 -20.02 26.86 25.18
N ILE A 226 -20.91 27.58 24.50
CA ILE A 226 -22.15 27.03 24.00
C ILE A 226 -22.15 27.12 22.48
N GLY A 227 -22.45 26.01 21.82
CA GLY A 227 -22.50 26.00 20.37
C GLY A 227 -21.16 25.90 19.68
N ASP A 228 -20.12 25.45 20.36
CA ASP A 228 -18.86 25.11 19.73
C ASP A 228 -18.72 23.59 19.75
N TYR A 229 -18.62 22.99 18.57
CA TYR A 229 -18.66 21.55 18.43
C TYR A 229 -17.28 20.96 18.16
N ASN A 230 -16.22 21.72 18.44
CA ASN A 230 -14.85 21.21 18.45
C ASN A 230 -14.48 20.57 17.12
N ILE A 231 -14.89 21.20 16.02
CA ILE A 231 -14.60 20.69 14.69
C ILE A 231 -13.09 20.77 14.47
N GLY A 232 -12.43 19.62 14.43
CA GLY A 232 -10.98 19.60 14.37
C GLY A 232 -10.30 20.20 15.56
N GLY A 233 -10.96 20.21 16.71
CA GLY A 233 -10.42 20.87 17.88
C GLY A 233 -10.67 22.36 17.97
N ASP A 234 -11.73 22.86 17.33
CA ASP A 234 -12.02 24.29 17.38
C ASP A 234 -12.25 24.78 18.81
N ALA A 235 -13.04 24.03 19.58
CA ALA A 235 -13.33 24.45 20.94
C ALA A 235 -12.11 24.37 21.84
N TRP A 236 -11.18 23.46 21.54
CA TRP A 236 -9.96 23.39 22.32
C TRP A 236 -9.07 24.60 22.06
N SER A 237 -9.00 25.05 20.81
CA SER A 237 -8.25 26.26 20.50
C SER A 237 -8.90 27.49 21.11
N SER A 238 -10.24 27.49 21.24
CA SER A 238 -10.92 28.60 21.89
C SER A 238 -10.77 28.53 23.40
N ARG A 239 -10.78 27.31 23.96
CA ARG A 239 -10.74 27.15 25.41
C ARG A 239 -9.39 27.60 25.97
N ILE A 240 -8.30 27.33 25.25
CA ILE A 240 -6.98 27.69 25.75
C ILE A 240 -6.84 29.20 25.85
N LEU A 241 -7.48 29.95 24.94
CA LEU A 241 -7.46 31.40 25.02
C LEU A 241 -8.26 31.90 26.23
N LEU A 242 -9.45 31.32 26.44
CA LEU A 242 -10.30 31.75 27.54
C LEU A 242 -9.66 31.48 28.90
N GLU A 243 -9.03 30.32 29.05
CA GLU A 243 -8.40 29.97 30.31
C GLU A 243 -7.10 30.72 30.53
N GLU A 244 -6.38 31.07 29.46
CA GLU A 244 -5.23 31.94 29.59
C GLU A 244 -5.64 33.35 30.00
N MET A 245 -6.89 33.74 29.73
CA MET A 245 -7.44 35.02 30.15
C MET A 245 -7.84 35.02 31.62
N GLY A 246 -7.76 33.88 32.30
CA GLY A 246 -8.15 33.77 33.69
C GLY A 246 -9.54 33.23 33.92
N LEU A 247 -10.24 32.80 32.87
CA LEU A 247 -11.56 32.23 33.00
C LEU A 247 -11.48 30.72 33.17
N ARG A 248 -12.48 30.15 33.82
CA ARG A 248 -12.60 28.71 33.98
C ARG A 248 -13.75 28.23 33.11
N VAL A 249 -13.44 27.45 32.09
CA VAL A 249 -14.45 26.93 31.18
C VAL A 249 -15.04 25.67 31.83
N VAL A 250 -16.20 25.83 32.48
CA VAL A 250 -16.82 24.72 33.17
C VAL A 250 -17.38 23.71 32.16
N ALA A 251 -18.00 24.19 31.09
CA ALA A 251 -18.63 23.31 30.12
C ALA A 251 -18.38 23.80 28.71
N GLN A 252 -18.45 22.88 27.75
CA GLN A 252 -18.48 23.24 26.34
C GLN A 252 -19.47 22.35 25.61
N TRP A 253 -20.36 22.97 24.83
CA TRP A 253 -21.46 22.30 24.14
C TRP A 253 -21.22 22.38 22.64
N SER A 254 -21.13 21.24 21.98
CA SER A 254 -21.19 19.94 22.64
C SER A 254 -19.95 19.15 22.29
N GLY A 255 -19.08 19.76 21.48
CA GLY A 255 -17.82 19.14 21.11
C GLY A 255 -16.94 18.86 22.29
N ASP A 256 -16.49 17.60 22.42
CA ASP A 256 -15.74 17.13 23.58
C ASP A 256 -16.53 17.27 24.87
N GLY A 257 -17.85 17.49 24.75
CA GLY A 257 -18.67 17.72 25.92
C GLY A 257 -19.13 16.44 26.58
N THR A 258 -19.46 16.56 27.86
CA THR A 258 -20.00 15.47 28.65
C THR A 258 -21.38 15.84 29.15
N ILE A 259 -22.12 14.83 29.62
CA ILE A 259 -23.44 15.09 30.19
C ILE A 259 -23.30 15.89 31.48
N SER A 260 -22.25 15.64 32.25
CA SER A 260 -22.05 16.36 33.50
C SER A 260 -21.66 17.81 33.26
N GLU A 261 -20.93 18.09 32.18
CA GLU A 261 -20.64 19.47 31.81
C GLU A 261 -21.91 20.24 31.52
N MET A 262 -22.84 19.63 30.77
CA MET A 262 -24.12 20.28 30.50
C MET A 262 -24.90 20.52 31.78
N GLU A 263 -24.85 19.57 32.70
CA GLU A 263 -25.55 19.73 33.98
C GLU A 263 -24.89 20.80 34.85
N LEU A 264 -23.61 21.07 34.63
CA LEU A 264 -22.91 22.11 35.39
C LEU A 264 -23.07 23.49 34.77
N THR A 265 -23.57 23.58 33.54
CA THR A 265 -23.73 24.86 32.87
C THR A 265 -24.60 25.86 33.62
N PRO A 266 -25.73 25.48 34.25
CA PRO A 266 -26.52 26.47 35.00
C PRO A 266 -25.80 27.09 36.18
N LYS A 267 -24.54 26.70 36.43
CA LYS A 267 -23.76 27.24 37.52
C LYS A 267 -22.69 28.22 37.06
N VAL A 268 -22.59 28.52 35.77
CA VAL A 268 -21.56 29.42 35.29
C VAL A 268 -22.04 30.87 35.39
N LYS A 269 -21.09 31.79 35.27
CA LYS A 269 -21.40 33.21 35.30
C LYS A 269 -21.74 33.78 33.94
N LEU A 270 -21.19 33.21 32.87
CA LEU A 270 -21.41 33.72 31.53
C LEU A 270 -21.46 32.56 30.53
N ASN A 271 -22.37 32.65 29.58
CA ASN A 271 -22.51 31.66 28.51
C ASN A 271 -21.99 32.27 27.22
N LEU A 272 -20.86 31.76 26.74
CA LEU A 272 -20.24 32.24 25.51
C LEU A 272 -20.78 31.41 24.35
N VAL A 273 -21.62 32.03 23.52
CA VAL A 273 -22.29 31.35 22.42
C VAL A 273 -21.50 31.61 21.15
N HIS A 274 -20.92 30.56 20.56
CA HIS A 274 -20.23 30.71 19.28
C HIS A 274 -21.22 30.56 18.13
N CYS A 275 -21.96 29.45 18.10
CA CYS A 275 -23.01 29.27 17.11
C CYS A 275 -24.33 29.71 17.74
N TYR A 276 -24.78 30.91 17.37
CA TYR A 276 -26.07 31.38 17.83
C TYR A 276 -27.19 30.51 17.26
N ARG A 277 -27.08 30.10 16.00
CA ARG A 277 -28.19 29.44 15.32
C ARG A 277 -28.58 28.14 16.02
N SER A 278 -27.60 27.33 16.42
CA SER A 278 -27.89 26.01 16.96
C SER A 278 -28.24 26.02 18.44
N MET A 279 -27.76 27.01 19.20
CA MET A 279 -27.87 26.97 20.65
C MET A 279 -28.43 28.24 21.28
N ASN A 280 -29.01 29.16 20.50
CA ASN A 280 -29.65 30.33 21.11
C ASN A 280 -30.88 29.94 21.91
N TYR A 281 -31.48 28.79 21.62
CA TYR A 281 -32.65 28.35 22.37
C TYR A 281 -32.29 28.06 23.82
N ILE A 282 -31.24 27.27 24.04
CA ILE A 282 -30.84 26.93 25.40
C ILE A 282 -30.25 28.14 26.11
N SER A 283 -29.60 29.05 25.38
CA SER A 283 -29.02 30.24 26.00
C SER A 283 -30.11 31.17 26.53
N ARG A 284 -31.18 31.36 25.76
CA ARG A 284 -32.29 32.17 26.23
C ARG A 284 -32.98 31.54 27.42
N HIS A 285 -33.14 30.21 27.40
CA HIS A 285 -33.76 29.53 28.54
C HIS A 285 -32.92 29.68 29.80
N MET A 286 -31.60 29.55 29.68
CA MET A 286 -30.74 29.65 30.86
C MET A 286 -30.70 31.07 31.40
N GLU A 287 -30.83 32.07 30.51
CA GLU A 287 -30.91 33.44 30.97
C GLU A 287 -32.21 33.72 31.71
N GLU A 288 -33.32 33.16 31.22
CA GLU A 288 -34.62 33.41 31.84
C GLU A 288 -34.80 32.59 33.13
N LYS A 289 -34.13 31.45 33.24
CA LYS A 289 -34.33 30.54 34.37
C LYS A 289 -33.28 30.71 35.45
N TYR A 290 -32.00 30.76 35.08
CA TYR A 290 -30.91 30.88 36.04
C TYR A 290 -30.31 32.28 36.07
N GLY A 291 -30.71 33.17 35.17
CA GLY A 291 -30.15 34.51 35.15
C GLY A 291 -28.75 34.60 34.62
N ILE A 292 -28.30 33.61 33.86
CA ILE A 292 -26.95 33.62 33.30
C ILE A 292 -26.96 34.45 32.02
N PRO A 293 -26.18 35.53 31.96
CA PRO A 293 -26.07 36.27 30.69
C PRO A 293 -25.37 35.43 29.64
N TRP A 294 -25.78 35.61 28.39
CA TRP A 294 -25.15 34.95 27.27
C TRP A 294 -24.77 35.99 26.22
N MET A 295 -23.60 35.81 25.62
CA MET A 295 -23.13 36.73 24.60
C MET A 295 -22.51 35.93 23.45
N GLU A 296 -22.64 36.47 22.25
CA GLU A 296 -22.06 35.85 21.08
C GLU A 296 -20.60 36.29 20.92
N TYR A 297 -19.75 35.34 20.54
CA TYR A 297 -18.33 35.63 20.33
C TYR A 297 -17.88 34.95 19.04
N ASN A 298 -16.79 35.48 18.47
CA ASN A 298 -16.26 35.02 17.20
C ASN A 298 -14.75 34.91 17.32
N PHE A 299 -14.23 33.69 17.22
CA PHE A 299 -12.79 33.45 17.29
C PHE A 299 -12.19 33.14 15.93
N PHE A 300 -12.84 33.55 14.84
CA PHE A 300 -12.33 33.35 13.49
C PHE A 300 -11.44 34.52 13.12
N GLY A 301 -10.13 34.29 13.03
CA GLY A 301 -9.20 35.32 12.66
C GLY A 301 -8.79 36.16 13.84
N PRO A 302 -7.58 36.75 13.78
CA PRO A 302 -7.10 37.55 14.91
C PRO A 302 -7.97 38.75 15.23
N THR A 303 -8.53 39.42 14.23
CA THR A 303 -9.30 40.63 14.49
C THR A 303 -10.58 40.30 15.27
N LYS A 304 -11.31 39.27 14.84
CA LYS A 304 -12.49 38.86 15.59
C LYS A 304 -12.12 38.28 16.94
N THR A 305 -11.06 37.49 17.00
CA THR A 305 -10.64 36.88 18.27
C THR A 305 -10.28 37.93 19.30
N ILE A 306 -9.52 38.94 18.89
CA ILE A 306 -9.12 40.01 19.82
C ILE A 306 -10.35 40.79 20.28
N GLU A 307 -11.26 41.10 19.35
CA GLU A 307 -12.48 41.82 19.74
C GLU A 307 -13.33 41.02 20.70
N SER A 308 -13.48 39.71 20.45
CA SER A 308 -14.28 38.88 21.33
C SER A 308 -13.62 38.72 22.70
N LEU A 309 -12.30 38.54 22.73
CA LEU A 309 -11.62 38.37 24.01
C LEU A 309 -11.76 39.62 24.87
N ARG A 310 -11.64 40.80 24.27
CA ARG A 310 -11.84 42.04 25.01
C ARG A 310 -13.29 42.19 25.46
N LYS A 311 -14.23 41.80 24.59
CA LYS A 311 -15.64 41.88 24.93
C LYS A 311 -15.98 40.93 26.07
N ILE A 312 -15.40 39.72 26.06
CA ILE A 312 -15.63 38.78 27.15
C ILE A 312 -15.01 39.30 28.44
N ALA A 313 -13.78 39.82 28.35
CA ALA A 313 -13.09 40.31 29.54
C ALA A 313 -13.81 41.48 30.16
N ALA A 314 -14.52 42.27 29.36
CA ALA A 314 -15.28 43.40 29.90
C ALA A 314 -16.46 42.95 30.75
N GLN A 315 -16.85 41.68 30.67
CA GLN A 315 -17.92 41.13 31.51
C GLN A 315 -17.42 40.71 32.88
N PHE A 316 -16.12 40.83 33.14
CA PHE A 316 -15.55 40.44 34.43
C PHE A 316 -14.78 41.60 35.04
N ASP A 317 -14.03 41.34 36.11
CA ASP A 317 -13.32 42.40 36.80
C ASP A 317 -12.05 42.78 36.04
N GLU A 318 -11.31 43.76 36.59
CA GLU A 318 -10.14 44.29 35.90
C GLU A 318 -9.02 43.26 35.80
N SER A 319 -8.98 42.28 36.72
CA SER A 319 -7.95 41.25 36.66
C SER A 319 -8.08 40.42 35.39
N ILE A 320 -9.31 40.12 34.97
CA ILE A 320 -9.51 39.38 33.73
C ILE A 320 -9.16 40.26 32.53
N GLN A 321 -9.51 41.53 32.58
CA GLN A 321 -9.17 42.44 31.49
C GLN A 321 -7.66 42.60 31.35
N LYS A 322 -6.95 42.63 32.48
CA LYS A 322 -5.50 42.69 32.43
C LYS A 322 -4.92 41.44 31.79
N LYS A 323 -5.45 40.27 32.14
CA LYS A 323 -4.98 39.03 31.53
C LYS A 323 -5.37 38.94 30.06
N CYS A 324 -6.46 39.61 29.67
CA CYS A 324 -6.85 39.64 28.27
C CYS A 324 -5.80 40.36 27.42
N GLU A 325 -5.32 41.50 27.91
CA GLU A 325 -4.29 42.22 27.18
C GLU A 325 -2.97 41.46 27.18
N GLU A 326 -2.75 40.63 28.20
CA GLU A 326 -1.56 39.77 28.22
C GLU A 326 -1.65 38.70 27.15
N VAL A 327 -2.84 38.08 26.99
CA VAL A 327 -3.03 37.05 25.98
C VAL A 327 -2.93 37.66 24.58
N ILE A 328 -3.55 38.82 24.38
CA ILE A 328 -3.52 39.46 23.07
C ILE A 328 -2.09 39.82 22.69
N ALA A 329 -1.32 40.36 23.64
CA ALA A 329 0.06 40.71 23.38
C ALA A 329 0.91 39.47 23.11
N LYS A 330 0.66 38.38 23.85
CA LYS A 330 1.45 37.17 23.68
C LYS A 330 1.28 36.58 22.28
N TYR A 331 0.06 36.56 21.78
CA TYR A 331 -0.22 35.96 20.48
C TYR A 331 -0.08 36.94 19.33
N GLN A 332 0.13 38.22 19.62
CA GLN A 332 0.29 39.22 18.55
C GLN A 332 1.43 38.88 17.59
N PRO A 333 2.64 38.53 18.05
CA PRO A 333 3.67 38.14 17.07
C PRO A 333 3.30 36.92 16.25
N GLU A 334 2.56 35.98 16.83
CA GLU A 334 2.24 34.74 16.12
C GLU A 334 1.34 35.00 14.92
N TRP A 335 0.23 35.72 15.12
CA TRP A 335 -0.68 35.93 14.01
C TRP A 335 -0.16 37.00 13.05
N GLU A 336 0.65 37.93 13.55
CA GLU A 336 1.26 38.91 12.65
C GLU A 336 2.25 38.24 11.70
N ALA A 337 3.00 37.25 12.20
CA ALA A 337 3.87 36.48 11.32
C ALA A 337 3.06 35.68 10.31
N VAL A 338 1.91 35.15 10.73
CA VAL A 338 1.04 34.43 9.82
C VAL A 338 0.53 35.35 8.72
N VAL A 339 0.10 36.56 9.10
CA VAL A 339 -0.39 37.54 8.12
C VAL A 339 0.74 37.94 7.18
N ALA A 340 1.93 38.22 7.74
CA ALA A 340 3.05 38.62 6.91
C ALA A 340 3.44 37.53 5.92
N LYS A 341 3.33 36.26 6.32
CA LYS A 341 3.69 35.17 5.44
C LYS A 341 2.65 34.94 4.34
N TYR A 342 1.36 35.00 4.67
CA TYR A 342 0.32 34.49 3.80
C TYR A 342 -0.55 35.55 3.16
N ARG A 343 -0.70 36.74 3.77
CA ARG A 343 -1.46 37.80 3.13
C ARG A 343 -0.92 38.20 1.76
N PRO A 344 0.40 38.31 1.54
CA PRO A 344 0.86 38.60 0.17
C PRO A 344 0.42 37.57 -0.85
N ARG A 345 0.27 36.30 -0.45
CA ARG A 345 -0.16 35.26 -1.37
C ARG A 345 -1.67 35.20 -1.54
N LEU A 346 -2.44 35.95 -0.74
CA LEU A 346 -3.89 35.86 -0.76
C LEU A 346 -4.58 37.21 -0.93
N GLU A 347 -3.84 38.31 -0.99
CA GLU A 347 -4.45 39.63 -1.02
C GLU A 347 -5.18 39.85 -2.33
N GLY A 348 -6.43 40.32 -2.24
CA GLY A 348 -7.25 40.60 -3.39
C GLY A 348 -8.07 39.43 -3.90
N LYS A 349 -7.84 38.23 -3.38
CA LYS A 349 -8.60 37.07 -3.84
C LYS A 349 -10.04 37.15 -3.35
N ARG A 350 -10.95 36.62 -4.16
CA ARG A 350 -12.38 36.71 -3.91
C ARG A 350 -12.95 35.34 -3.55
N VAL A 351 -13.81 35.32 -2.54
CA VAL A 351 -14.33 34.08 -1.97
C VAL A 351 -15.85 34.09 -2.04
N MET A 352 -16.43 32.96 -2.41
CA MET A 352 -17.86 32.73 -2.29
C MET A 352 -18.09 31.61 -1.29
N LEU A 353 -18.93 31.86 -0.31
CA LEU A 353 -19.17 30.94 0.79
C LEU A 353 -20.60 30.44 0.78
N TYR A 354 -20.78 29.19 1.20
CA TYR A 354 -22.12 28.64 1.41
C TYR A 354 -22.00 27.53 2.45
N VAL A 355 -22.37 27.85 3.69
CA VAL A 355 -22.26 26.91 4.80
C VAL A 355 -23.62 26.90 5.48
N GLY A 356 -23.71 26.26 6.64
CA GLY A 356 -24.96 26.18 7.36
C GLY A 356 -25.33 27.48 8.04
N GLY A 357 -25.75 27.43 9.30
CA GLY A 357 -26.35 28.59 9.94
C GLY A 357 -25.43 29.61 10.59
N LEU A 358 -24.15 29.31 10.79
CA LEU A 358 -23.25 30.26 11.43
C LEU A 358 -22.07 30.65 10.54
N ARG A 359 -21.34 29.68 10.00
CA ARG A 359 -20.08 29.97 9.33
C ARG A 359 -20.16 30.89 8.12
N PRO A 360 -21.30 31.01 7.38
CA PRO A 360 -21.31 31.96 6.24
C PRO A 360 -20.96 33.39 6.62
N ARG A 361 -21.18 33.78 7.87
CA ARG A 361 -20.80 35.11 8.33
C ARG A 361 -19.65 35.12 9.33
N HIS A 362 -19.42 34.03 10.05
CA HIS A 362 -18.43 34.05 11.11
C HIS A 362 -17.00 34.00 10.57
N VAL A 363 -16.79 33.37 9.41
CA VAL A 363 -15.43 33.25 8.88
C VAL A 363 -15.00 34.44 8.04
N ILE A 364 -15.87 35.42 7.83
CA ILE A 364 -15.57 36.52 6.92
C ILE A 364 -14.41 37.36 7.43
N GLY A 365 -14.38 37.62 8.73
CA GLY A 365 -13.29 38.42 9.29
C GLY A 365 -11.93 37.77 9.13
N ALA A 366 -11.89 36.44 9.25
CA ALA A 366 -10.63 35.73 9.05
C ALA A 366 -10.12 35.88 7.62
N TYR A 367 -11.03 35.81 6.65
CA TYR A 367 -10.65 36.05 5.26
C TYR A 367 -10.15 37.47 5.06
N GLU A 368 -10.82 38.44 5.70
CA GLU A 368 -10.41 39.83 5.57
C GLU A 368 -9.08 40.10 6.26
N ASP A 369 -8.69 39.24 7.21
CA ASP A 369 -7.38 39.37 7.84
C ASP A 369 -6.26 38.94 6.90
N LEU A 370 -6.57 38.19 5.85
CA LEU A 370 -5.60 37.77 4.86
C LEU A 370 -5.69 38.58 3.59
N GLY A 371 -6.39 39.71 3.61
CA GLY A 371 -6.53 40.55 2.44
C GLY A 371 -7.58 40.09 1.45
N MET A 372 -8.33 39.04 1.76
CA MET A 372 -9.29 38.47 0.85
C MET A 372 -10.66 39.11 1.06
N GLU A 373 -11.52 38.98 0.04
CA GLU A 373 -12.83 39.60 0.03
C GLU A 373 -13.89 38.54 -0.26
N VAL A 374 -14.94 38.52 0.55
CA VAL A 374 -16.05 37.59 0.35
C VAL A 374 -17.05 38.26 -0.58
N VAL A 375 -17.09 37.82 -1.84
CA VAL A 375 -17.95 38.38 -2.87
C VAL A 375 -19.30 37.68 -2.93
N GLY A 376 -19.57 36.78 -1.99
CA GLY A 376 -20.86 36.12 -1.94
C GLY A 376 -20.94 35.15 -0.79
N THR A 377 -22.10 35.07 -0.13
CA THR A 377 -22.29 34.12 0.96
C THR A 377 -23.76 33.74 1.03
N GLY A 378 -24.03 32.66 1.75
CA GLY A 378 -25.39 32.21 1.92
C GLY A 378 -25.45 31.08 2.93
N TYR A 379 -26.66 30.85 3.43
CA TYR A 379 -26.92 29.86 4.46
C TYR A 379 -27.80 28.75 3.91
N GLU A 380 -27.54 27.52 4.36
CA GLU A 380 -28.49 26.45 4.10
C GLU A 380 -29.76 26.64 4.93
N PHE A 381 -29.60 26.95 6.22
CA PHE A 381 -30.75 27.01 7.12
C PHE A 381 -30.69 28.19 8.08
N GLY A 382 -29.96 29.25 7.74
CA GLY A 382 -29.96 30.43 8.58
C GLY A 382 -31.33 31.09 8.61
N HIS A 383 -31.63 31.74 9.74
CA HIS A 383 -32.90 32.40 9.90
C HIS A 383 -32.78 33.87 9.50
N ASN A 384 -33.85 34.65 9.74
CA ASN A 384 -33.80 36.07 9.45
C ASN A 384 -32.78 36.78 10.33
N ASP A 385 -32.69 36.39 11.60
CA ASP A 385 -31.70 37.00 12.49
C ASP A 385 -30.28 36.64 12.07
N ASP A 386 -30.07 35.47 11.49
CA ASP A 386 -28.76 35.15 10.92
C ASP A 386 -28.41 36.12 9.80
N TYR A 387 -29.37 36.39 8.91
CA TYR A 387 -29.10 37.30 7.80
C TYR A 387 -29.03 38.76 8.26
N ASP A 388 -29.69 39.08 9.37
CA ASP A 388 -29.50 40.40 9.97
C ASP A 388 -28.05 40.62 10.37
N ARG A 389 -27.43 39.58 10.95
CA ARG A 389 -26.04 39.70 11.37
C ARG A 389 -25.10 39.74 10.17
N THR A 390 -25.46 39.07 9.08
CA THR A 390 -24.60 39.02 7.90
C THR A 390 -24.57 40.34 7.14
N LEU A 391 -25.61 41.17 7.28
CA LEU A 391 -25.74 42.36 6.44
C LEU A 391 -24.57 43.30 6.62
N LYS A 392 -24.14 43.52 7.87
CA LYS A 392 -23.04 44.44 8.13
C LYS A 392 -21.67 43.79 7.95
N GLU A 393 -21.60 42.46 8.00
CA GLU A 393 -20.35 41.74 7.82
C GLU A 393 -19.99 41.50 6.36
N MET A 394 -20.85 41.90 5.42
CA MET A 394 -20.63 41.65 4.02
C MET A 394 -20.69 42.96 3.26
N GLY A 395 -19.93 43.05 2.18
CA GLY A 395 -19.84 44.28 1.41
C GLY A 395 -21.12 44.60 0.69
N ASP A 396 -21.23 45.87 0.29
CA ASP A 396 -22.42 46.34 -0.41
C ASP A 396 -22.49 45.73 -1.80
N SER A 397 -23.73 45.50 -2.26
CA SER A 397 -23.99 44.98 -3.60
C SER A 397 -23.32 43.62 -3.80
N THR A 398 -23.43 42.75 -2.80
CA THR A 398 -22.74 41.48 -2.78
C THR A 398 -23.75 40.34 -2.64
N LEU A 399 -23.54 39.28 -3.42
CA LEU A 399 -24.56 38.24 -3.58
C LEU A 399 -24.86 37.53 -2.26
N LEU A 400 -26.15 37.36 -1.97
CA LEU A 400 -26.61 36.53 -0.86
C LEU A 400 -27.61 35.52 -1.42
N TYR A 401 -27.47 34.26 -1.00
CA TYR A 401 -28.32 33.18 -1.51
C TYR A 401 -28.74 32.28 -0.36
N ASP A 402 -30.04 32.22 -0.09
CA ASP A 402 -30.58 31.37 0.97
C ASP A 402 -31.07 30.06 0.36
N ASP A 403 -30.66 28.94 0.95
CA ASP A 403 -31.03 27.61 0.50
C ASP A 403 -30.75 27.47 -1.00
N VAL A 404 -29.52 27.83 -1.39
CA VAL A 404 -29.18 27.85 -2.79
C VAL A 404 -29.25 26.44 -3.36
N THR A 405 -29.77 26.32 -4.58
CA THR A 405 -29.86 25.03 -5.24
C THR A 405 -28.53 24.71 -5.92
N GLY A 406 -28.39 23.44 -6.32
CA GLY A 406 -27.19 23.04 -7.04
C GLY A 406 -27.00 23.81 -8.33
N TYR A 407 -28.10 24.06 -9.05
CA TYR A 407 -28.02 24.82 -10.29
C TYR A 407 -27.64 26.27 -10.03
N GLU A 408 -28.31 26.91 -9.06
CA GLU A 408 -28.07 28.32 -8.80
C GLU A 408 -26.65 28.59 -8.35
N PHE A 409 -26.13 27.75 -7.44
CA PHE A 409 -24.78 27.97 -6.92
C PHE A 409 -23.75 27.82 -8.04
N GLU A 410 -23.94 26.86 -8.93
CA GLU A 410 -23.04 26.70 -10.08
C GLU A 410 -23.13 27.89 -11.03
N GLU A 411 -24.35 28.36 -11.31
CA GLU A 411 -24.51 29.50 -12.21
C GLU A 411 -23.92 30.76 -11.61
N PHE A 412 -24.11 30.97 -10.32
CA PHE A 412 -23.52 32.12 -9.64
C PHE A 412 -22.00 32.08 -9.74
N VAL A 413 -21.40 30.90 -9.55
CA VAL A 413 -19.96 30.77 -9.62
C VAL A 413 -19.47 31.03 -11.04
N LYS A 414 -20.21 30.56 -12.04
CA LYS A 414 -19.80 30.75 -13.43
C LYS A 414 -19.76 32.22 -13.81
N LYS A 415 -20.57 33.05 -13.15
CA LYS A 415 -20.61 34.47 -13.47
C LYS A 415 -19.69 35.28 -12.56
N VAL A 416 -19.82 35.09 -11.25
CA VAL A 416 -19.00 35.83 -10.29
C VAL A 416 -17.53 35.50 -10.47
N LYS A 417 -17.23 34.23 -10.73
CA LYS A 417 -15.88 33.72 -10.93
C LYS A 417 -15.00 34.01 -9.73
N PRO A 418 -15.28 33.40 -8.58
CA PRO A 418 -14.43 33.63 -7.41
C PRO A 418 -13.11 32.88 -7.52
N ASP A 419 -12.10 33.42 -6.83
CA ASP A 419 -10.83 32.73 -6.72
C ASP A 419 -10.89 31.54 -5.78
N LEU A 420 -11.88 31.50 -4.90
CA LEU A 420 -12.02 30.42 -3.93
C LEU A 420 -13.49 30.28 -3.55
N ILE A 421 -13.90 29.04 -3.32
CA ILE A 421 -15.24 28.73 -2.85
C ILE A 421 -15.14 27.95 -1.55
N GLY A 422 -15.87 28.39 -0.54
CA GLY A 422 -15.95 27.67 0.71
C GLY A 422 -17.34 27.13 0.98
N SER A 423 -17.49 25.81 0.92
CA SER A 423 -18.82 25.22 1.01
C SER A 423 -18.67 23.76 1.49
N GLY A 424 -19.73 22.97 1.32
CA GLY A 424 -19.76 21.61 1.82
C GLY A 424 -19.18 20.59 0.86
N ILE A 425 -19.16 19.34 1.33
CA ILE A 425 -18.61 18.24 0.55
C ILE A 425 -19.44 17.93 -0.70
N LYS A 426 -20.73 18.25 -0.70
CA LYS A 426 -21.59 17.94 -1.83
C LYS A 426 -21.32 18.84 -3.03
N GLU A 427 -20.67 19.98 -2.83
CA GLU A 427 -20.28 20.85 -3.93
C GLU A 427 -18.78 20.98 -4.09
N LYS A 428 -17.99 20.34 -3.22
CA LYS A 428 -16.54 20.42 -3.31
C LYS A 428 -16.06 19.96 -4.68
N TYR A 429 -16.52 18.80 -5.12
CA TYR A 429 -16.02 18.22 -6.35
C TYR A 429 -16.70 18.77 -7.60
N ILE A 430 -17.81 19.49 -7.45
CA ILE A 430 -18.41 20.16 -8.60
C ILE A 430 -17.52 21.30 -9.07
N PHE A 431 -17.07 22.14 -8.13
CA PHE A 431 -16.29 23.32 -8.48
C PHE A 431 -14.81 23.01 -8.69
N GLN A 432 -14.34 21.84 -8.23
CA GLN A 432 -12.99 21.42 -8.57
C GLN A 432 -12.88 21.00 -10.03
N LYS A 433 -13.97 20.46 -10.61
CA LYS A 433 -13.98 20.21 -12.05
C LYS A 433 -13.88 21.50 -12.83
N MET A 434 -14.56 22.55 -12.39
CA MET A 434 -14.55 23.83 -13.07
C MET A 434 -13.26 24.60 -12.87
N GLY A 435 -12.35 24.12 -12.02
CA GLY A 435 -11.06 24.74 -11.84
C GLY A 435 -10.96 25.79 -10.77
N ILE A 436 -11.98 25.93 -9.93
CA ILE A 436 -11.99 26.92 -8.85
C ILE A 436 -11.52 26.24 -7.57
N PRO A 437 -10.50 26.77 -6.89
CA PRO A 437 -10.09 26.19 -5.61
C PRO A 437 -11.24 26.14 -4.62
N PHE A 438 -11.34 25.02 -3.91
CA PHE A 438 -12.43 24.78 -2.99
C PHE A 438 -11.87 24.43 -1.62
N ARG A 439 -12.42 25.05 -0.58
CA ARG A 439 -12.11 24.71 0.80
C ARG A 439 -13.40 24.32 1.50
N GLN A 440 -13.40 23.17 2.16
CA GLN A 440 -14.57 22.73 2.91
C GLN A 440 -14.72 23.58 4.16
N MET A 441 -15.85 24.27 4.29
CA MET A 441 -16.12 25.10 5.45
C MET A 441 -16.92 24.37 6.53
N HIS A 442 -17.19 23.09 6.34
CA HIS A 442 -17.83 22.27 7.37
C HIS A 442 -16.82 21.41 8.11
N SER A 443 -16.09 20.57 7.39
CA SER A 443 -15.08 19.70 7.97
C SER A 443 -13.69 20.32 7.96
N TRP A 444 -13.56 21.58 7.52
CA TRP A 444 -12.28 22.25 7.38
C TRP A 444 -11.34 21.49 6.43
N ASP A 445 -11.92 20.73 5.51
CA ASP A 445 -11.16 19.84 4.63
C ASP A 445 -10.22 18.94 5.43
N TYR A 446 -10.74 18.43 6.56
CA TYR A 446 -10.04 17.53 7.46
C TYR A 446 -8.77 18.15 8.04
N SER A 447 -8.59 19.44 7.88
CA SER A 447 -7.55 20.21 8.55
C SER A 447 -8.16 20.90 9.76
N GLY A 448 -7.44 21.84 10.34
CA GLY A 448 -7.94 22.60 11.44
C GLY A 448 -7.17 22.33 12.73
N PRO A 449 -7.57 22.98 13.81
CA PRO A 449 -8.72 23.89 13.96
C PRO A 449 -8.51 25.23 13.25
N TYR A 450 -9.58 26.02 13.09
CA TYR A 450 -9.46 27.37 12.58
C TYR A 450 -9.78 28.43 13.63
N HIS A 451 -10.25 28.03 14.81
CA HIS A 451 -10.59 28.99 15.85
C HIS A 451 -9.33 29.46 16.58
N GLY A 452 -9.44 30.65 17.16
CA GLY A 452 -8.35 31.18 17.97
C GLY A 452 -7.13 31.55 17.14
N PHE A 453 -6.07 31.89 17.88
CA PHE A 453 -4.83 32.29 17.22
C PHE A 453 -4.11 31.10 16.62
N ASP A 454 -4.09 29.96 17.30
CA ASP A 454 -3.48 28.77 16.75
C ASP A 454 -4.22 28.28 15.51
N GLY A 455 -5.54 28.44 15.49
CA GLY A 455 -6.30 28.02 14.33
C GLY A 455 -6.14 28.94 13.13
N PHE A 456 -5.77 30.20 13.36
CA PHE A 456 -5.59 31.13 12.25
C PHE A 456 -4.38 30.76 11.40
N ALA A 457 -3.32 30.25 12.03
CA ALA A 457 -2.15 29.81 11.27
C ALA A 457 -2.52 28.67 10.33
N ILE A 458 -3.31 27.70 10.83
CA ILE A 458 -3.77 26.60 9.99
C ILE A 458 -4.69 27.11 8.89
N PHE A 459 -5.56 28.06 9.22
CA PHE A 459 -6.51 28.60 8.25
C PHE A 459 -5.78 29.30 7.11
N ALA A 460 -4.80 30.14 7.44
CA ALA A 460 -4.05 30.84 6.40
C ALA A 460 -3.21 29.87 5.58
N ARG A 461 -2.61 28.88 6.23
CA ARG A 461 -1.87 27.85 5.50
C ARG A 461 -2.78 27.09 4.54
N ASP A 462 -4.00 26.76 4.99
CA ASP A 462 -4.92 25.99 4.16
C ASP A 462 -5.44 26.80 2.99
N MET A 463 -5.80 28.07 3.22
CA MET A 463 -6.25 28.92 2.13
C MET A 463 -5.15 29.09 1.09
N ASP A 464 -3.93 29.34 1.54
CA ASP A 464 -2.80 29.46 0.62
C ASP A 464 -2.54 28.16 -0.12
N MET A 465 -2.59 27.03 0.59
CA MET A 465 -2.27 25.75 -0.03
C MET A 465 -3.23 25.43 -1.17
N THR A 466 -4.52 25.67 -0.96
CA THR A 466 -5.50 25.33 -1.98
C THR A 466 -5.57 26.39 -3.08
N LEU A 467 -5.64 27.68 -2.69
CA LEU A 467 -5.82 28.73 -3.68
C LEU A 467 -4.64 28.81 -4.64
N ASN A 468 -3.42 28.63 -4.12
CA ASN A 468 -2.21 28.75 -4.92
C ASN A 468 -1.62 27.40 -5.29
N ASN A 469 -2.41 26.33 -5.27
CA ASN A 469 -1.91 25.02 -5.62
C ASN A 469 -1.57 24.96 -7.11
N PRO A 470 -0.51 24.24 -7.48
CA PRO A 470 -0.15 24.13 -8.91
C PRO A 470 -1.21 23.41 -9.74
N CYS A 471 -2.07 22.60 -9.13
CA CYS A 471 -3.01 21.78 -9.90
C CYS A 471 -3.99 22.65 -10.67
N TRP A 472 -4.29 23.85 -10.18
CA TRP A 472 -5.31 24.69 -10.79
C TRP A 472 -4.86 25.33 -12.10
N LYS A 473 -3.56 25.41 -12.34
CA LYS A 473 -3.04 25.95 -13.58
C LYS A 473 -2.90 24.89 -14.67
N LYS A 474 -3.33 23.66 -14.40
CA LYS A 474 -3.09 22.53 -15.30
C LYS A 474 -4.37 21.86 -15.77
N LEU A 475 -5.52 22.51 -15.62
CA LEU A 475 -6.77 21.86 -16.00
C LEU A 475 -6.97 21.82 -17.51
N GLN A 476 -6.44 22.80 -18.23
CA GLN A 476 -6.53 22.79 -19.69
C GLN A 476 -5.41 21.95 -20.27
N ALA A 477 -5.76 21.02 -21.14
CA ALA A 477 -4.74 20.26 -21.85
C ALA A 477 -3.94 21.18 -22.77
N PRO A 478 -2.61 21.04 -22.80
CA PRO A 478 -1.79 21.97 -23.60
C PRO A 478 -2.11 21.94 -25.09
N TRP A 479 -2.61 20.82 -25.60
CA TRP A 479 -2.96 20.71 -27.01
C TRP A 479 -4.38 21.18 -27.30
N LYS A 480 -5.11 21.62 -26.29
CA LYS A 480 -6.48 22.11 -26.47
C LYS A 480 -6.57 23.59 -26.15
N SER B 2 0.38 27.60 20.86
CA SER B 2 1.31 28.41 20.09
C SER B 2 1.61 27.75 18.75
N GLN B 3 1.78 28.57 17.72
CA GLN B 3 2.04 28.10 16.36
C GLN B 3 3.30 28.77 15.83
N GLN B 4 4.25 27.97 15.38
CA GLN B 4 5.41 28.49 14.66
C GLN B 4 5.07 28.61 13.18
N VAL B 5 5.40 29.76 12.61
CA VAL B 5 5.00 30.06 11.24
C VAL B 5 5.63 29.11 10.22
N ASP B 6 6.77 28.49 10.55
CA ASP B 6 7.39 27.51 9.68
C ASP B 6 7.12 26.08 10.12
N ASN B 7 6.41 25.87 11.22
CA ASN B 7 6.06 24.55 11.73
C ASN B 7 4.60 24.55 12.15
N ILE B 8 3.73 25.04 11.28
CA ILE B 8 2.29 25.11 11.58
C ILE B 8 1.76 23.70 11.77
N LYS B 9 1.16 23.45 12.91
CA LYS B 9 0.71 22.10 13.26
C LYS B 9 -0.79 21.99 13.10
N PRO B 10 -1.27 20.97 12.38
CA PRO B 10 -2.72 20.67 12.40
C PRO B 10 -3.14 20.13 13.76
N SER B 11 -4.39 19.67 13.87
CA SER B 11 -4.94 19.29 15.16
C SER B 11 -4.09 18.24 15.87
N TYR B 12 -3.66 17.20 15.15
CA TYR B 12 -3.00 16.07 15.82
C TYR B 12 -1.71 16.49 16.52
N PRO B 13 -0.74 17.15 15.87
CA PRO B 13 0.46 17.56 16.61
C PRO B 13 0.24 18.80 17.46
N LEU B 14 -0.77 19.61 17.18
CA LEU B 14 -0.98 20.84 17.95
C LEU B 14 -1.45 20.52 19.37
N PHE B 15 -2.45 19.65 19.50
CA PHE B 15 -3.04 19.38 20.80
C PHE B 15 -2.22 18.38 21.63
N ARG B 16 -1.14 17.84 21.07
CA ARG B 16 -0.17 17.08 21.83
C ARG B 16 0.88 17.97 22.49
N ASP B 17 0.82 19.28 22.23
CA ASP B 17 1.68 20.21 22.95
C ASP B 17 1.30 20.26 24.42
N GLN B 18 2.28 20.60 25.26
CA GLN B 18 2.07 20.48 26.71
C GLN B 18 0.97 21.42 27.20
N ASP B 19 0.87 22.62 26.62
CA ASP B 19 -0.17 23.55 27.07
C ASP B 19 -1.56 23.02 26.79
N TYR B 20 -1.75 22.33 25.65
CA TYR B 20 -3.04 21.73 25.37
C TYR B 20 -3.26 20.46 26.20
N LYS B 21 -2.19 19.72 26.48
CA LYS B 21 -2.30 18.55 27.34
C LYS B 21 -2.73 18.94 28.75
N ASP B 22 -2.15 20.02 29.28
CA ASP B 22 -2.51 20.49 30.61
C ASP B 22 -3.95 20.98 30.64
N MET B 23 -4.38 21.66 29.57
CA MET B 23 -5.77 22.10 29.48
C MET B 23 -6.73 20.92 29.49
N LEU B 24 -6.46 19.91 28.66
CA LEU B 24 -7.35 18.77 28.57
C LEU B 24 -7.38 17.99 29.87
N ALA B 25 -6.22 17.85 30.53
CA ALA B 25 -6.19 17.16 31.82
C ALA B 25 -7.00 17.90 32.87
N LYS B 26 -6.88 19.23 32.91
CA LYS B 26 -7.69 20.02 33.85
C LYS B 26 -9.16 19.89 33.56
N LYS B 27 -9.54 19.94 32.28
CA LYS B 27 -10.94 19.82 31.90
C LYS B 27 -11.51 18.47 32.30
N ARG B 28 -10.75 17.40 32.08
CA ARG B 28 -11.22 16.06 32.44
C ARG B 28 -11.37 15.92 33.94
N ASP B 29 -10.40 16.41 34.71
CA ASP B 29 -10.38 16.18 36.15
C ASP B 29 -11.36 17.06 36.92
N ASN B 30 -11.77 18.18 36.36
CA ASN B 30 -12.59 19.15 37.08
C ASN B 30 -14.05 19.17 36.67
N PHE B 31 -14.37 18.87 35.42
CA PHE B 31 -15.73 19.07 34.95
C PHE B 31 -16.31 17.83 34.29
N GLU B 32 -15.47 17.02 33.65
CA GLU B 32 -15.99 15.89 32.88
C GLU B 32 -16.55 14.78 33.75
N GLU B 33 -16.13 14.69 35.01
CA GLU B 33 -16.57 13.64 35.92
C GLU B 33 -16.34 12.26 35.32
N LYS B 34 -15.19 12.09 34.69
CA LYS B 34 -14.86 10.89 33.95
C LYS B 34 -14.64 9.71 34.89
N HIS B 35 -14.99 8.52 34.42
CA HIS B 35 -14.68 7.31 35.16
C HIS B 35 -13.18 7.20 35.36
N PRO B 36 -12.72 6.69 36.50
CA PRO B 36 -11.28 6.55 36.72
C PRO B 36 -10.65 5.66 35.66
N GLN B 37 -9.41 6.00 35.29
CA GLN B 37 -8.75 5.31 34.20
C GLN B 37 -8.57 3.82 34.50
N GLU B 38 -8.41 3.45 35.77
CA GLU B 38 -8.34 2.04 36.13
C GLU B 38 -9.64 1.33 35.79
N LYS B 39 -10.78 1.95 36.07
CA LYS B 39 -12.06 1.36 35.71
C LYS B 39 -12.23 1.29 34.20
N ILE B 40 -11.79 2.32 33.49
CA ILE B 40 -11.87 2.33 32.03
C ILE B 40 -11.04 1.21 31.45
N ASP B 41 -9.82 1.04 31.96
CA ASP B 41 -8.95 -0.04 31.49
C ASP B 41 -9.55 -1.40 31.78
N GLU B 42 -10.13 -1.58 32.97
CA GLU B 42 -10.73 -2.86 33.32
C GLU B 42 -11.91 -3.20 32.41
N VAL B 43 -12.74 -2.20 32.10
CA VAL B 43 -13.89 -2.45 31.24
C VAL B 43 -13.43 -2.78 29.82
N PHE B 44 -12.42 -2.06 29.32
CA PHE B 44 -11.91 -2.37 27.98
C PHE B 44 -11.36 -3.77 27.90
N GLN B 45 -10.59 -4.18 28.93
CA GLN B 45 -10.09 -5.55 28.96
C GLN B 45 -11.25 -6.54 28.97
N TRP B 46 -12.33 -6.21 29.68
CA TRP B 46 -13.49 -7.08 29.72
C TRP B 46 -14.13 -7.20 28.33
N THR B 47 -14.17 -6.11 27.56
CA THR B 47 -14.83 -6.14 26.26
C THR B 47 -14.05 -6.96 25.23
N THR B 48 -12.82 -7.37 25.53
CA THR B 48 -12.04 -8.19 24.61
C THR B 48 -12.10 -9.67 24.94
N THR B 49 -12.86 -10.08 25.94
CA THR B 49 -12.88 -11.46 26.40
C THR B 49 -14.00 -12.25 25.74
N GLU B 50 -13.94 -13.57 25.93
CA GLU B 50 -14.98 -14.46 25.41
C GLU B 50 -16.31 -14.25 26.12
N GLU B 51 -16.26 -13.92 27.42
CA GLU B 51 -17.50 -13.68 28.16
C GLU B 51 -18.24 -12.47 27.59
N TYR B 52 -17.50 -11.40 27.26
CA TYR B 52 -18.12 -10.26 26.61
C TYR B 52 -18.65 -10.64 25.23
N GLN B 53 -17.91 -11.46 24.49
CA GLN B 53 -18.36 -11.87 23.17
C GLN B 53 -19.67 -12.64 23.24
N GLU B 54 -19.83 -13.48 24.27
CA GLU B 54 -21.08 -14.20 24.46
C GLU B 54 -22.24 -13.24 24.65
N LEU B 55 -22.07 -12.23 25.51
CA LEU B 55 -23.09 -11.21 25.68
C LEU B 55 -23.26 -10.38 24.41
N ASN B 56 -22.17 -10.12 23.70
CA ASN B 56 -22.21 -9.35 22.47
C ASN B 56 -23.05 -10.06 21.41
N PHE B 57 -22.89 -11.37 21.29
CA PHE B 57 -23.61 -12.14 20.28
C PHE B 57 -25.01 -12.56 20.72
N GLN B 58 -25.35 -12.36 21.99
CA GLN B 58 -26.69 -12.65 22.47
C GLN B 58 -27.68 -11.54 22.20
N ARG B 59 -27.22 -10.35 21.81
CA ARG B 59 -28.12 -9.23 21.64
C ARG B 59 -28.96 -9.37 20.38
N GLU B 60 -30.23 -8.95 20.47
CA GLU B 60 -31.17 -9.09 19.38
C GLU B 60 -31.85 -7.79 18.98
N ALA B 61 -31.74 -6.73 19.77
CA ALA B 61 -32.37 -5.46 19.47
C ALA B 61 -31.39 -4.35 19.12
N LEU B 62 -30.18 -4.39 19.66
CA LEU B 62 -29.20 -3.33 19.48
C LEU B 62 -28.22 -3.71 18.37
N THR B 63 -28.04 -2.81 17.42
CA THR B 63 -27.01 -2.94 16.39
C THR B 63 -25.95 -1.87 16.63
N VAL B 64 -24.68 -2.29 16.63
CA VAL B 64 -23.56 -1.40 16.91
C VAL B 64 -22.60 -1.47 15.72
N ASN B 65 -22.41 -0.33 15.07
CA ASN B 65 -21.53 -0.21 13.90
C ASN B 65 -21.91 -1.22 12.82
N PRO B 66 -23.09 -1.09 12.23
CA PRO B 66 -23.48 -2.02 11.15
C PRO B 66 -22.60 -1.84 9.92
N ALA B 67 -22.36 -2.97 9.24
CA ALA B 67 -21.66 -2.94 7.96
C ALA B 67 -22.66 -3.05 6.80
N LYS B 68 -23.52 -2.05 6.69
CA LYS B 68 -24.53 -2.01 5.64
C LYS B 68 -25.19 -0.64 5.65
N ALA B 69 -25.82 -0.30 4.53
CA ALA B 69 -26.57 0.93 4.36
C ALA B 69 -28.03 0.59 4.05
N CYS B 70 -28.80 1.62 3.73
CA CYS B 70 -30.23 1.46 3.48
C CYS B 70 -30.51 1.43 1.97
N GLN B 71 -31.69 0.92 1.63
CA GLN B 71 -32.04 0.63 0.24
C GLN B 71 -31.88 1.81 -0.72
N PRO B 72 -32.39 3.01 -0.44
CA PRO B 72 -32.33 4.08 -1.44
C PRO B 72 -30.92 4.48 -1.86
N LEU B 73 -29.91 4.23 -1.02
CA LEU B 73 -28.53 4.48 -1.43
C LEU B 73 -28.15 3.61 -2.62
N GLY B 74 -28.50 2.32 -2.57
CA GLY B 74 -28.24 1.45 -3.70
C GLY B 74 -29.06 1.83 -4.92
N ALA B 75 -30.29 2.31 -4.71
CA ALA B 75 -31.11 2.76 -5.82
C ALA B 75 -30.49 3.97 -6.52
N VAL B 76 -29.88 4.87 -5.75
CA VAL B 76 -29.23 6.04 -6.34
C VAL B 76 -28.05 5.61 -7.20
N LEU B 77 -27.24 4.68 -6.71
CA LEU B 77 -26.09 4.21 -7.49
C LEU B 77 -26.54 3.54 -8.78
N CYS B 78 -27.61 2.74 -8.72
CA CYS B 78 -28.13 2.11 -9.93
C CYS B 78 -28.64 3.14 -10.92
N SER B 79 -29.35 4.16 -10.43
CA SER B 79 -29.84 5.22 -11.31
C SER B 79 -28.70 5.97 -11.97
N LEU B 80 -27.61 6.19 -11.23
CA LEU B 80 -26.45 6.88 -11.79
C LEU B 80 -25.81 6.11 -12.93
N GLY B 81 -26.13 4.82 -13.09
CA GLY B 81 -25.60 4.02 -14.16
C GLY B 81 -26.30 4.16 -15.49
N PHE B 82 -27.30 5.03 -15.61
CA PHE B 82 -28.04 5.19 -16.85
C PHE B 82 -27.82 6.59 -17.42
N GLU B 83 -27.86 6.67 -18.74
CA GLU B 83 -27.45 7.88 -19.44
C GLU B 83 -28.35 9.06 -19.11
N LYS B 84 -27.75 10.14 -18.65
CA LYS B 84 -28.45 11.39 -18.35
C LYS B 84 -29.66 11.16 -17.45
N THR B 85 -29.48 10.28 -16.46
CA THR B 85 -30.54 9.91 -15.55
C THR B 85 -30.32 10.60 -14.21
N MET B 86 -31.36 11.25 -13.71
CA MET B 86 -31.27 11.91 -12.42
C MET B 86 -31.84 10.99 -11.35
N PRO B 87 -31.05 10.54 -10.38
CA PRO B 87 -31.62 9.84 -9.23
C PRO B 87 -32.57 10.75 -8.47
N TYR B 88 -33.77 10.26 -8.21
CA TYR B 88 -34.84 11.03 -7.61
C TYR B 88 -35.39 10.20 -6.47
N VAL B 89 -35.21 10.65 -5.24
CA VAL B 89 -35.68 9.92 -4.07
C VAL B 89 -36.93 10.63 -3.56
N HIS B 90 -38.07 9.99 -3.74
CA HIS B 90 -39.33 10.47 -3.20
C HIS B 90 -39.34 10.29 -1.69
N GLY B 91 -39.31 11.39 -0.97
CA GLY B 91 -39.30 11.34 0.48
C GLY B 91 -38.60 12.54 1.05
N SER B 92 -37.99 12.33 2.22
CA SER B 92 -37.38 13.40 2.99
C SER B 92 -36.01 13.77 2.42
N GLN B 93 -35.71 15.07 2.45
CA GLN B 93 -34.49 15.57 1.83
C GLN B 93 -33.24 15.21 2.62
N GLY B 94 -33.38 14.93 3.92
CA GLY B 94 -32.22 14.57 4.71
C GLY B 94 -31.56 13.29 4.22
N CYS B 95 -32.36 12.37 3.67
CA CYS B 95 -31.81 11.14 3.12
C CYS B 95 -30.90 11.42 1.94
N VAL B 96 -31.35 12.28 1.01
CA VAL B 96 -30.58 12.56 -0.18
C VAL B 96 -29.27 13.26 0.17
N ALA B 97 -29.30 14.18 1.13
CA ALA B 97 -28.07 14.81 1.58
C ALA B 97 -27.09 13.79 2.12
N TYR B 98 -27.58 12.77 2.83
CA TYR B 98 -26.71 11.72 3.32
C TYR B 98 -26.23 10.82 2.19
N PHE B 99 -27.11 10.47 1.25
CA PHE B 99 -26.70 9.61 0.13
C PHE B 99 -25.61 10.29 -0.69
N ARG B 100 -25.81 11.56 -1.03
CA ARG B 100 -24.82 12.28 -1.81
C ARG B 100 -23.50 12.39 -1.06
N THR B 101 -23.56 12.77 0.22
CA THR B 101 -22.34 12.90 1.02
C THR B 101 -21.61 11.57 1.13
N TYR B 102 -22.36 10.48 1.33
CA TYR B 102 -21.75 9.16 1.44
C TYR B 102 -20.98 8.80 0.18
N PHE B 103 -21.59 9.03 -0.98
CA PHE B 103 -20.91 8.73 -2.23
C PHE B 103 -19.84 9.77 -2.55
N ASN B 104 -20.02 11.02 -2.11
CA ASN B 104 -19.00 12.04 -2.29
C ASN B 104 -17.70 11.63 -1.62
N ARG B 105 -17.78 11.12 -0.39
CA ARG B 105 -16.59 10.82 0.37
C ARG B 105 -15.89 9.55 -0.13
N HIS B 106 -16.63 8.65 -0.77
CA HIS B 106 -16.02 7.43 -1.27
C HIS B 106 -15.40 7.63 -2.65
N PHE B 107 -16.13 8.25 -3.57
CA PHE B 107 -15.65 8.43 -4.93
C PHE B 107 -14.84 9.71 -5.12
N LYS B 108 -14.92 10.65 -4.18
CA LYS B 108 -14.33 11.99 -4.34
C LYS B 108 -14.81 12.64 -5.63
N GLU B 109 -16.10 12.46 -5.92
CA GLU B 109 -16.71 12.88 -7.17
C GLU B 109 -18.02 13.56 -6.85
N PRO B 110 -18.49 14.44 -7.73
CA PRO B 110 -19.85 14.96 -7.59
C PRO B 110 -20.86 13.84 -7.74
N ILE B 111 -21.91 13.88 -6.93
CA ILE B 111 -22.98 12.89 -6.98
C ILE B 111 -24.30 13.64 -7.15
N SER B 112 -24.97 13.39 -8.26
CA SER B 112 -26.22 14.08 -8.57
C SER B 112 -27.38 13.24 -8.07
N CYS B 113 -28.24 13.84 -7.26
CA CYS B 113 -29.42 13.18 -6.72
C CYS B 113 -30.32 14.25 -6.13
N VAL B 114 -31.62 14.12 -6.36
CA VAL B 114 -32.58 15.12 -5.93
C VAL B 114 -33.61 14.48 -5.01
N SER B 115 -34.17 15.31 -4.14
CA SER B 115 -35.29 14.95 -3.29
C SER B 115 -36.44 15.90 -3.59
N ASP B 116 -37.66 15.45 -3.30
CA ASP B 116 -38.82 16.31 -3.39
C ASP B 116 -39.21 16.90 -2.04
N SER B 117 -38.36 16.72 -1.03
CA SER B 117 -38.45 17.46 0.24
C SER B 117 -39.80 17.29 0.91
N MET B 118 -40.19 16.04 1.13
CA MET B 118 -41.41 15.76 1.87
C MET B 118 -41.25 16.17 3.33
N THR B 119 -42.28 16.83 3.86
CA THR B 119 -42.25 17.37 5.21
C THR B 119 -43.44 16.88 6.02
N GLU B 120 -43.67 17.49 7.19
CA GLU B 120 -44.75 17.05 8.07
C GLU B 120 -46.11 17.11 7.40
N ASP B 121 -46.30 18.03 6.46
CA ASP B 121 -47.56 18.09 5.73
C ASP B 121 -47.79 16.83 4.92
N ALA B 122 -46.74 16.34 4.24
CA ALA B 122 -46.85 15.11 3.47
C ALA B 122 -46.99 13.89 4.36
N ALA B 123 -46.66 14.01 5.65
CA ALA B 123 -46.83 12.90 6.57
C ALA B 123 -48.30 12.54 6.79
N VAL B 124 -49.21 13.48 6.53
CA VAL B 124 -50.63 13.22 6.68
C VAL B 124 -51.38 13.25 5.35
N PHE B 125 -50.95 14.03 4.38
CA PHE B 125 -51.64 14.15 3.10
C PHE B 125 -50.99 13.36 1.98
N GLY B 126 -49.79 12.84 2.18
CA GLY B 126 -49.06 12.15 1.13
C GLY B 126 -48.13 13.08 0.37
N GLY B 127 -47.23 12.46 -0.39
CA GLY B 127 -46.24 13.21 -1.14
C GLY B 127 -46.58 13.41 -2.60
N GLN B 128 -47.88 13.41 -2.91
CA GLN B 128 -48.30 13.55 -4.30
C GLN B 128 -47.91 14.92 -4.86
N GLN B 129 -48.18 15.99 -4.09
CA GLN B 129 -47.80 17.32 -4.55
C GLN B 129 -46.29 17.46 -4.67
N ASN B 130 -45.55 16.86 -3.74
CA ASN B 130 -44.09 16.87 -3.83
C ASN B 130 -43.62 16.17 -5.09
N MET B 131 -44.28 15.08 -5.47
CA MET B 131 -43.90 14.35 -6.67
C MET B 131 -44.17 15.16 -7.92
N LYS B 132 -45.33 15.80 -8.00
CA LYS B 132 -45.67 16.59 -9.18
C LYS B 132 -44.73 17.78 -9.33
N ASP B 133 -44.49 18.51 -8.23
CA ASP B 133 -43.59 19.66 -8.29
C ASP B 133 -42.15 19.21 -8.50
N GLY B 134 -41.75 18.13 -7.82
CA GLY B 134 -40.36 17.69 -7.90
C GLY B 134 -39.98 17.19 -9.27
N LEU B 135 -40.85 16.41 -9.91
CA LEU B 135 -40.56 15.92 -11.25
C LEU B 135 -40.48 17.07 -12.25
N GLN B 136 -41.42 18.02 -12.14
CA GLN B 136 -41.41 19.18 -13.03
C GLN B 136 -40.16 20.02 -12.82
N ASN B 137 -39.80 20.28 -11.56
CA ASN B 137 -38.63 21.09 -11.27
C ASN B 137 -37.35 20.39 -11.70
N CYS B 138 -37.23 19.09 -11.41
CA CYS B 138 -36.03 18.36 -11.75
C CYS B 138 -35.80 18.34 -13.26
N LYS B 139 -36.87 18.08 -14.02
CA LYS B 139 -36.75 18.08 -15.48
C LYS B 139 -36.40 19.47 -16.02
N ALA B 140 -37.04 20.51 -15.47
CA ALA B 140 -36.81 21.86 -15.98
C ALA B 140 -35.40 22.34 -15.67
N ILE B 141 -34.89 22.01 -14.49
CA ILE B 141 -33.63 22.59 -14.02
C ILE B 141 -32.42 21.81 -14.54
N TYR B 142 -32.40 20.50 -14.34
CA TYR B 142 -31.24 19.69 -14.66
C TYR B 142 -31.36 18.97 -16.00
N LYS B 143 -32.52 19.06 -16.65
CA LYS B 143 -32.78 18.51 -17.98
C LYS B 143 -32.27 17.07 -18.15
N PRO B 144 -32.73 16.14 -17.32
CA PRO B 144 -32.36 14.73 -17.52
C PRO B 144 -33.17 14.12 -18.65
N ASP B 145 -32.61 13.06 -19.23
CA ASP B 145 -33.36 12.25 -20.19
C ASP B 145 -34.29 11.28 -19.48
N MET B 146 -34.08 11.03 -18.20
CA MET B 146 -34.83 10.04 -17.45
C MET B 146 -34.71 10.36 -15.97
N ILE B 147 -35.80 10.18 -15.25
CA ILE B 147 -35.83 10.38 -13.80
C ILE B 147 -36.21 9.06 -13.15
N ALA B 148 -35.28 8.51 -12.37
CA ALA B 148 -35.48 7.24 -11.68
C ALA B 148 -35.89 7.53 -10.25
N VAL B 149 -37.07 7.06 -9.87
CA VAL B 149 -37.68 7.41 -8.59
C VAL B 149 -37.52 6.24 -7.63
N SER B 150 -36.92 6.51 -6.47
CA SER B 150 -36.88 5.61 -5.33
C SER B 150 -37.60 6.26 -4.17
N THR B 151 -37.54 5.65 -3.00
CA THR B 151 -38.26 6.14 -1.83
C THR B 151 -37.38 6.16 -0.60
N THR B 152 -37.61 7.15 0.25
CA THR B 152 -37.11 7.14 1.61
C THR B 152 -38.08 6.38 2.51
N CYS B 153 -37.64 6.09 3.73
CA CYS B 153 -38.47 5.31 4.64
C CYS B 153 -39.75 6.04 5.01
N MET B 154 -39.72 7.37 5.02
CA MET B 154 -40.92 8.14 5.33
C MET B 154 -42.02 7.89 4.29
N ALA B 155 -41.66 7.94 3.01
CA ALA B 155 -42.63 7.72 1.95
C ALA B 155 -43.16 6.29 1.98
N GLU B 156 -42.30 5.32 2.32
CA GLU B 156 -42.73 3.94 2.40
C GLU B 156 -43.67 3.71 3.57
N VAL B 157 -43.38 4.32 4.72
CA VAL B 157 -44.20 4.11 5.91
C VAL B 157 -45.60 4.65 5.70
N ILE B 158 -45.72 5.84 5.10
CA ILE B 158 -47.04 6.42 4.85
C ILE B 158 -47.72 5.79 3.64
N GLY B 159 -47.07 4.86 2.96
CA GLY B 159 -47.69 4.12 1.87
C GLY B 159 -47.97 4.93 0.62
N ASP B 160 -47.05 5.81 0.22
CA ASP B 160 -47.22 6.56 -1.01
C ASP B 160 -47.14 5.65 -2.22
N ASP B 161 -48.06 5.83 -3.15
CA ASP B 161 -48.11 5.03 -4.38
C ASP B 161 -47.28 5.74 -5.44
N LEU B 162 -46.08 5.23 -5.69
CA LEU B 162 -45.22 5.84 -6.69
C LEU B 162 -45.85 5.79 -8.07
N ASN B 163 -46.45 4.65 -8.44
CA ASN B 163 -47.04 4.52 -9.76
C ASN B 163 -48.17 5.53 -9.97
N ALA B 164 -49.08 5.62 -9.00
CA ALA B 164 -50.19 6.56 -9.10
C ALA B 164 -49.70 7.99 -9.11
N PHE B 165 -48.71 8.32 -8.27
CA PHE B 165 -48.21 9.68 -8.20
C PHE B 165 -47.56 10.11 -9.50
N ILE B 166 -46.75 9.23 -10.09
CA ILE B 166 -46.08 9.56 -11.35
C ILE B 166 -47.08 9.63 -12.49
N ASN B 167 -48.09 8.73 -12.48
CA ASN B 167 -49.13 8.78 -13.50
C ASN B 167 -49.91 10.08 -13.42
N ASN B 168 -50.22 10.54 -12.19
CA ASN B 168 -50.94 11.79 -12.02
C ASN B 168 -50.09 12.99 -12.42
N SER B 169 -48.77 12.89 -12.25
CA SER B 169 -47.88 13.96 -12.69
C SER B 169 -47.92 14.10 -14.21
N LYS B 170 -47.99 12.98 -14.93
CA LYS B 170 -48.02 13.04 -16.38
C LYS B 170 -49.40 13.45 -16.90
N LYS B 171 -50.47 13.04 -16.21
CA LYS B 171 -51.81 13.38 -16.66
C LYS B 171 -52.10 14.86 -16.49
N GLU B 172 -51.59 15.47 -15.43
CA GLU B 172 -51.81 16.88 -15.14
C GLU B 172 -50.78 17.79 -15.78
N GLY B 173 -49.86 17.24 -16.57
CA GLY B 173 -48.97 18.05 -17.38
C GLY B 173 -47.72 18.53 -16.70
N HIS B 174 -47.42 18.06 -15.49
CA HIS B 174 -46.18 18.47 -14.84
C HIS B 174 -44.97 17.90 -15.56
N ILE B 175 -45.11 16.74 -16.19
CA ILE B 175 -44.06 16.18 -17.04
C ILE B 175 -44.72 15.54 -18.25
N PRO B 176 -43.98 15.48 -19.37
CA PRO B 176 -44.54 14.86 -20.58
C PRO B 176 -44.86 13.40 -20.36
N ASP B 177 -45.92 12.93 -21.05
CA ASP B 177 -46.34 11.54 -20.93
C ASP B 177 -45.26 10.58 -21.40
N GLU B 178 -44.45 11.00 -22.38
CA GLU B 178 -43.40 10.14 -22.94
C GLU B 178 -42.12 10.17 -22.13
N PHE B 179 -42.00 11.06 -21.15
CA PHE B 179 -40.74 11.17 -20.41
C PHE B 179 -40.56 9.95 -19.52
N PRO B 180 -39.44 9.24 -19.62
CA PRO B 180 -39.25 8.00 -18.85
C PRO B 180 -39.08 8.29 -17.37
N VAL B 181 -40.01 7.80 -16.57
CA VAL B 181 -39.92 7.92 -15.12
C VAL B 181 -40.05 6.53 -14.50
N PRO B 182 -39.02 5.68 -14.61
CA PRO B 182 -39.06 4.41 -13.88
C PRO B 182 -39.02 4.65 -12.38
N PHE B 183 -39.66 3.75 -11.64
CA PHE B 183 -39.76 3.89 -10.20
C PHE B 183 -39.53 2.54 -9.54
N ALA B 184 -39.13 2.59 -8.28
CA ALA B 184 -38.98 1.39 -7.46
C ALA B 184 -39.21 1.76 -6.01
N HIS B 185 -40.02 0.98 -5.32
CA HIS B 185 -40.17 1.11 -3.88
C HIS B 185 -38.94 0.53 -3.21
N THR B 186 -38.23 1.35 -2.43
CA THR B 186 -36.96 0.96 -1.82
C THR B 186 -37.03 1.20 -0.31
N PRO B 187 -37.80 0.39 0.42
CA PRO B 187 -37.93 0.60 1.86
C PRO B 187 -36.64 0.31 2.59
N SER B 188 -36.20 1.26 3.41
CA SER B 188 -34.93 1.15 4.11
C SER B 188 -34.98 0.18 5.28
N PHE B 189 -36.17 -0.25 5.70
CA PHE B 189 -36.31 -1.27 6.73
C PHE B 189 -36.38 -2.67 6.15
N VAL B 190 -36.09 -2.83 4.86
CA VAL B 190 -36.01 -4.13 4.22
C VAL B 190 -34.64 -4.26 3.58
N GLY B 191 -33.96 -5.38 3.83
CA GLY B 191 -32.69 -5.64 3.19
C GLY B 191 -31.65 -4.59 3.52
N SER B 192 -30.98 -4.09 2.50
CA SER B 192 -29.90 -3.14 2.66
C SER B 192 -29.76 -2.33 1.37
N HIS B 193 -28.64 -1.63 1.23
CA HIS B 193 -28.40 -0.82 0.04
C HIS B 193 -28.36 -1.68 -1.22
N VAL B 194 -27.80 -2.88 -1.14
CA VAL B 194 -27.76 -3.75 -2.32
C VAL B 194 -29.17 -4.19 -2.72
N THR B 195 -30.08 -4.29 -1.75
CA THR B 195 -31.48 -4.56 -2.08
C THR B 195 -32.09 -3.39 -2.85
N GLY B 196 -31.74 -2.15 -2.46
CA GLY B 196 -32.23 -1.00 -3.19
C GLY B 196 -31.73 -0.95 -4.62
N TRP B 197 -30.47 -1.33 -4.84
CA TRP B 197 -29.94 -1.41 -6.20
C TRP B 197 -30.74 -2.42 -7.01
N ASP B 198 -31.00 -3.59 -6.43
CA ASP B 198 -31.76 -4.64 -7.11
C ASP B 198 -33.16 -4.16 -7.45
N ASN B 199 -33.83 -3.52 -6.50
CA ASN B 199 -35.18 -3.02 -6.73
C ASN B 199 -35.18 -1.92 -7.79
N MET B 200 -34.21 -1.01 -7.73
CA MET B 200 -34.15 0.08 -8.70
C MET B 200 -33.92 -0.45 -10.11
N PHE B 201 -32.99 -1.40 -10.26
CA PHE B 201 -32.72 -1.97 -11.58
C PHE B 201 -33.94 -2.70 -12.12
N GLU B 202 -34.61 -3.47 -11.26
CA GLU B 202 -35.81 -4.17 -11.70
C GLU B 202 -36.91 -3.20 -12.09
N GLY B 203 -37.03 -2.09 -11.39
CA GLY B 203 -38.00 -1.08 -11.76
C GLY B 203 -37.70 -0.44 -13.10
N ILE B 204 -36.42 -0.15 -13.35
CA ILE B 204 -36.04 0.44 -14.63
C ILE B 204 -36.21 -0.58 -15.76
N ALA B 205 -35.82 -1.83 -15.50
CA ALA B 205 -35.93 -2.87 -16.52
C ALA B 205 -37.40 -3.12 -16.88
N ARG B 206 -38.28 -3.18 -15.90
CA ARG B 206 -39.69 -3.44 -16.18
C ARG B 206 -40.36 -2.21 -16.77
N TYR B 207 -39.84 -1.01 -16.48
CA TYR B 207 -40.40 0.19 -17.06
C TYR B 207 -40.24 0.21 -18.58
N PHE B 208 -39.10 -0.27 -19.07
CA PHE B 208 -38.76 -0.15 -20.48
C PHE B 208 -39.12 -1.39 -21.29
N THR B 209 -39.34 -2.54 -20.65
CA THR B 209 -39.48 -3.80 -21.39
C THR B 209 -40.74 -4.60 -21.07
N LEU B 210 -41.38 -4.39 -19.91
CA LEU B 210 -42.46 -5.29 -19.52
C LEU B 210 -43.63 -5.24 -20.49
N ASN B 211 -44.00 -4.06 -20.95
CA ASN B 211 -45.14 -3.88 -21.84
C ASN B 211 -44.75 -3.91 -23.32
N TYR B 212 -43.54 -4.35 -23.63
CA TYR B 212 -43.04 -4.36 -25.00
C TYR B 212 -42.38 -5.69 -25.35
N MET B 213 -42.83 -6.78 -24.72
CA MET B 213 -42.23 -8.09 -24.94
C MET B 213 -42.72 -8.76 -26.22
N GLU B 214 -43.73 -8.21 -26.89
CA GLU B 214 -44.34 -8.89 -28.02
C GLU B 214 -43.38 -9.02 -29.20
N ASP B 215 -42.66 -7.96 -29.54
CA ASP B 215 -41.74 -7.98 -30.66
C ASP B 215 -40.33 -8.40 -30.27
N LYS B 216 -40.12 -8.77 -29.02
CA LYS B 216 -38.79 -9.18 -28.57
C LYS B 216 -38.53 -10.64 -28.91
N GLU B 217 -37.28 -10.93 -29.27
CA GLU B 217 -36.83 -12.28 -29.59
C GLU B 217 -35.49 -12.50 -28.92
N VAL B 218 -35.37 -13.60 -28.17
CA VAL B 218 -34.13 -13.85 -27.43
C VAL B 218 -33.00 -14.13 -28.41
N GLY B 219 -31.89 -13.41 -28.25
CA GLY B 219 -30.73 -13.60 -29.09
C GLY B 219 -30.76 -12.88 -30.42
N SER B 220 -31.76 -12.03 -30.67
CA SER B 220 -31.87 -11.41 -31.99
C SER B 220 -30.84 -10.31 -32.19
N ASN B 221 -30.38 -9.67 -31.12
CA ASN B 221 -29.32 -8.66 -31.24
C ASN B 221 -27.92 -9.22 -31.02
N GLY B 222 -27.81 -10.51 -30.70
CA GLY B 222 -26.51 -11.16 -30.61
C GLY B 222 -25.62 -10.70 -29.50
N LYS B 223 -26.15 -10.03 -28.48
CA LYS B 223 -25.36 -9.51 -27.38
C LYS B 223 -25.58 -10.32 -26.12
N ILE B 224 -24.81 -9.98 -25.08
CA ILE B 224 -24.99 -10.53 -23.74
C ILE B 224 -25.18 -9.36 -22.79
N ASN B 225 -26.29 -9.36 -22.06
CA ASN B 225 -26.48 -8.37 -21.01
C ASN B 225 -25.61 -8.69 -19.81
N ILE B 226 -25.07 -7.65 -19.18
CA ILE B 226 -24.32 -7.79 -17.94
C ILE B 226 -24.91 -6.82 -16.93
N VAL B 227 -25.39 -7.34 -15.82
CA VAL B 227 -25.92 -6.54 -14.71
C VAL B 227 -24.90 -6.60 -13.58
N PRO B 228 -24.24 -5.49 -13.25
CA PRO B 228 -23.17 -5.54 -12.25
C PRO B 228 -23.68 -5.56 -10.82
N GLY B 229 -24.82 -4.93 -10.57
CA GLY B 229 -25.29 -4.73 -9.21
C GLY B 229 -24.59 -3.54 -8.56
N PHE B 230 -24.80 -3.43 -7.25
CA PHE B 230 -24.15 -2.39 -6.46
C PHE B 230 -22.64 -2.56 -6.53
N GLU B 231 -21.95 -1.66 -7.23
CA GLU B 231 -20.52 -1.79 -7.45
C GLU B 231 -19.88 -0.42 -7.31
N THR B 232 -18.90 -0.31 -6.41
CA THR B 232 -18.26 0.97 -6.11
C THR B 232 -16.79 0.97 -6.50
N TYR B 233 -16.34 0.00 -7.28
CA TYR B 233 -15.01 -0.01 -7.87
C TYR B 233 -15.14 0.28 -9.35
N LEU B 234 -14.54 1.38 -9.79
CA LEU B 234 -14.58 1.74 -11.21
C LEU B 234 -13.89 0.68 -12.05
N GLY B 235 -12.81 0.08 -11.52
CA GLY B 235 -12.08 -0.93 -12.27
C GLY B 235 -12.89 -2.19 -12.52
N ASN B 236 -13.93 -2.42 -11.72
CA ASN B 236 -14.78 -3.59 -11.94
C ASN B 236 -15.65 -3.43 -13.18
N PHE B 237 -16.18 -2.22 -13.39
CA PHE B 237 -16.90 -1.95 -14.63
C PHE B 237 -15.94 -2.00 -15.82
N ARG B 238 -14.70 -1.53 -15.61
CA ARG B 238 -13.75 -1.47 -16.72
C ARG B 238 -13.20 -2.85 -17.06
N VAL B 239 -12.98 -3.70 -16.05
CA VAL B 239 -12.41 -5.02 -16.32
C VAL B 239 -13.41 -5.89 -17.06
N ILE B 240 -14.70 -5.76 -16.74
CA ILE B 240 -15.72 -6.55 -17.42
C ILE B 240 -15.81 -6.14 -18.89
N LYS B 241 -15.85 -4.84 -19.14
CA LYS B 241 -15.89 -4.35 -20.52
C LYS B 241 -14.63 -4.74 -21.28
N ARG B 242 -13.47 -4.61 -20.63
CA ARG B 242 -12.21 -4.94 -21.28
C ARG B 242 -12.15 -6.42 -21.64
N MET B 243 -12.60 -7.29 -20.74
CA MET B 243 -12.56 -8.73 -21.01
C MET B 243 -13.55 -9.09 -22.13
N MET B 244 -14.72 -8.46 -22.15
CA MET B 244 -15.68 -8.73 -23.22
C MET B 244 -15.15 -8.25 -24.57
N ASN B 245 -14.49 -7.09 -24.59
CA ASN B 245 -13.88 -6.63 -25.82
C ASN B 245 -12.74 -7.54 -26.27
N GLU B 246 -11.99 -8.08 -25.30
CA GLU B 246 -10.92 -9.01 -25.63
C GLU B 246 -11.45 -10.27 -26.28
N MET B 247 -12.60 -10.76 -25.81
CA MET B 247 -13.23 -11.93 -26.40
C MET B 247 -14.04 -11.61 -27.64
N ASN B 248 -14.10 -10.34 -28.04
CA ASN B 248 -14.92 -9.90 -29.17
C ASN B 248 -16.37 -10.32 -28.98
N VAL B 249 -16.86 -10.20 -27.76
CA VAL B 249 -18.22 -10.55 -27.39
C VAL B 249 -19.04 -9.27 -27.31
N ASP B 250 -20.06 -9.16 -28.15
CA ASP B 250 -20.97 -8.04 -28.06
C ASP B 250 -21.73 -8.11 -26.74
N TYR B 251 -21.74 -6.99 -26.00
CA TYR B 251 -22.29 -6.97 -24.66
C TYR B 251 -23.04 -5.67 -24.44
N THR B 252 -23.91 -5.68 -23.45
CA THR B 252 -24.61 -4.48 -22.99
C THR B 252 -24.50 -4.43 -21.47
N LEU B 253 -23.71 -3.50 -20.96
CA LEU B 253 -23.56 -3.30 -19.52
C LEU B 253 -24.69 -2.40 -19.06
N LEU B 254 -25.71 -2.99 -18.45
CA LEU B 254 -26.85 -2.23 -17.96
C LEU B 254 -26.54 -1.66 -16.58
N SER B 255 -26.86 -0.38 -16.38
CA SER B 255 -26.45 0.39 -15.22
C SER B 255 -24.92 0.48 -15.13
N ASP B 256 -24.37 1.22 -16.10
CA ASP B 256 -22.95 1.48 -16.23
C ASP B 256 -22.63 2.88 -15.72
N PRO B 257 -22.23 3.06 -14.44
CA PRO B 257 -21.96 4.40 -13.90
C PRO B 257 -20.50 4.85 -13.91
N GLU B 258 -19.60 4.10 -14.54
CA GLU B 258 -18.17 4.40 -14.39
C GLU B 258 -17.79 5.75 -15.00
N GLU B 259 -18.45 6.16 -16.08
CA GLU B 259 -18.12 7.44 -16.70
C GLU B 259 -18.53 8.61 -15.81
N VAL B 260 -19.74 8.56 -15.25
CA VAL B 260 -20.22 9.68 -14.45
C VAL B 260 -19.55 9.72 -13.08
N LEU B 261 -18.99 8.60 -12.63
CA LEU B 261 -18.26 8.54 -11.38
C LEU B 261 -16.77 8.82 -11.55
N ASP B 262 -16.32 9.07 -12.77
CA ASP B 262 -14.91 9.36 -13.03
C ASP B 262 -14.76 10.45 -14.09
N THR B 263 -15.53 11.53 -13.97
CA THR B 263 -15.43 12.60 -14.95
C THR B 263 -14.07 13.31 -14.81
N PRO B 264 -13.50 13.78 -15.91
CA PRO B 264 -12.24 14.50 -15.82
C PRO B 264 -12.41 15.91 -15.25
N ALA B 265 -11.33 16.44 -14.71
CA ALA B 265 -11.28 17.83 -14.25
C ALA B 265 -10.58 18.64 -15.34
N ASP B 266 -11.38 19.29 -16.19
CA ASP B 266 -10.82 20.04 -17.32
C ASP B 266 -11.47 21.40 -17.49
N GLY B 267 -11.99 21.99 -16.41
CA GLY B 267 -12.62 23.30 -16.48
C GLY B 267 -14.12 23.27 -16.65
N GLN B 268 -14.72 22.09 -16.78
CA GLN B 268 -16.16 21.96 -16.94
C GLN B 268 -16.69 20.92 -15.96
N PHE B 269 -17.91 21.15 -15.49
CA PHE B 269 -18.62 20.18 -14.67
C PHE B 269 -19.64 19.44 -15.52
N ARG B 270 -19.56 18.11 -15.51
CA ARG B 270 -20.49 17.26 -16.23
C ARG B 270 -21.39 16.57 -15.22
N MET B 271 -22.63 17.04 -15.12
CA MET B 271 -23.60 16.35 -14.26
C MET B 271 -23.86 14.93 -14.75
N TYR B 272 -23.89 14.75 -16.07
CA TYR B 272 -24.11 13.45 -16.69
C TYR B 272 -22.90 13.09 -17.53
N ALA B 273 -22.58 11.79 -17.56
CA ALA B 273 -21.49 11.27 -18.38
C ALA B 273 -21.71 9.79 -18.60
N GLY B 274 -21.74 9.37 -19.86
CA GLY B 274 -21.89 7.95 -20.16
C GLY B 274 -23.23 7.41 -19.68
N GLY B 275 -23.21 6.15 -19.25
CA GLY B 275 -24.39 5.50 -18.74
C GLY B 275 -25.11 4.68 -19.80
N THR B 276 -25.88 3.72 -19.31
CA THR B 276 -26.66 2.85 -20.19
C THR B 276 -27.77 3.65 -20.87
N THR B 277 -27.82 3.58 -22.19
CA THR B 277 -28.83 4.31 -22.93
C THR B 277 -30.19 3.63 -22.79
N GLN B 278 -31.25 4.42 -23.01
CA GLN B 278 -32.60 3.86 -22.97
C GLN B 278 -32.81 2.85 -24.08
N ASP B 279 -32.17 3.03 -25.23
CA ASP B 279 -32.24 2.04 -26.30
C ASP B 279 -31.59 0.73 -25.86
N GLU B 280 -30.49 0.82 -25.11
CA GLU B 280 -29.84 -0.40 -24.60
C GLU B 280 -30.77 -1.16 -23.66
N MET B 281 -31.45 -0.43 -22.76
CA MET B 281 -32.40 -1.08 -21.86
C MET B 281 -33.58 -1.65 -22.63
N LYS B 282 -34.09 -0.92 -23.63
CA LYS B 282 -35.22 -1.39 -24.40
C LYS B 282 -34.87 -2.65 -25.19
N ASP B 283 -33.67 -2.70 -25.75
CA ASP B 283 -33.23 -3.83 -26.55
C ASP B 283 -32.67 -4.98 -25.72
N ALA B 284 -32.57 -4.81 -24.41
CA ALA B 284 -32.03 -5.86 -23.54
C ALA B 284 -32.74 -7.20 -23.66
N PRO B 285 -34.07 -7.28 -23.73
CA PRO B 285 -34.70 -8.61 -23.92
C PRO B 285 -34.27 -9.32 -25.19
N ASN B 286 -33.74 -8.60 -26.17
CA ASN B 286 -33.28 -9.20 -27.41
C ASN B 286 -31.91 -9.84 -27.30
N ALA B 287 -31.25 -9.71 -26.14
CA ALA B 287 -29.94 -10.31 -25.97
C ALA B 287 -30.03 -11.83 -25.90
N LEU B 288 -28.88 -12.46 -26.15
CA LEU B 288 -28.78 -13.91 -26.01
C LEU B 288 -29.08 -14.35 -24.59
N ASN B 289 -28.57 -13.61 -23.61
CA ASN B 289 -28.68 -13.97 -22.21
C ASN B 289 -28.35 -12.75 -21.38
N THR B 290 -28.54 -12.88 -20.07
CA THR B 290 -28.17 -11.85 -19.11
C THR B 290 -27.33 -12.48 -18.02
N LEU B 291 -26.23 -11.85 -17.67
CA LEU B 291 -25.32 -12.33 -16.64
C LEU B 291 -25.42 -11.43 -15.42
N MET B 292 -25.70 -12.03 -14.27
CA MET B 292 -25.70 -11.31 -13.00
C MET B 292 -24.30 -11.39 -12.41
N LEU B 293 -23.59 -10.26 -12.42
CA LEU B 293 -22.24 -10.23 -11.85
C LEU B 293 -22.26 -10.54 -10.36
N GLN B 294 -23.30 -10.10 -9.66
CA GLN B 294 -23.45 -10.31 -8.23
C GLN B 294 -24.81 -10.94 -7.98
N PRO B 295 -24.94 -12.25 -8.23
CA PRO B 295 -26.27 -12.87 -8.23
C PRO B 295 -26.98 -12.85 -6.88
N TRP B 296 -26.24 -12.76 -5.76
CA TRP B 296 -26.90 -12.84 -4.46
C TRP B 296 -27.67 -11.58 -4.13
N GLN B 297 -27.27 -10.43 -4.68
CA GLN B 297 -27.99 -9.19 -4.48
C GLN B 297 -28.89 -8.82 -5.66
N LEU B 298 -29.05 -9.73 -6.62
CA LEU B 298 -29.82 -9.44 -7.82
C LEU B 298 -30.97 -10.42 -8.01
N THR B 299 -31.52 -10.95 -6.92
CA THR B 299 -32.53 -11.99 -7.03
C THR B 299 -33.82 -11.48 -7.67
N LYS B 300 -34.27 -10.28 -7.29
CA LYS B 300 -35.48 -9.73 -7.89
C LYS B 300 -35.27 -9.43 -9.37
N THR B 301 -34.10 -8.91 -9.74
CA THR B 301 -33.78 -8.72 -11.15
C THR B 301 -33.69 -10.05 -11.89
N THR B 302 -33.08 -11.05 -11.25
CA THR B 302 -32.97 -12.38 -11.87
C THR B 302 -34.35 -12.99 -12.09
N LYS B 303 -35.24 -12.84 -11.11
CA LYS B 303 -36.60 -13.35 -11.27
C LYS B 303 -37.31 -12.66 -12.43
N PHE B 304 -37.13 -11.34 -12.56
CA PHE B 304 -37.78 -10.61 -13.64
C PHE B 304 -37.21 -11.00 -14.99
N VAL B 305 -35.88 -11.10 -15.09
CA VAL B 305 -35.24 -11.39 -16.38
C VAL B 305 -35.60 -12.81 -16.83
N LYS B 306 -35.61 -13.76 -15.90
CA LYS B 306 -35.97 -15.14 -16.26
C LYS B 306 -37.42 -15.24 -16.69
N ASN B 307 -38.33 -14.54 -16.00
CA ASN B 307 -39.76 -14.70 -16.23
C ASN B 307 -40.30 -13.83 -17.34
N THR B 308 -39.73 -12.65 -17.57
CA THR B 308 -40.22 -11.72 -18.57
C THR B 308 -39.41 -11.76 -19.86
N TRP B 309 -38.09 -11.60 -19.77
CA TRP B 309 -37.24 -11.68 -20.96
C TRP B 309 -37.03 -13.13 -21.42
N LYS B 310 -37.37 -14.10 -20.59
CA LYS B 310 -37.16 -15.53 -20.88
C LYS B 310 -35.69 -15.83 -21.14
N HIS B 311 -34.79 -15.09 -20.49
CA HIS B 311 -33.37 -15.36 -20.57
C HIS B 311 -33.00 -16.42 -19.55
N GLU B 312 -32.26 -17.44 -20.00
CA GLU B 312 -31.81 -18.52 -19.12
C GLU B 312 -30.57 -18.05 -18.39
N VAL B 313 -30.78 -17.29 -17.33
CA VAL B 313 -29.69 -16.67 -16.58
C VAL B 313 -28.83 -17.78 -15.96
N PRO B 314 -27.55 -17.83 -16.28
CA PRO B 314 -26.70 -18.88 -15.72
C PRO B 314 -26.51 -18.73 -14.23
N LYS B 315 -26.30 -19.87 -13.56
CA LYS B 315 -25.95 -19.87 -12.13
C LYS B 315 -24.45 -19.62 -12.01
N LEU B 316 -24.07 -18.38 -12.25
CA LEU B 316 -22.68 -17.96 -12.22
C LEU B 316 -22.36 -17.30 -10.88
N ASN B 317 -21.21 -17.64 -10.33
CA ASN B 317 -20.71 -16.91 -9.17
C ASN B 317 -20.18 -15.55 -9.61
N ILE B 318 -19.90 -14.70 -8.63
CA ILE B 318 -19.23 -13.44 -8.95
C ILE B 318 -17.88 -13.76 -9.58
N PRO B 319 -17.51 -13.10 -10.70
CA PRO B 319 -16.21 -13.42 -11.33
C PRO B 319 -15.04 -12.87 -10.52
N MET B 320 -14.71 -13.55 -9.43
CA MET B 320 -13.66 -13.14 -8.52
C MET B 320 -12.70 -14.32 -8.32
N GLY B 321 -11.43 -14.01 -8.11
CA GLY B 321 -10.44 -15.05 -7.96
C GLY B 321 -10.09 -15.70 -9.28
N LEU B 322 -9.70 -16.96 -9.20
CA LEU B 322 -9.25 -17.70 -10.37
C LEU B 322 -10.32 -18.63 -10.94
N ASP B 323 -10.89 -19.51 -10.10
CA ASP B 323 -11.87 -20.46 -10.60
C ASP B 323 -13.11 -19.78 -11.15
N TRP B 324 -13.62 -18.77 -10.43
CA TRP B 324 -14.87 -18.14 -10.82
C TRP B 324 -14.71 -17.20 -12.00
N THR B 325 -13.53 -16.58 -12.15
CA THR B 325 -13.25 -15.86 -13.39
C THR B 325 -13.16 -16.82 -14.56
N ASP B 326 -12.58 -18.01 -14.33
CA ASP B 326 -12.58 -19.05 -15.37
C ASP B 326 -14.01 -19.43 -15.75
N GLU B 327 -14.87 -19.63 -14.76
CA GLU B 327 -16.25 -20.01 -15.03
C GLU B 327 -17.00 -18.92 -15.77
N PHE B 328 -16.77 -17.66 -15.38
CA PHE B 328 -17.42 -16.55 -16.06
C PHE B 328 -16.99 -16.47 -17.52
N LEU B 329 -15.69 -16.60 -17.77
CA LEU B 329 -15.19 -16.53 -19.14
C LEU B 329 -15.69 -17.68 -19.99
N MET B 330 -15.74 -18.88 -19.43
CA MET B 330 -16.24 -20.03 -20.18
C MET B 330 -17.73 -19.94 -20.41
N LYS B 331 -18.48 -19.38 -19.46
CA LYS B 331 -19.90 -19.17 -19.68
C LYS B 331 -20.15 -18.12 -20.76
N VAL B 332 -19.37 -17.05 -20.75
CA VAL B 332 -19.46 -16.05 -21.82
C VAL B 332 -19.10 -16.68 -23.16
N SER B 333 -18.05 -17.50 -23.18
CA SER B 333 -17.65 -18.19 -24.41
C SER B 333 -18.76 -19.10 -24.91
N GLU B 334 -19.41 -19.83 -24.00
CA GLU B 334 -20.45 -20.76 -24.41
C GLU B 334 -21.67 -20.02 -24.98
N ILE B 335 -22.07 -18.92 -24.33
CA ILE B 335 -23.26 -18.19 -24.77
C ILE B 335 -23.03 -17.52 -26.12
N SER B 336 -21.90 -16.82 -26.26
CA SER B 336 -21.63 -16.07 -27.47
C SER B 336 -21.03 -16.91 -28.59
N GLY B 337 -20.50 -18.08 -28.28
CA GLY B 337 -19.78 -18.87 -29.25
C GLY B 337 -18.39 -18.36 -29.58
N GLN B 338 -17.90 -17.36 -28.84
CA GLN B 338 -16.58 -16.77 -29.08
C GLN B 338 -15.53 -17.48 -28.24
N PRO B 339 -14.43 -17.93 -28.83
CA PRO B 339 -13.38 -18.59 -28.04
C PRO B 339 -12.71 -17.60 -27.09
N ILE B 340 -12.20 -18.14 -25.99
CA ILE B 340 -11.44 -17.33 -25.03
C ILE B 340 -10.08 -17.06 -25.65
N PRO B 341 -9.70 -15.79 -25.84
CA PRO B 341 -8.46 -15.48 -26.55
C PRO B 341 -7.22 -15.84 -25.74
N GLU B 342 -6.11 -15.97 -26.46
CA GLU B 342 -4.84 -16.28 -25.83
C GLU B 342 -4.40 -15.19 -24.86
N SER B 343 -4.81 -13.95 -25.09
CA SER B 343 -4.46 -12.87 -24.17
C SER B 343 -5.06 -13.11 -22.79
N LEU B 344 -6.29 -13.61 -22.73
CA LEU B 344 -6.91 -13.88 -21.44
C LEU B 344 -6.28 -15.10 -20.78
N ALA B 345 -5.87 -16.10 -21.57
CA ALA B 345 -5.13 -17.22 -21.01
C ALA B 345 -3.79 -16.76 -20.47
N LYS B 346 -3.13 -15.84 -21.17
CA LYS B 346 -1.87 -15.28 -20.67
C LYS B 346 -2.08 -14.49 -19.39
N GLU B 347 -3.17 -13.70 -19.33
CA GLU B 347 -3.46 -12.96 -18.11
C GLU B 347 -3.75 -13.91 -16.95
N ARG B 348 -4.51 -14.97 -17.20
CA ARG B 348 -4.74 -15.97 -16.17
C ARG B 348 -3.44 -16.62 -15.72
N GLY B 349 -2.56 -16.94 -16.68
CA GLY B 349 -1.29 -17.53 -16.33
C GLY B 349 -0.40 -16.60 -15.52
N ARG B 350 -0.47 -15.29 -15.81
CA ARG B 350 0.29 -14.33 -15.02
C ARG B 350 -0.24 -14.23 -13.60
N LEU B 351 -1.56 -14.30 -13.43
CA LEU B 351 -2.14 -14.35 -12.10
C LEU B 351 -1.70 -15.61 -11.37
N VAL B 352 -1.68 -16.75 -12.06
CA VAL B 352 -1.21 -17.99 -11.45
C VAL B 352 0.25 -17.86 -11.07
N ASP B 353 1.04 -17.20 -11.92
CA ASP B 353 2.46 -17.01 -11.62
C ASP B 353 2.66 -16.18 -10.37
N MET B 354 1.87 -15.10 -10.21
CA MET B 354 1.95 -14.30 -8.99
C MET B 354 1.46 -15.09 -7.78
N MET B 355 0.44 -15.92 -7.96
CA MET B 355 0.01 -16.80 -6.87
C MET B 355 1.14 -17.73 -6.45
N THR B 356 1.87 -18.26 -7.42
CA THR B 356 3.02 -19.11 -7.11
C THR B 356 4.14 -18.33 -6.44
N ASP B 357 4.38 -17.10 -6.88
CA ASP B 357 5.47 -16.31 -6.32
C ASP B 357 5.19 -15.91 -4.87
N SER B 358 3.93 -15.63 -4.54
CA SER B 358 3.57 -15.09 -3.23
C SER B 358 2.96 -16.11 -2.29
N HIS B 359 2.92 -17.40 -2.68
CA HIS B 359 2.17 -18.37 -1.88
C HIS B 359 2.81 -18.61 -0.53
N THR B 360 4.14 -18.48 -0.41
CA THR B 360 4.79 -18.74 0.87
C THR B 360 4.42 -17.70 1.92
N TRP B 361 4.20 -16.45 1.52
CA TRP B 361 3.85 -15.40 2.47
C TRP B 361 2.37 -15.34 2.79
N LEU B 362 1.52 -16.02 2.02
CA LEU B 362 0.08 -15.98 2.26
C LEU B 362 -0.48 -17.26 2.84
N HIS B 363 0.24 -18.38 2.72
CA HIS B 363 -0.28 -19.65 3.23
C HIS B 363 -0.46 -19.59 4.74
N GLY B 364 -1.64 -20.03 5.19
CA GLY B 364 -1.95 -20.05 6.60
C GLY B 364 -2.35 -18.71 7.20
N LYS B 365 -2.29 -17.63 6.43
CA LYS B 365 -2.67 -16.33 6.96
C LYS B 365 -4.16 -16.29 7.26
N LYS B 366 -4.51 -15.77 8.42
CA LYS B 366 -5.87 -15.74 8.91
C LYS B 366 -6.49 -14.37 8.63
N PHE B 367 -7.70 -14.36 8.09
CA PHE B 367 -8.37 -13.13 7.71
C PHE B 367 -9.77 -13.09 8.28
N ALA B 368 -10.15 -11.93 8.81
CA ALA B 368 -11.54 -11.61 9.11
C ALA B 368 -12.01 -10.64 8.04
N LEU B 369 -13.12 -10.94 7.39
CA LEU B 369 -13.60 -10.12 6.30
C LEU B 369 -15.09 -9.84 6.44
N TRP B 370 -15.50 -8.69 5.91
CA TRP B 370 -16.91 -8.34 5.87
C TRP B 370 -17.16 -7.50 4.61
N GLY B 371 -18.42 -7.30 4.31
CA GLY B 371 -18.83 -6.56 3.14
C GLY B 371 -20.14 -7.11 2.62
N ASP B 372 -20.43 -6.77 1.37
CA ASP B 372 -21.66 -7.21 0.73
C ASP B 372 -21.56 -8.71 0.39
N PRO B 373 -22.71 -9.39 0.28
CA PRO B 373 -22.67 -10.86 0.15
C PRO B 373 -21.82 -11.39 -1.00
N ASP B 374 -21.96 -10.83 -2.19
CA ASP B 374 -21.25 -11.36 -3.33
C ASP B 374 -19.75 -11.07 -3.25
N PHE B 375 -19.38 -9.85 -2.84
CA PHE B 375 -17.97 -9.53 -2.68
C PHE B 375 -17.33 -10.41 -1.61
N VAL B 376 -18.04 -10.63 -0.51
CA VAL B 376 -17.51 -11.45 0.57
C VAL B 376 -17.33 -12.89 0.10
N MET B 377 -18.30 -13.41 -0.64
CA MET B 377 -18.20 -14.77 -1.16
C MET B 377 -17.04 -14.90 -2.14
N GLY B 378 -16.87 -13.92 -3.01
CA GLY B 378 -15.74 -13.94 -3.92
C GLY B 378 -14.40 -13.77 -3.21
N MET B 379 -14.34 -12.87 -2.24
CA MET B 379 -13.13 -12.71 -1.45
C MET B 379 -12.78 -13.98 -0.70
N THR B 380 -13.78 -14.63 -0.09
CA THR B 380 -13.54 -15.89 0.60
C THR B 380 -13.04 -16.95 -0.36
N LYS B 381 -13.64 -17.04 -1.54
CA LYS B 381 -13.22 -18.03 -2.53
C LYS B 381 -11.77 -17.79 -2.97
N PHE B 382 -11.40 -16.54 -3.22
CA PHE B 382 -10.04 -16.24 -3.63
C PHE B 382 -9.05 -16.50 -2.50
N LEU B 383 -9.45 -16.20 -1.26
CA LEU B 383 -8.57 -16.45 -0.12
C LEU B 383 -8.29 -17.94 0.04
N LEU B 384 -9.32 -18.78 -0.15
CA LEU B 384 -9.12 -20.22 -0.11
C LEU B 384 -8.19 -20.68 -1.23
N GLU B 385 -8.31 -20.08 -2.41
CA GLU B 385 -7.43 -20.42 -3.53
C GLU B 385 -5.98 -20.01 -3.24
N LEU B 386 -5.78 -19.02 -2.37
CA LEU B 386 -4.46 -18.56 -2.01
C LEU B 386 -3.87 -19.30 -0.82
N GLY B 387 -4.57 -20.31 -0.31
CA GLY B 387 -4.12 -21.00 0.88
C GLY B 387 -4.33 -20.24 2.17
N CYS B 388 -5.05 -19.13 2.12
CA CYS B 388 -5.35 -18.37 3.33
C CYS B 388 -6.58 -18.96 4.03
N GLU B 389 -6.70 -18.67 5.32
CA GLU B 389 -7.81 -19.13 6.12
C GLU B 389 -8.68 -17.93 6.51
N PRO B 390 -9.82 -17.73 5.86
CA PRO B 390 -10.74 -16.70 6.35
C PRO B 390 -11.52 -17.22 7.56
N ILE B 391 -11.09 -16.81 8.75
CA ILE B 391 -11.62 -17.44 9.96
C ILE B 391 -12.89 -16.76 10.46
N HIS B 392 -13.08 -15.49 10.14
CA HIS B 392 -14.28 -14.74 10.51
C HIS B 392 -14.86 -14.11 9.26
N ILE B 393 -15.85 -14.76 8.67
CA ILE B 393 -16.54 -14.25 7.50
C ILE B 393 -17.84 -13.63 7.98
N LEU B 394 -17.98 -12.32 7.80
CA LEU B 394 -19.13 -11.58 8.29
C LEU B 394 -19.85 -10.91 7.13
N CYS B 395 -21.17 -10.89 7.19
CA CYS B 395 -21.98 -10.16 6.22
C CYS B 395 -23.24 -9.68 6.93
N ASN B 396 -23.30 -8.37 7.20
CA ASN B 396 -24.45 -7.81 7.90
C ASN B 396 -25.74 -7.96 7.10
N ASN B 397 -25.63 -8.07 5.79
CA ASN B 397 -26.81 -8.03 4.92
C ASN B 397 -26.94 -9.26 4.06
N ALA B 398 -26.74 -10.44 4.65
CA ALA B 398 -26.90 -11.71 3.96
C ALA B 398 -27.94 -12.57 4.67
N ASN B 399 -28.57 -13.46 3.92
CA ASN B 399 -29.62 -14.32 4.45
C ASN B 399 -29.05 -15.70 4.78
N LYS B 400 -29.93 -16.62 5.17
CA LYS B 400 -29.51 -17.97 5.52
C LYS B 400 -29.14 -18.81 4.31
N ARG B 401 -29.75 -18.52 3.14
CA ARG B 401 -29.37 -19.20 1.92
C ARG B 401 -27.92 -18.88 1.55
N TRP B 402 -27.53 -17.61 1.70
CA TRP B 402 -26.15 -17.23 1.44
C TRP B 402 -25.20 -17.92 2.40
N LYS B 403 -25.57 -17.99 3.68
CA LYS B 403 -24.74 -18.67 4.67
C LYS B 403 -24.57 -20.14 4.32
N LYS B 404 -25.63 -20.78 3.81
CA LYS B 404 -25.53 -22.17 3.40
C LYS B 404 -24.54 -22.34 2.25
N ALA B 405 -24.59 -21.45 1.26
CA ALA B 405 -23.64 -21.54 0.14
C ALA B 405 -22.22 -21.28 0.60
N MET B 406 -22.02 -20.33 1.51
CA MET B 406 -20.68 -20.06 2.03
C MET B 406 -20.13 -21.26 2.79
N ASP B 407 -20.98 -21.93 3.58
CA ASP B 407 -20.52 -23.11 4.30
C ASP B 407 -20.13 -24.22 3.35
N ALA B 408 -20.84 -24.36 2.23
CA ALA B 408 -20.47 -25.35 1.23
C ALA B 408 -19.14 -25.00 0.57
N ILE B 409 -18.91 -23.72 0.30
CA ILE B 409 -17.63 -23.30 -0.27
C ILE B 409 -16.48 -23.60 0.69
N LEU B 410 -16.67 -23.29 1.97
CA LEU B 410 -15.63 -23.56 2.95
C LEU B 410 -15.42 -25.06 3.15
N ALA B 411 -16.49 -25.84 3.08
CA ALA B 411 -16.38 -27.29 3.24
C ALA B 411 -15.60 -27.92 2.10
N GLU B 412 -15.63 -27.29 0.91
CA GLU B 412 -14.88 -27.82 -0.22
C GLU B 412 -13.38 -27.61 -0.09
N SER B 413 -12.94 -26.73 0.81
CA SER B 413 -11.54 -26.39 0.93
C SER B 413 -11.00 -26.81 2.29
N PRO B 414 -9.80 -27.38 2.33
CA PRO B 414 -9.14 -27.63 3.62
C PRO B 414 -8.87 -26.35 4.40
N TYR B 415 -8.77 -25.21 3.72
CA TYR B 415 -8.46 -23.94 4.37
C TYR B 415 -9.69 -23.26 4.93
N GLY B 416 -10.88 -23.84 4.76
CA GLY B 416 -12.09 -23.35 5.36
C GLY B 416 -12.55 -24.10 6.59
N ALA B 417 -11.72 -25.01 7.11
CA ALA B 417 -12.12 -25.82 8.26
C ALA B 417 -12.29 -24.97 9.51
N ASN B 418 -11.40 -24.01 9.71
CA ASN B 418 -11.46 -23.13 10.88
C ASN B 418 -12.25 -21.85 10.62
N SER B 419 -13.18 -21.89 9.67
CA SER B 419 -13.92 -20.71 9.23
C SER B 419 -15.31 -20.71 9.83
N GLU B 420 -15.77 -19.53 10.23
CA GLU B 420 -17.14 -19.35 10.68
C GLU B 420 -17.78 -18.21 9.89
N VAL B 421 -19.00 -18.45 9.41
CA VAL B 421 -19.76 -17.45 8.68
C VAL B 421 -20.81 -16.85 9.61
N HIS B 422 -20.81 -15.53 9.69
CA HIS B 422 -21.76 -14.78 10.50
C HIS B 422 -22.62 -13.92 9.58
N ILE B 423 -23.94 -14.00 9.76
CA ILE B 423 -24.89 -13.19 9.01
C ILE B 423 -25.74 -12.43 10.01
N GLY B 424 -26.15 -11.22 9.62
CA GLY B 424 -26.91 -10.38 10.53
C GLY B 424 -26.11 -9.85 11.69
N LYS B 425 -24.78 -9.84 11.58
CA LYS B 425 -23.90 -9.35 12.62
C LYS B 425 -23.20 -8.08 12.13
N ASP B 426 -22.94 -7.18 13.06
CA ASP B 426 -22.33 -5.90 12.76
C ASP B 426 -20.83 -5.94 13.11
N LEU B 427 -20.19 -4.78 13.02
CA LEU B 427 -18.75 -4.69 13.24
C LEU B 427 -18.37 -4.67 14.72
N TRP B 428 -19.33 -4.44 15.62
CA TRP B 428 -19.05 -4.68 17.03
C TRP B 428 -18.96 -6.17 17.32
N HIS B 429 -19.76 -6.99 16.62
CA HIS B 429 -19.55 -8.43 16.65
C HIS B 429 -18.19 -8.79 16.09
N MET B 430 -17.79 -8.15 14.99
CA MET B 430 -16.49 -8.41 14.40
C MET B 430 -15.36 -8.04 15.36
N ARG B 431 -15.52 -6.96 16.10
CA ARG B 431 -14.50 -6.55 17.05
C ARG B 431 -14.28 -7.62 18.12
N SER B 432 -15.36 -8.21 18.61
CA SER B 432 -15.24 -9.32 19.55
C SER B 432 -14.53 -10.50 18.91
N LEU B 433 -14.87 -10.81 17.65
CA LEU B 433 -14.30 -11.98 16.98
C LEU B 433 -12.79 -11.84 16.79
N VAL B 434 -12.33 -10.65 16.40
CA VAL B 434 -10.90 -10.47 16.17
C VAL B 434 -10.12 -10.38 17.47
N PHE B 435 -10.78 -10.12 18.60
CA PHE B 435 -10.11 -10.17 19.89
C PHE B 435 -9.99 -11.60 20.41
N THR B 436 -11.08 -12.37 20.35
CA THR B 436 -11.09 -13.70 20.96
C THR B 436 -10.41 -14.74 20.09
N ASN B 437 -10.55 -14.63 18.78
CA ASN B 437 -9.91 -15.54 17.82
C ASN B 437 -9.21 -14.64 16.80
N LYS B 438 -7.99 -14.25 17.12
CA LYS B 438 -7.33 -13.17 16.40
C LYS B 438 -6.92 -13.59 14.99
N PRO B 439 -7.38 -12.90 13.96
CA PRO B 439 -6.82 -13.10 12.62
C PRO B 439 -5.55 -12.27 12.46
N ASP B 440 -4.80 -12.59 11.40
CA ASP B 440 -3.64 -11.77 11.07
C ASP B 440 -4.05 -10.43 10.48
N PHE B 441 -5.14 -10.41 9.71
CA PHE B 441 -5.56 -9.19 9.03
C PHE B 441 -7.07 -9.15 8.95
N MET B 442 -7.61 -7.94 8.80
CA MET B 442 -9.00 -7.73 8.45
C MET B 442 -9.09 -7.23 7.01
N ILE B 443 -10.07 -7.72 6.28
CA ILE B 443 -10.42 -7.20 4.96
C ILE B 443 -11.82 -6.59 5.08
N GLY B 444 -11.91 -5.29 4.83
CA GLY B 444 -13.18 -4.62 5.01
C GLY B 444 -13.08 -3.16 4.65
N ASN B 445 -14.16 -2.44 4.93
CA ASN B 445 -14.24 -1.02 4.59
C ASN B 445 -13.57 -0.18 5.68
N SER B 446 -13.71 1.14 5.57
CA SER B 446 -12.97 2.04 6.45
C SER B 446 -13.42 1.95 7.90
N TYR B 447 -14.62 1.41 8.16
CA TYR B 447 -15.09 1.29 9.53
C TYR B 447 -14.24 0.31 10.33
N GLY B 448 -13.51 -0.58 9.64
CA GLY B 448 -12.61 -1.48 10.33
C GLY B 448 -11.43 -0.80 10.97
N LYS B 449 -11.17 0.46 10.62
CA LYS B 449 -10.05 1.18 11.21
C LYS B 449 -10.24 1.36 12.71
N PHE B 450 -11.50 1.45 13.16
CA PHE B 450 -11.76 1.60 14.59
C PHE B 450 -11.54 0.29 15.32
N ILE B 451 -11.74 -0.84 14.63
CA ILE B 451 -11.42 -2.14 15.21
C ILE B 451 -9.91 -2.28 15.38
N GLN B 452 -9.14 -1.81 14.39
CA GLN B 452 -7.69 -1.86 14.50
C GLN B 452 -7.20 -0.99 15.66
N ARG B 453 -7.81 0.16 15.85
CA ARG B 453 -7.46 1.02 16.98
C ARG B 453 -7.70 0.30 18.30
N ASP B 454 -8.82 -0.41 18.41
CA ASP B 454 -9.14 -1.16 19.62
C ASP B 454 -8.15 -2.28 19.86
N THR B 455 -7.82 -3.04 18.81
CA THR B 455 -6.92 -4.17 18.98
C THR B 455 -5.50 -3.71 19.30
N LEU B 456 -5.08 -2.58 18.70
CA LEU B 456 -3.80 -1.99 19.08
C LEU B 456 -3.80 -1.54 20.52
N TYR B 457 -4.91 -0.99 21.01
CA TYR B 457 -4.97 -0.51 22.38
C TYR B 457 -4.79 -1.66 23.38
N LYS B 458 -5.30 -2.85 23.06
CA LYS B 458 -5.03 -4.01 23.90
C LYS B 458 -3.54 -4.35 23.90
N GLY B 459 -2.88 -4.14 22.77
CA GLY B 459 -1.46 -4.40 22.66
C GLY B 459 -1.03 -4.45 21.22
N LYS B 460 0.25 -4.18 21.00
CA LYS B 460 0.80 -4.23 19.66
C LYS B 460 0.73 -5.64 19.09
N GLU B 461 0.98 -6.65 19.91
CA GLU B 461 0.88 -8.03 19.48
C GLU B 461 -0.57 -8.46 19.24
N PHE B 462 -1.54 -7.68 19.68
CA PHE B 462 -2.95 -7.97 19.44
C PHE B 462 -3.54 -7.16 18.29
N GLU B 463 -2.80 -6.18 17.77
CA GLU B 463 -3.33 -5.33 16.71
C GLU B 463 -3.59 -6.15 15.44
N VAL B 464 -4.77 -5.98 14.87
CA VAL B 464 -5.16 -6.64 13.64
C VAL B 464 -5.23 -5.55 12.55
N PRO B 465 -4.25 -5.47 11.65
CA PRO B 465 -4.27 -4.42 10.64
C PRO B 465 -5.43 -4.58 9.67
N LEU B 466 -5.95 -3.45 9.22
CA LEU B 466 -7.06 -3.42 8.28
C LEU B 466 -6.53 -3.28 6.86
N ILE B 467 -7.01 -4.15 5.98
CA ILE B 467 -6.78 -4.05 4.54
C ILE B 467 -8.06 -3.54 3.92
N ARG B 468 -7.99 -2.37 3.30
CA ARG B 468 -9.19 -1.66 2.85
C ARG B 468 -9.61 -2.18 1.48
N ILE B 469 -10.55 -3.12 1.49
CA ILE B 469 -11.21 -3.61 0.28
C ILE B 469 -12.70 -3.66 0.55
N GLY B 470 -13.48 -2.97 -0.28
CA GLY B 470 -14.92 -2.93 -0.11
C GLY B 470 -15.48 -1.53 -0.17
N PHE B 471 -16.64 -1.33 0.45
CA PHE B 471 -17.32 -0.05 0.43
C PHE B 471 -17.91 0.23 1.81
N PRO B 472 -17.78 1.46 2.32
CA PRO B 472 -17.07 2.60 1.73
C PRO B 472 -15.61 2.72 2.16
N ILE B 473 -14.78 3.35 1.33
CA ILE B 473 -13.42 3.69 1.69
C ILE B 473 -13.35 5.21 1.78
N PHE B 474 -13.18 5.72 3.00
CA PHE B 474 -13.23 7.15 3.27
C PHE B 474 -11.88 7.75 3.65
N ASP B 475 -11.01 6.97 4.29
CA ASP B 475 -9.75 7.48 4.81
C ASP B 475 -8.56 7.21 3.88
N ARG B 476 -8.81 6.66 2.70
CA ARG B 476 -7.81 6.54 1.66
C ARG B 476 -8.36 7.17 0.39
N HIS B 477 -7.46 7.50 -0.53
CA HIS B 477 -7.83 8.20 -1.76
C HIS B 477 -7.62 7.29 -2.97
N HIS B 478 -8.59 7.35 -3.89
CA HIS B 478 -8.51 6.73 -5.21
C HIS B 478 -8.48 5.21 -5.16
N LEU B 479 -8.77 4.61 -4.00
CA LEU B 479 -8.89 3.15 -3.97
C LEU B 479 -10.13 2.67 -4.71
N HIS B 480 -11.12 3.55 -4.91
CA HIS B 480 -12.30 3.20 -5.68
C HIS B 480 -11.97 2.95 -7.15
N ARG B 481 -10.81 3.39 -7.61
CA ARG B 481 -10.36 3.11 -8.97
C ARG B 481 -9.87 1.68 -9.15
N GLN B 482 -9.73 0.93 -8.06
CA GLN B 482 -9.15 -0.41 -8.13
C GLN B 482 -10.11 -1.40 -8.77
N THR B 483 -9.62 -2.62 -8.95
CA THR B 483 -10.39 -3.71 -9.52
C THR B 483 -10.34 -4.90 -8.55
N THR B 484 -11.49 -5.55 -8.36
CA THR B 484 -11.57 -6.79 -7.63
C THR B 484 -12.09 -7.96 -8.47
N LEU B 485 -12.54 -7.70 -9.69
CA LEU B 485 -13.10 -8.73 -10.56
C LEU B 485 -12.10 -9.16 -11.63
N GLY B 486 -12.22 -10.39 -12.07
CA GLY B 486 -11.37 -10.92 -13.12
C GLY B 486 -9.97 -11.24 -12.63
N TYR B 487 -9.12 -11.63 -13.58
CA TYR B 487 -7.72 -11.88 -13.25
C TYR B 487 -7.02 -10.60 -12.82
N GLU B 488 -7.34 -9.48 -13.46
CA GLU B 488 -6.76 -8.20 -13.05
C GLU B 488 -7.16 -7.84 -11.63
N GLY B 489 -8.43 -8.04 -11.28
CA GLY B 489 -8.86 -7.79 -9.91
C GLY B 489 -8.22 -8.75 -8.93
N ALA B 490 -8.07 -10.01 -9.32
CA ALA B 490 -7.40 -10.99 -8.47
C ALA B 490 -5.94 -10.62 -8.27
N MET B 491 -5.29 -10.13 -9.32
CA MET B 491 -3.91 -9.68 -9.20
C MET B 491 -3.78 -8.51 -8.24
N GLN B 492 -4.70 -7.54 -8.33
CA GLN B 492 -4.66 -6.40 -7.43
C GLN B 492 -4.91 -6.82 -5.99
N ILE B 493 -5.88 -7.73 -5.78
CA ILE B 493 -6.13 -8.24 -4.44
C ILE B 493 -4.93 -9.02 -3.93
N LEU B 494 -4.37 -9.89 -4.78
CA LEU B 494 -3.22 -10.69 -4.39
C LEU B 494 -2.02 -9.81 -4.02
N THR B 495 -1.75 -8.79 -4.84
CA THR B 495 -0.65 -7.88 -4.55
C THR B 495 -0.88 -7.13 -3.24
N THR B 496 -2.12 -6.68 -3.02
CA THR B 496 -2.44 -5.99 -1.78
C THR B 496 -2.27 -6.90 -0.57
N LEU B 497 -2.73 -8.15 -0.67
CA LEU B 497 -2.66 -9.07 0.46
C LEU B 497 -1.22 -9.42 0.82
N VAL B 498 -0.42 -9.80 -0.18
CA VAL B 498 0.95 -10.23 0.11
C VAL B 498 1.79 -9.07 0.61
N ASN B 499 1.60 -7.88 0.05
CA ASN B 499 2.39 -6.74 0.50
C ASN B 499 1.89 -6.21 1.84
N SER B 500 0.64 -6.48 2.19
CA SER B 500 0.19 -6.21 3.56
C SER B 500 0.91 -7.10 4.55
N VAL B 501 1.09 -8.38 4.20
CA VAL B 501 1.87 -9.29 5.04
C VAL B 501 3.31 -8.82 5.14
N LEU B 502 3.91 -8.44 4.02
CA LEU B 502 5.31 -8.05 4.00
C LEU B 502 5.53 -6.73 4.72
N GLU B 503 4.61 -5.77 4.55
CA GLU B 503 4.73 -4.51 5.27
C GLU B 503 4.55 -4.70 6.77
N ARG B 504 3.61 -5.55 7.16
CA ARG B 504 3.42 -5.84 8.58
C ARG B 504 4.65 -6.55 9.16
N LEU B 505 5.23 -7.48 8.40
CA LEU B 505 6.44 -8.17 8.86
C LEU B 505 7.60 -7.20 9.00
N ASP B 506 7.74 -6.27 8.06
CA ASP B 506 8.81 -5.26 8.15
C ASP B 506 8.63 -4.38 9.39
N GLU B 507 7.38 -4.03 9.70
CA GLU B 507 7.11 -3.25 10.90
C GLU B 507 7.50 -4.03 12.15
N GLU B 508 7.21 -5.33 12.18
CA GLU B 508 7.55 -6.15 13.33
C GLU B 508 9.04 -6.42 13.45
N THR B 509 9.80 -6.33 12.35
CA THR B 509 11.21 -6.65 12.37
C THR B 509 12.11 -5.43 12.19
N ARG B 510 11.55 -4.23 12.34
CA ARG B 510 12.36 -3.02 12.18
C ARG B 510 13.17 -2.68 13.43
N GLY B 511 12.82 -3.24 14.59
CA GLY B 511 13.49 -2.90 15.82
C GLY B 511 14.97 -3.25 15.84
N MET B 512 15.82 -2.23 15.88
CA MET B 512 17.26 -2.45 15.83
C MET B 512 17.74 -3.26 17.04
N GLN B 513 18.53 -4.29 16.76
CA GLN B 513 19.17 -5.19 17.72
C GLN B 513 18.18 -6.04 18.52
N THR B 514 16.88 -5.91 18.29
CA THR B 514 15.89 -6.77 18.93
C THR B 514 15.19 -7.67 17.91
N THR B 515 14.59 -7.08 16.88
CA THR B 515 13.98 -7.84 15.80
C THR B 515 14.58 -7.49 14.44
N ASP B 516 15.71 -6.78 14.40
CA ASP B 516 16.31 -6.37 13.14
C ASP B 516 16.94 -7.55 12.39
N TYR B 517 17.26 -8.63 13.09
CA TYR B 517 17.39 -9.91 12.41
C TYR B 517 16.01 -10.29 11.87
N ASN B 518 15.97 -10.84 10.66
CA ASN B 518 14.76 -11.11 9.88
C ASN B 518 14.21 -9.84 9.27
N TYR B 519 14.90 -8.69 9.39
CA TYR B 519 14.57 -7.51 8.61
C TYR B 519 15.21 -7.65 7.23
N ASP B 520 14.74 -8.65 6.50
CA ASP B 520 15.41 -9.10 5.28
C ASP B 520 15.23 -8.10 4.15
N LEU B 521 16.31 -7.85 3.42
CA LEU B 521 16.20 -7.10 2.18
C LEU B 521 15.34 -7.84 1.17
N VAL B 522 15.51 -9.15 1.07
CA VAL B 522 14.83 -9.98 0.09
C VAL B 522 13.73 -10.76 0.80
N ARG B 523 12.51 -10.70 0.26
CA ARG B 523 11.37 -11.41 0.82
C ARG B 523 10.67 -12.26 -0.23
N MET C 1 4.77 -46.80 -7.62
CA MET C 1 5.53 -46.92 -8.86
C MET C 1 7.02 -46.93 -8.51
N THR C 2 7.75 -47.89 -9.07
CA THR C 2 9.16 -48.04 -8.76
C THR C 2 9.97 -46.86 -9.28
N GLY C 3 11.03 -46.52 -8.57
CA GLY C 3 11.91 -45.47 -9.02
C GLY C 3 12.63 -45.86 -10.30
N MET C 4 13.18 -44.85 -10.97
CA MET C 4 13.87 -45.08 -12.23
C MET C 4 15.02 -46.05 -12.04
N SER C 5 15.09 -47.05 -12.91
CA SER C 5 16.17 -48.01 -12.85
C SER C 5 17.49 -47.34 -13.22
N ARG C 6 18.60 -48.04 -12.96
CA ARG C 6 19.89 -47.50 -13.36
C ARG C 6 19.97 -47.33 -14.86
N ASP C 7 19.49 -48.33 -15.62
CA ASP C 7 19.54 -48.26 -17.08
C ASP C 7 18.77 -47.05 -17.59
N GLU C 8 17.60 -46.78 -17.00
CA GLU C 8 16.79 -45.64 -17.44
C GLU C 8 17.48 -44.32 -17.13
N VAL C 9 18.20 -44.25 -16.01
CA VAL C 9 18.89 -43.01 -15.65
C VAL C 9 20.03 -42.73 -16.63
N GLU C 10 20.82 -43.75 -16.96
CA GLU C 10 21.87 -43.56 -17.96
C GLU C 10 21.27 -43.22 -19.32
N SER C 11 20.15 -43.85 -19.68
CA SER C 11 19.50 -43.52 -20.94
C SER C 11 19.05 -42.07 -20.95
N LEU C 12 18.49 -41.59 -19.84
CA LEU C 12 18.12 -40.18 -19.74
C LEU C 12 19.34 -39.28 -19.84
N ILE C 13 20.44 -39.68 -19.20
CA ILE C 13 21.67 -38.88 -19.27
C ILE C 13 22.15 -38.75 -20.70
N GLN C 14 22.06 -39.84 -21.47
CA GLN C 14 22.49 -39.80 -22.86
C GLN C 14 21.62 -38.85 -23.70
N GLU C 15 20.31 -38.85 -23.46
CA GLU C 15 19.42 -38.01 -24.25
C GLU C 15 19.69 -36.53 -24.02
N VAL C 16 19.90 -36.13 -22.77
CA VAL C 16 20.18 -34.71 -22.48
C VAL C 16 21.51 -34.29 -23.09
N LEU C 17 22.45 -35.24 -23.23
CA LEU C 17 23.76 -34.92 -23.75
C LEU C 17 23.80 -34.74 -25.27
N GLU C 18 22.74 -35.13 -25.98
CA GLU C 18 22.80 -35.13 -27.44
C GLU C 18 22.98 -33.71 -28.01
N VAL C 19 22.27 -32.73 -27.45
CA VAL C 19 22.28 -31.39 -28.03
C VAL C 19 23.59 -30.66 -27.82
N TYR C 20 24.44 -31.14 -26.93
CA TYR C 20 25.72 -30.48 -26.69
C TYR C 20 26.64 -30.66 -27.91
N PRO C 21 27.48 -29.66 -28.21
CA PRO C 21 28.58 -29.89 -29.15
C PRO C 21 29.52 -30.95 -28.60
N GLU C 22 30.32 -31.54 -29.49
CA GLU C 22 31.07 -32.73 -29.12
C GLU C 22 32.04 -32.45 -27.97
N LYS C 23 32.73 -31.32 -28.00
CA LYS C 23 33.65 -30.97 -26.92
C LYS C 23 32.90 -30.79 -25.61
N ALA C 24 31.75 -30.10 -25.66
CA ALA C 24 30.97 -29.88 -24.45
C ALA C 24 30.37 -31.19 -23.92
N LYS C 25 29.93 -32.06 -24.83
CA LYS C 25 29.31 -33.31 -24.42
C LYS C 25 30.31 -34.23 -23.72
N LYS C 26 31.54 -34.28 -24.23
CA LYS C 26 32.57 -35.09 -23.58
C LYS C 26 32.84 -34.60 -22.16
N ASN C 27 32.87 -33.28 -21.96
CA ASN C 27 33.07 -32.74 -20.63
C ASN C 27 31.89 -33.05 -19.72
N ARG C 28 30.66 -32.76 -20.18
CA ARG C 28 29.48 -32.92 -19.34
C ARG C 28 29.19 -34.38 -19.01
N GLU C 29 29.64 -35.31 -19.85
CA GLU C 29 29.36 -36.73 -19.62
C GLU C 29 29.97 -37.21 -18.31
N LYS C 30 31.06 -36.60 -17.87
CA LYS C 30 31.73 -36.99 -16.64
C LYS C 30 31.03 -36.47 -15.39
N HIS C 31 30.12 -35.49 -15.52
CA HIS C 31 29.49 -34.85 -14.38
C HIS C 31 28.08 -35.35 -14.12
N LEU C 32 27.63 -36.38 -14.84
CA LEU C 32 26.31 -36.96 -14.64
C LEU C 32 26.46 -38.46 -14.46
N SER C 33 25.80 -39.01 -13.44
CA SER C 33 25.97 -40.44 -13.15
C SER C 33 24.86 -40.94 -12.25
N PRO C 34 24.41 -42.19 -12.43
CA PRO C 34 23.55 -42.81 -11.42
C PRO C 34 24.31 -43.00 -10.12
N ASN C 35 23.58 -43.03 -9.02
CA ASN C 35 24.18 -43.18 -7.71
C ASN C 35 24.49 -44.65 -7.45
N ASP C 36 25.71 -44.92 -6.98
CA ASP C 36 26.13 -46.27 -6.61
C ASP C 36 26.46 -46.29 -5.11
N PRO C 37 25.52 -46.69 -4.26
CA PRO C 37 25.83 -46.80 -2.82
C PRO C 37 26.95 -47.79 -2.53
N GLU C 38 27.08 -48.84 -3.36
CA GLU C 38 28.16 -49.81 -3.18
C GLU C 38 29.52 -49.25 -3.56
N LEU C 39 29.57 -48.06 -4.17
CA LEU C 39 30.82 -47.45 -4.59
C LEU C 39 31.44 -46.65 -3.44
N GLU C 40 32.74 -46.85 -3.22
CA GLU C 40 33.43 -46.15 -2.15
C GLU C 40 34.02 -44.82 -2.60
N GLN C 41 34.47 -44.72 -3.84
CA GLN C 41 35.14 -43.53 -4.35
C GLN C 41 34.32 -42.96 -5.49
N SER C 42 33.77 -41.77 -5.30
CA SER C 42 32.93 -41.13 -6.31
C SER C 42 33.71 -40.70 -7.55
N LYS C 43 35.05 -40.72 -7.49
CA LYS C 43 35.84 -40.39 -8.68
C LYS C 43 35.54 -41.34 -9.83
N LYS C 44 35.13 -42.57 -9.53
CA LYS C 44 34.87 -43.58 -10.55
C LYS C 44 33.47 -43.50 -11.12
N CYS C 45 32.63 -42.59 -10.64
CA CYS C 45 31.31 -42.40 -11.20
C CYS C 45 31.04 -40.98 -11.65
N ILE C 46 31.48 -39.98 -10.88
CA ILE C 46 31.22 -38.58 -11.21
C ILE C 46 32.49 -37.77 -11.03
N THR C 47 32.53 -36.64 -11.72
CA THR C 47 33.67 -35.73 -11.71
C THR C 47 33.19 -34.35 -11.27
N SER C 48 33.97 -33.69 -10.42
CA SER C 48 33.55 -32.42 -9.84
C SER C 48 34.74 -31.47 -9.77
N ASN C 49 34.46 -30.24 -9.35
CA ASN C 49 35.48 -29.21 -9.11
C ASN C 49 36.32 -28.91 -10.35
N LYS C 50 35.68 -28.98 -11.52
CA LYS C 50 36.31 -28.64 -12.78
C LYS C 50 35.81 -27.30 -13.28
N LYS C 51 36.40 -26.83 -14.37
CA LYS C 51 35.98 -25.58 -14.97
C LYS C 51 34.58 -25.71 -15.57
N SER C 52 33.79 -24.67 -15.42
CA SER C 52 32.49 -24.62 -16.07
C SER C 52 32.64 -24.45 -17.57
N LEU C 53 31.80 -25.14 -18.33
CA LEU C 53 31.82 -24.98 -19.78
C LEU C 53 31.35 -23.58 -20.16
N PRO C 54 32.02 -22.92 -21.10
CA PRO C 54 31.58 -21.60 -21.52
C PRO C 54 30.24 -21.66 -22.25
N GLY C 55 29.47 -20.58 -22.13
CA GLY C 55 28.24 -20.45 -22.86
C GLY C 55 27.07 -21.26 -22.34
N VAL C 56 27.22 -21.91 -21.18
CA VAL C 56 26.12 -22.63 -20.56
C VAL C 56 25.65 -21.84 -19.35
N MET C 57 24.38 -22.00 -18.99
CA MET C 57 23.82 -21.30 -17.84
C MET C 57 24.17 -22.08 -16.58
N THR C 58 25.42 -21.91 -16.16
CA THR C 58 25.85 -22.48 -14.88
C THR C 58 25.26 -21.67 -13.73
N ILE C 59 24.99 -22.35 -12.62
CA ILE C 59 24.46 -21.71 -11.43
C ILE C 59 25.58 -21.19 -10.52
N ARG C 60 26.82 -21.60 -10.77
CA ARG C 60 27.93 -21.29 -9.88
C ARG C 60 28.18 -19.80 -9.78
N GLY C 61 28.65 -19.38 -8.61
CA GLY C 61 29.20 -18.06 -8.39
C GLY C 61 30.70 -18.04 -8.56
N CYS C 62 31.34 -17.11 -7.88
CA CYS C 62 32.76 -16.87 -8.00
C CYS C 62 33.45 -16.99 -6.64
N ALA C 63 34.77 -16.86 -6.67
CA ALA C 63 35.55 -16.90 -5.43
C ALA C 63 35.19 -15.74 -4.51
N TYR C 64 34.87 -14.58 -5.07
CA TYR C 64 34.42 -13.46 -4.25
C TYR C 64 33.12 -13.79 -3.54
N ALA C 65 32.18 -14.43 -4.25
CA ALA C 65 30.92 -14.83 -3.62
C ALA C 65 31.16 -15.83 -2.49
N GLY C 66 32.12 -16.74 -2.68
CA GLY C 66 32.41 -17.72 -1.66
C GLY C 66 33.20 -17.20 -0.49
N SER C 67 33.94 -16.11 -0.68
CA SER C 67 34.74 -15.52 0.39
C SER C 67 34.00 -14.37 1.08
N LYS C 68 33.67 -13.33 0.32
CA LYS C 68 32.92 -12.21 0.88
C LYS C 68 31.50 -12.63 1.25
N GLY C 69 30.78 -13.25 0.32
CA GLY C 69 29.39 -13.58 0.55
C GLY C 69 29.18 -14.64 1.60
N VAL C 70 30.12 -15.57 1.72
CA VAL C 70 29.88 -16.77 2.52
C VAL C 70 30.63 -16.72 3.85
N VAL C 71 31.94 -16.52 3.79
CA VAL C 71 32.78 -16.70 4.97
C VAL C 71 32.98 -15.39 5.72
N TRP C 72 33.40 -14.33 5.03
CA TRP C 72 33.78 -13.13 5.76
C TRP C 72 32.59 -12.22 6.07
N GLY C 73 31.70 -12.03 5.09
CA GLY C 73 30.57 -11.14 5.26
C GLY C 73 29.73 -11.34 6.51
N PRO C 74 29.42 -12.59 6.89
CA PRO C 74 28.61 -12.79 8.10
C PRO C 74 29.26 -12.30 9.39
N ILE C 75 30.58 -12.12 9.44
CA ILE C 75 31.23 -11.64 10.65
C ILE C 75 30.73 -10.22 10.93
N LYS C 76 29.96 -10.07 12.01
CA LYS C 76 29.13 -8.88 12.16
C LYS C 76 29.92 -7.66 12.62
N ASP C 77 30.89 -7.85 13.52
CA ASP C 77 31.62 -6.71 14.06
C ASP C 77 32.77 -6.25 13.18
N MET C 78 32.90 -6.82 11.98
CA MET C 78 33.93 -6.45 11.04
C MET C 78 33.31 -5.77 9.82
N ILE C 79 34.02 -4.81 9.26
CA ILE C 79 33.61 -4.15 8.02
C ILE C 79 34.34 -4.82 6.86
N HIS C 80 33.58 -5.21 5.85
CA HIS C 80 34.13 -5.94 4.71
C HIS C 80 34.01 -5.07 3.47
N ILE C 81 35.17 -4.73 2.90
CA ILE C 81 35.23 -3.86 1.73
C ILE C 81 35.19 -4.71 0.47
N SER C 82 34.20 -4.46 -0.37
CA SER C 82 34.18 -5.00 -1.73
C SER C 82 35.13 -4.15 -2.56
N HIS C 83 36.39 -4.55 -2.59
CA HIS C 83 37.45 -3.75 -3.21
C HIS C 83 37.37 -3.93 -4.73
N GLY C 84 36.98 -2.87 -5.41
CA GLY C 84 36.84 -2.89 -6.85
C GLY C 84 35.62 -2.12 -7.32
N PRO C 85 35.15 -2.40 -8.53
CA PRO C 85 33.97 -1.70 -9.05
C PRO C 85 32.73 -2.02 -8.23
N VAL C 86 31.71 -1.16 -8.41
CA VAL C 86 30.55 -1.14 -7.53
C VAL C 86 29.73 -2.43 -7.59
N GLY C 87 29.75 -3.16 -8.71
CA GLY C 87 28.80 -4.23 -8.92
C GLY C 87 28.81 -5.36 -7.91
N CYS C 88 29.98 -5.91 -7.59
CA CYS C 88 30.05 -7.12 -6.78
C CYS C 88 29.43 -6.91 -5.40
N GLY C 89 29.80 -5.82 -4.74
CA GLY C 89 29.24 -5.55 -3.42
C GLY C 89 27.75 -5.27 -3.45
N GLN C 90 27.27 -4.67 -4.54
CA GLN C 90 25.86 -4.33 -4.62
C GLN C 90 24.99 -5.58 -4.75
N TYR C 91 25.38 -6.52 -5.61
CA TYR C 91 24.58 -7.72 -5.81
C TYR C 91 24.62 -8.67 -4.63
N SER C 92 25.71 -8.64 -3.86
CA SER C 92 25.84 -9.50 -2.69
C SER C 92 25.38 -8.82 -1.40
N ARG C 93 24.87 -7.61 -1.47
CA ARG C 93 24.47 -6.88 -0.27
C ARG C 93 23.18 -7.47 0.30
N ALA C 94 23.28 -8.04 1.49
CA ALA C 94 22.13 -8.55 2.25
C ALA C 94 21.33 -9.58 1.43
N GLY C 95 22.03 -10.43 0.70
CA GLY C 95 21.37 -11.39 -0.13
C GLY C 95 21.39 -12.82 0.40
N ARG C 96 22.02 -13.04 1.55
CA ARG C 96 22.30 -14.39 2.01
C ARG C 96 21.48 -14.81 3.22
N ARG C 97 21.06 -13.86 4.06
CA ARG C 97 20.32 -14.15 5.30
C ARG C 97 21.19 -14.84 6.34
N ASN C 98 22.45 -14.44 6.43
CA ASN C 98 23.27 -14.78 7.59
C ASN C 98 22.81 -13.90 8.75
N TYR C 99 22.07 -14.48 9.67
CA TYR C 99 21.44 -13.71 10.73
C TYR C 99 22.46 -13.34 11.80
N TYR C 100 22.26 -12.17 12.39
CA TYR C 100 23.18 -11.63 13.37
C TYR C 100 22.41 -10.71 14.29
N ILE C 101 23.00 -10.41 15.44
CA ILE C 101 22.44 -9.47 16.40
C ILE C 101 23.43 -8.31 16.53
N GLY C 102 22.94 -7.09 16.28
CA GLY C 102 23.78 -5.93 16.43
C GLY C 102 23.07 -4.69 15.97
N THR C 103 23.74 -3.56 16.18
CA THR C 103 23.27 -2.26 15.72
C THR C 103 23.96 -1.98 14.39
N THR C 104 23.23 -2.15 13.30
CA THR C 104 23.81 -1.99 11.98
C THR C 104 24.26 -0.55 11.76
N GLY C 105 25.47 -0.40 11.21
CA GLY C 105 26.07 0.90 11.02
C GLY C 105 26.84 1.43 12.19
N VAL C 106 26.80 0.77 13.34
CA VAL C 106 27.49 1.23 14.54
C VAL C 106 28.50 0.19 14.99
N ASN C 107 28.03 -0.99 15.37
CA ASN C 107 28.90 -2.08 15.75
C ASN C 107 28.70 -3.34 14.92
N ALA C 108 27.70 -3.37 14.05
CA ALA C 108 27.46 -4.49 13.15
C ALA C 108 27.31 -3.94 11.73
N PHE C 109 27.81 -4.69 10.75
CA PHE C 109 27.88 -4.16 9.38
C PHE C 109 27.55 -5.21 8.33
N VAL C 110 26.82 -6.26 8.67
CA VAL C 110 26.65 -7.40 7.76
C VAL C 110 25.87 -6.98 6.51
N THR C 111 24.71 -6.35 6.70
CA THR C 111 23.86 -6.01 5.56
C THR C 111 24.33 -4.75 4.85
N MET C 112 25.46 -4.20 5.26
CA MET C 112 26.06 -3.01 4.67
C MET C 112 26.89 -3.38 3.44
N ASN C 113 27.08 -2.42 2.56
CA ASN C 113 27.89 -2.58 1.36
C ASN C 113 29.00 -1.53 1.39
N PHE C 114 30.13 -1.89 1.99
CA PHE C 114 31.33 -1.07 1.93
C PHE C 114 32.09 -1.45 0.67
N THR C 115 32.38 -0.46 -0.17
CA THR C 115 33.04 -0.71 -1.44
C THR C 115 33.96 0.45 -1.77
N SER C 116 35.01 0.16 -2.56
CA SER C 116 35.88 1.22 -3.05
C SER C 116 35.37 1.83 -4.34
N ASP C 117 34.37 1.23 -4.98
CA ASP C 117 33.68 1.81 -6.13
C ASP C 117 34.67 2.28 -7.20
N PHE C 118 35.41 1.33 -7.75
CA PHE C 118 36.49 1.63 -8.66
C PHE C 118 35.98 2.36 -9.90
N GLN C 119 36.66 3.44 -10.26
CA GLN C 119 36.47 4.13 -11.52
C GLN C 119 37.65 3.80 -12.43
N GLU C 120 37.65 4.37 -13.63
CA GLU C 120 38.70 4.05 -14.59
C GLU C 120 40.05 4.58 -14.14
N LYS C 121 40.07 5.67 -13.37
CA LYS C 121 41.33 6.17 -12.83
C LYS C 121 41.93 5.17 -11.85
N ASP C 122 41.10 4.49 -11.07
CA ASP C 122 41.59 3.46 -10.15
C ASP C 122 42.04 2.22 -10.91
N ILE C 123 41.41 1.92 -12.04
CA ILE C 123 41.85 0.79 -12.86
C ILE C 123 43.19 1.10 -13.52
N VAL C 124 43.37 2.34 -13.98
CA VAL C 124 44.55 2.70 -14.76
C VAL C 124 45.75 2.91 -13.85
N PHE C 125 45.58 3.64 -12.74
CA PHE C 125 46.69 4.01 -11.88
C PHE C 125 46.71 3.22 -10.56
N GLY C 126 45.84 2.23 -10.42
CA GLY C 126 45.82 1.43 -9.21
C GLY C 126 44.91 2.01 -8.14
N GLY C 127 44.53 1.14 -7.21
CA GLY C 127 43.65 1.55 -6.13
C GLY C 127 44.23 1.36 -4.75
N ASP C 128 45.56 1.26 -4.66
CA ASP C 128 46.20 1.10 -3.36
C ASP C 128 46.09 2.38 -2.53
N LYS C 129 46.31 3.53 -3.16
CA LYS C 129 46.13 4.81 -2.46
C LYS C 129 44.67 5.02 -2.09
N LYS C 130 43.75 4.64 -2.98
CA LYS C 130 42.33 4.74 -2.66
C LYS C 130 41.96 3.82 -1.51
N LEU C 131 42.53 2.62 -1.47
CA LEU C 131 42.26 1.70 -0.38
C LEU C 131 42.78 2.25 0.95
N ALA C 132 43.97 2.86 0.93
CA ALA C 132 44.52 3.43 2.15
C ALA C 132 43.65 4.56 2.68
N LYS C 133 43.21 5.45 1.79
CA LYS C 133 42.31 6.53 2.19
C LYS C 133 40.97 5.99 2.64
N LEU C 134 40.48 4.95 1.98
CA LEU C 134 39.19 4.35 2.34
C LEU C 134 39.23 3.81 3.76
N ILE C 135 40.33 3.17 4.15
CA ILE C 135 40.44 2.61 5.49
C ILE C 135 40.44 3.73 6.54
N ASP C 136 41.05 4.86 6.21
CA ASP C 136 41.01 6.02 7.11
C ASP C 136 39.58 6.50 7.30
N GLU C 137 38.81 6.57 6.21
CA GLU C 137 37.42 7.02 6.31
C GLU C 137 36.57 6.03 7.09
N ILE C 138 36.88 4.73 6.98
CA ILE C 138 36.18 3.73 7.78
C ILE C 138 36.43 3.96 9.26
N GLU C 139 37.68 4.24 9.62
CA GLU C 139 38.02 4.48 11.01
C GLU C 139 37.30 5.72 11.55
N THR C 140 37.19 6.76 10.72
CA THR C 140 36.54 7.99 11.17
C THR C 140 35.04 7.80 11.32
N LEU C 141 34.39 7.21 10.32
CA LEU C 141 32.93 7.17 10.28
C LEU C 141 32.34 5.95 10.97
N PHE C 142 33.13 4.91 11.19
CA PHE C 142 32.66 3.70 11.87
C PHE C 142 33.71 3.31 12.92
N PRO C 143 33.86 4.13 13.96
CA PRO C 143 34.94 3.88 14.93
C PRO C 143 34.75 2.63 15.77
N LEU C 144 33.55 2.08 15.85
CA LEU C 144 33.30 0.91 16.68
C LEU C 144 33.55 -0.41 15.96
N ASN C 145 33.96 -0.37 14.69
CA ASN C 145 34.30 -1.61 14.00
C ASN C 145 35.49 -2.27 14.68
N LYS C 146 35.45 -3.60 14.76
CA LYS C 146 36.48 -4.37 15.43
C LYS C 146 37.44 -5.04 14.45
N GLY C 147 37.38 -4.67 13.18
CA GLY C 147 38.24 -5.26 12.18
C GLY C 147 37.77 -4.94 10.78
N ILE C 148 38.67 -5.09 9.81
CA ILE C 148 38.40 -4.77 8.42
C ILE C 148 38.90 -5.90 7.54
N SER C 149 38.10 -6.30 6.57
CA SER C 149 38.52 -7.26 5.56
C SER C 149 38.43 -6.61 4.18
N VAL C 150 39.44 -6.87 3.36
CA VAL C 150 39.49 -6.35 2.00
C VAL C 150 39.22 -7.52 1.07
N GLN C 151 38.00 -7.59 0.55
CA GLN C 151 37.60 -8.65 -0.37
C GLN C 151 37.87 -8.18 -1.80
N SER C 152 38.89 -8.76 -2.43
CA SER C 152 39.26 -8.34 -3.77
C SER C 152 38.26 -8.85 -4.80
N GLU C 153 37.80 -7.95 -5.66
CA GLU C 153 37.04 -8.33 -6.83
C GLU C 153 38.01 -8.50 -8.00
N CYS C 154 37.48 -8.91 -9.16
CA CYS C 154 38.31 -9.34 -10.28
C CYS C 154 39.43 -8.37 -10.67
N PRO C 155 39.19 -7.07 -10.85
CA PRO C 155 40.27 -6.19 -11.32
C PRO C 155 41.43 -6.04 -10.34
N ILE C 156 41.24 -6.33 -9.05
CA ILE C 156 42.32 -6.11 -8.08
C ILE C 156 43.51 -7.00 -8.41
N GLY C 157 43.27 -8.26 -8.70
CA GLY C 157 44.35 -9.16 -9.06
C GLY C 157 44.89 -8.99 -10.46
N LEU C 158 44.20 -8.22 -11.30
CA LEU C 158 44.59 -8.03 -12.68
C LEU C 158 45.39 -6.75 -12.92
N ILE C 159 45.15 -5.70 -12.12
CA ILE C 159 45.88 -4.45 -12.29
C ILE C 159 47.14 -4.40 -11.44
N GLY C 160 47.45 -5.45 -10.68
CA GLY C 160 48.67 -5.48 -9.90
C GLY C 160 48.63 -4.72 -8.60
N ASP C 161 47.45 -4.54 -8.01
CA ASP C 161 47.35 -3.87 -6.72
C ASP C 161 48.00 -4.72 -5.63
N ASP C 162 48.47 -4.04 -4.58
CA ASP C 162 49.12 -4.68 -3.44
C ASP C 162 48.31 -4.36 -2.19
N ILE C 163 47.28 -5.16 -1.93
CA ILE C 163 46.42 -4.90 -0.78
C ILE C 163 47.01 -5.47 0.51
N GLU C 164 47.92 -6.42 0.42
CA GLU C 164 48.59 -6.93 1.63
C GLU C 164 49.43 -5.83 2.27
N ALA C 165 50.16 -5.06 1.45
CA ALA C 165 50.98 -3.98 1.98
C ALA C 165 50.13 -2.87 2.59
N VAL C 166 49.02 -2.51 1.93
CA VAL C 166 48.13 -1.49 2.46
C VAL C 166 47.48 -1.96 3.75
N SER C 167 47.03 -3.22 3.77
CA SER C 167 46.38 -3.76 4.96
C SER C 167 47.34 -3.81 6.14
N LYS C 168 48.59 -4.22 5.89
CA LYS C 168 49.59 -4.30 6.96
C LYS C 168 49.90 -2.91 7.52
N GLN C 169 50.12 -1.93 6.65
CA GLN C 169 50.47 -0.59 7.11
C GLN C 169 49.29 0.06 7.84
N LYS C 170 48.09 -0.04 7.27
CA LYS C 170 46.92 0.58 7.89
C LYS C 170 46.54 -0.11 9.20
N GLY C 171 46.74 -1.43 9.27
CA GLY C 171 46.45 -2.13 10.51
C GLY C 171 47.38 -1.72 11.63
N LYS C 172 48.66 -1.52 11.33
CA LYS C 172 49.60 -1.01 12.32
C LYS C 172 49.27 0.43 12.71
N GLU C 173 48.89 1.25 11.73
CA GLU C 173 48.61 2.66 12.00
C GLU C 173 47.40 2.82 12.91
N HIS C 174 46.34 2.05 12.67
CA HIS C 174 45.11 2.18 13.43
C HIS C 174 44.98 1.17 14.57
N GLY C 175 45.96 0.30 14.74
CA GLY C 175 45.85 -0.74 15.75
C GLY C 175 44.68 -1.67 15.52
N LYS C 176 44.42 -2.01 14.25
CA LYS C 176 43.24 -2.78 13.87
C LYS C 176 43.67 -3.97 13.03
N THR C 177 42.87 -5.03 13.08
CA THR C 177 43.11 -6.20 12.25
C THR C 177 42.51 -5.95 10.87
N ILE C 178 43.36 -5.91 9.85
CA ILE C 178 42.93 -5.75 8.46
C ILE C 178 43.35 -6.99 7.69
N VAL C 179 42.37 -7.68 7.12
CA VAL C 179 42.57 -8.98 6.48
C VAL C 179 42.47 -8.79 4.97
N PRO C 180 43.59 -8.86 4.23
CA PRO C 180 43.51 -8.84 2.77
C PRO C 180 43.14 -10.22 2.24
N VAL C 181 42.08 -10.30 1.46
CA VAL C 181 41.60 -11.55 0.90
C VAL C 181 41.69 -11.46 -0.62
N ARG C 182 42.54 -12.30 -1.21
CA ARG C 182 42.69 -12.35 -2.67
C ARG C 182 41.65 -13.31 -3.24
N CYS C 183 40.41 -12.87 -3.20
CA CYS C 183 39.26 -13.66 -3.63
C CYS C 183 38.70 -13.15 -4.95
N GLU C 184 39.58 -12.76 -5.87
CA GLU C 184 39.16 -12.32 -7.19
C GLU C 184 38.30 -13.39 -7.86
N GLY C 185 37.19 -12.96 -8.42
CA GLY C 185 36.16 -13.89 -8.88
C GLY C 185 36.62 -14.84 -9.96
N PHE C 186 37.68 -14.51 -10.69
CA PHE C 186 38.18 -15.37 -11.75
C PHE C 186 39.14 -16.45 -11.26
N ARG C 187 39.53 -16.42 -9.99
CA ARG C 187 40.65 -17.23 -9.52
C ARG C 187 40.34 -18.72 -9.62
N GLY C 188 39.14 -19.12 -9.25
CA GLY C 188 38.81 -20.54 -9.25
C GLY C 188 37.79 -20.93 -10.29
N VAL C 189 37.02 -21.97 -9.98
CA VAL C 189 35.93 -22.41 -10.86
C VAL C 189 34.56 -22.20 -10.25
N SER C 190 34.49 -21.75 -9.01
CA SER C 190 33.21 -21.58 -8.30
C SER C 190 33.49 -20.81 -7.01
N GLN C 191 32.49 -20.75 -6.14
CA GLN C 191 32.64 -20.21 -4.80
C GLN C 191 33.54 -21.07 -3.93
N SER C 192 33.85 -22.30 -4.35
CA SER C 192 34.59 -23.23 -3.51
C SER C 192 36.00 -22.72 -3.21
N LEU C 193 36.70 -22.21 -4.23
CA LEU C 193 38.01 -21.63 -3.98
C LEU C 193 37.91 -20.39 -3.11
N GLY C 194 36.79 -19.68 -3.18
CA GLY C 194 36.58 -18.57 -2.28
C GLY C 194 36.57 -18.99 -0.81
N HIS C 195 36.03 -20.19 -0.54
CA HIS C 195 36.10 -20.73 0.82
C HIS C 195 37.54 -20.97 1.24
N HIS C 196 38.33 -21.59 0.36
CA HIS C 196 39.71 -21.89 0.69
C HIS C 196 40.53 -20.61 0.89
N ILE C 197 40.33 -19.62 0.02
CA ILE C 197 41.04 -18.36 0.16
C ILE C 197 40.62 -17.64 1.43
N ALA C 198 39.32 -17.62 1.72
CA ALA C 198 38.84 -16.99 2.94
C ALA C 198 39.34 -17.72 4.18
N ASN C 199 39.36 -19.05 4.14
CA ASN C 199 39.88 -19.82 5.27
C ASN C 199 41.34 -19.54 5.51
N ASP C 200 42.13 -19.43 4.44
CA ASP C 200 43.54 -19.10 4.59
C ASP C 200 43.72 -17.70 5.13
N ALA C 201 42.83 -16.78 4.74
CA ALA C 201 42.87 -15.43 5.29
C ALA C 201 42.57 -15.43 6.79
N VAL C 202 41.63 -16.27 7.21
CA VAL C 202 41.37 -16.43 8.64
C VAL C 202 42.61 -16.95 9.35
N ARG C 203 43.25 -17.97 8.77
CA ARG C 203 44.42 -18.57 9.38
C ARG C 203 45.58 -17.59 9.48
N ASP C 204 45.82 -16.80 8.44
CA ASP C 204 47.01 -15.97 8.36
C ASP C 204 46.88 -14.65 9.09
N TRP C 205 45.66 -14.23 9.45
CA TRP C 205 45.45 -12.87 9.95
C TRP C 205 44.65 -12.78 11.24
N VAL C 206 43.86 -13.78 11.59
CA VAL C 206 42.95 -13.71 12.73
C VAL C 206 43.22 -14.82 13.74
N LEU C 207 43.39 -16.06 13.26
CA LEU C 207 43.35 -17.21 14.14
C LEU C 207 44.49 -17.24 15.15
N SER C 208 45.60 -16.56 14.86
CA SER C 208 46.77 -16.59 15.73
C SER C 208 46.81 -15.43 16.71
N ALA C 209 45.75 -14.61 16.76
CA ALA C 209 45.80 -13.38 17.54
C ALA C 209 45.96 -13.61 19.04
N ARG C 210 45.57 -14.77 19.55
CA ARG C 210 45.61 -15.05 20.98
C ARG C 210 46.44 -16.29 21.29
N ASP C 211 47.46 -16.58 20.47
CA ASP C 211 48.28 -17.76 20.72
C ASP C 211 49.04 -17.66 22.02
N ASP C 212 49.55 -16.46 22.34
CA ASP C 212 50.22 -16.22 23.61
C ASP C 212 49.27 -15.63 24.66
N ASP C 213 47.98 -15.62 24.39
CA ASP C 213 46.98 -15.09 25.31
C ASP C 213 46.23 -16.24 25.95
N ASP C 214 46.28 -16.33 27.28
CA ASP C 214 45.60 -17.38 28.02
C ASP C 214 44.60 -16.83 29.03
N SER C 215 44.20 -15.56 28.90
CA SER C 215 43.31 -14.96 29.88
C SER C 215 41.91 -15.56 29.83
N PHE C 216 41.48 -16.02 28.66
CA PHE C 216 40.13 -16.55 28.53
C PHE C 216 40.00 -17.87 29.30
N GLU C 217 39.05 -17.91 30.23
CA GLU C 217 38.84 -19.11 31.03
C GLU C 217 38.20 -20.20 30.17
N THR C 218 38.70 -21.42 30.29
CA THR C 218 38.27 -22.54 29.47
C THR C 218 37.70 -23.64 30.34
N THR C 219 36.66 -24.29 29.85
CA THR C 219 36.07 -25.46 30.48
C THR C 219 36.29 -26.68 29.58
N ASP C 220 36.00 -27.86 30.15
CA ASP C 220 36.16 -29.10 29.40
C ASP C 220 35.08 -29.30 28.34
N TYR C 221 34.02 -28.48 28.35
CA TYR C 221 32.91 -28.62 27.44
C TYR C 221 32.87 -27.50 26.40
N ASP C 222 34.01 -26.86 26.16
CA ASP C 222 34.07 -25.78 25.18
C ASP C 222 34.04 -26.36 23.78
N VAL C 223 33.15 -25.82 22.95
CA VAL C 223 33.05 -26.22 21.54
C VAL C 223 32.95 -24.95 20.70
N ALA C 224 33.28 -25.10 19.42
CA ALA C 224 33.10 -24.04 18.44
C ALA C 224 32.31 -24.60 17.27
N ILE C 225 31.30 -23.86 16.84
CA ILE C 225 30.54 -24.23 15.64
C ILE C 225 31.25 -23.60 14.44
N ILE C 226 31.69 -24.43 13.52
CA ILE C 226 32.48 -24.02 12.36
C ILE C 226 31.67 -24.29 11.10
N GLY C 227 31.57 -23.29 10.24
CA GLY C 227 30.86 -23.46 9.00
C GLY C 227 29.36 -23.46 9.09
N ASP C 228 28.79 -22.87 10.15
CA ASP C 228 27.36 -22.61 10.22
C ASP C 228 27.17 -21.11 10.09
N TYR C 229 26.43 -20.70 9.05
CA TYR C 229 26.32 -19.30 8.70
C TYR C 229 24.97 -18.72 9.10
N ASN C 230 24.26 -19.38 10.01
CA ASN C 230 23.08 -18.83 10.66
C ASN C 230 22.03 -18.37 9.66
N ILE C 231 21.84 -19.16 8.60
CA ILE C 231 20.86 -18.83 7.57
C ILE C 231 19.47 -18.90 8.20
N GLY C 232 18.84 -17.75 8.37
CA GLY C 232 17.57 -17.67 9.07
C GLY C 232 17.66 -18.06 10.52
N GLY C 233 18.84 -17.95 11.13
CA GLY C 233 19.03 -18.40 12.50
C GLY C 233 19.32 -19.87 12.64
N ASP C 234 19.93 -20.49 11.63
CA ASP C 234 20.25 -21.92 11.70
C ASP C 234 21.20 -22.21 12.84
N ALA C 235 22.26 -21.40 12.98
CA ALA C 235 23.25 -21.64 14.03
C ALA C 235 22.67 -21.38 15.42
N TRP C 236 21.67 -20.49 15.52
CA TRP C 236 21.04 -20.26 16.81
C TRP C 236 20.21 -21.46 17.24
N SER C 237 19.50 -22.08 16.30
CA SER C 237 18.76 -23.30 16.63
C SER C 237 19.70 -24.45 16.96
N SER C 238 20.89 -24.47 16.35
CA SER C 238 21.87 -25.50 16.68
C SER C 238 22.54 -25.21 18.02
N ARG C 239 22.80 -23.94 18.31
CA ARG C 239 23.52 -23.56 19.52
C ARG C 239 22.70 -23.86 20.77
N ILE C 240 21.38 -23.66 20.69
CA ILE C 240 20.53 -23.89 21.86
C ILE C 240 20.52 -25.37 22.24
N LEU C 241 20.60 -26.25 21.24
CA LEU C 241 20.67 -27.68 21.52
C LEU C 241 22.00 -28.05 22.17
N LEU C 242 23.11 -27.50 21.65
CA LEU C 242 24.41 -27.84 22.18
C LEU C 242 24.58 -27.35 23.62
N GLU C 243 24.09 -26.15 23.92
CA GLU C 243 24.20 -25.62 25.26
C GLU C 243 23.20 -26.24 26.22
N GLU C 244 22.06 -26.73 25.72
CA GLU C 244 21.18 -27.54 26.55
C GLU C 244 21.85 -28.86 26.92
N MET C 245 22.74 -29.35 26.07
CA MET C 245 23.50 -30.57 26.34
C MET C 245 24.59 -30.37 27.39
N GLY C 246 24.81 -29.14 27.84
CA GLY C 246 25.87 -28.85 28.79
C GLY C 246 27.15 -28.35 28.16
N LEU C 247 27.19 -28.16 26.86
CA LEU C 247 28.36 -27.63 26.19
C LEU C 247 28.32 -26.11 26.18
N ARG C 248 29.49 -25.51 26.09
CA ARG C 248 29.63 -24.06 26.00
C ARG C 248 30.15 -23.72 24.61
N VAL C 249 29.29 -23.09 23.80
CA VAL C 249 29.69 -22.71 22.44
C VAL C 249 30.49 -21.42 22.52
N VAL C 250 31.82 -21.55 22.62
CA VAL C 250 32.68 -20.38 22.75
C VAL C 250 32.66 -19.57 21.45
N ALA C 251 32.74 -20.25 20.31
CA ALA C 251 32.81 -19.56 19.03
C ALA C 251 31.78 -20.15 18.09
N GLN C 252 31.18 -19.29 17.27
CA GLN C 252 30.41 -19.72 16.12
C GLN C 252 30.70 -18.74 14.99
N TRP C 253 31.18 -19.27 13.87
CA TRP C 253 31.48 -18.43 12.72
C TRP C 253 31.20 -19.23 11.47
N SER C 254 30.68 -18.55 10.45
CA SER C 254 30.63 -17.09 10.42
C SER C 254 29.30 -16.48 10.82
N GLY C 255 28.23 -17.26 10.80
CA GLY C 255 26.91 -16.75 11.13
C GLY C 255 26.82 -16.19 12.53
N ASP C 256 26.42 -14.93 12.65
CA ASP C 256 26.37 -14.21 13.92
C ASP C 256 27.74 -14.16 14.60
N GLY C 257 28.81 -14.37 13.83
CA GLY C 257 30.13 -14.46 14.40
C GLY C 257 30.81 -13.12 14.57
N THR C 258 31.75 -13.09 15.51
CA THR C 258 32.58 -11.92 15.76
C THR C 258 34.03 -12.27 15.52
N ILE C 259 34.86 -11.24 15.41
CA ILE C 259 36.30 -11.47 15.27
C ILE C 259 36.87 -12.08 16.55
N SER C 260 36.35 -11.68 17.71
CA SER C 260 36.85 -12.22 18.97
C SER C 260 36.51 -13.70 19.12
N GLU C 261 35.31 -14.09 18.66
CA GLU C 261 34.97 -15.51 18.67
C GLU C 261 35.92 -16.32 17.80
N MET C 262 36.27 -15.79 16.63
CA MET C 262 37.22 -16.47 15.76
C MET C 262 38.57 -16.62 16.45
N GLU C 263 39.00 -15.60 17.20
CA GLU C 263 40.27 -15.66 17.91
C GLU C 263 40.19 -16.57 19.14
N LEU C 264 38.99 -16.80 19.65
CA LEU C 264 38.83 -17.70 20.80
C LEU C 264 38.71 -19.15 20.38
N THR C 265 38.52 -19.42 19.10
CA THR C 265 38.37 -20.80 18.62
C THR C 265 39.55 -21.71 18.95
N PRO C 266 40.83 -21.27 18.83
CA PRO C 266 41.93 -22.18 19.18
C PRO C 266 41.96 -22.62 20.64
N LYS C 267 41.02 -22.14 21.45
CA LYS C 267 40.95 -22.49 22.86
C LYS C 267 39.85 -23.49 23.19
N VAL C 268 39.07 -23.92 22.21
CA VAL C 268 37.96 -24.84 22.47
C VAL C 268 38.49 -26.27 22.52
N LYS C 269 37.65 -27.19 23.01
CA LYS C 269 38.01 -28.60 23.06
C LYS C 269 37.59 -29.37 21.83
N LEU C 270 36.55 -28.93 21.14
CA LEU C 270 36.03 -29.64 19.99
C LEU C 270 35.51 -28.64 18.96
N ASN C 271 35.79 -28.90 17.69
CA ASN C 271 35.31 -28.06 16.59
C ASN C 271 34.22 -28.83 15.86
N LEU C 272 32.99 -28.33 15.97
CA LEU C 272 31.84 -28.94 15.31
C LEU C 272 31.67 -28.30 13.94
N VAL C 273 31.95 -29.07 12.90
CA VAL C 273 31.90 -28.57 11.53
C VAL C 273 30.56 -28.99 10.91
N HIS C 274 29.73 -28.00 10.58
CA HIS C 274 28.49 -28.31 9.90
C HIS C 274 28.70 -28.37 8.39
N CYS C 275 29.30 -27.33 7.82
CA CYS C 275 29.66 -27.33 6.41
C CYS C 275 31.12 -27.71 6.30
N TYR C 276 31.37 -28.98 5.94
CA TYR C 276 32.73 -29.42 5.71
C TYR C 276 33.35 -28.70 4.52
N ARG C 277 32.56 -28.47 3.46
CA ARG C 277 33.13 -27.95 2.22
C ARG C 277 33.78 -26.58 2.42
N SER C 278 33.12 -25.69 3.14
CA SER C 278 33.60 -24.31 3.26
C SER C 278 34.67 -24.13 4.32
N MET C 279 34.70 -24.99 5.35
CA MET C 279 35.55 -24.74 6.51
C MET C 279 36.41 -25.94 6.93
N ASN C 280 36.54 -26.96 6.09
CA ASN C 280 37.43 -28.07 6.44
C ASN C 280 38.89 -27.63 6.42
N TYR C 281 39.20 -26.56 5.69
CA TYR C 281 40.58 -26.07 5.63
C TYR C 281 41.02 -25.57 7.00
N ILE C 282 40.22 -24.71 7.63
CA ILE C 282 40.57 -24.17 8.94
C ILE C 282 40.50 -25.24 10.01
N SER C 283 39.60 -26.22 9.87
CA SER C 283 39.47 -27.28 10.86
C SER C 283 40.71 -28.17 10.88
N ARG C 284 41.22 -28.52 9.69
CA ARG C 284 42.45 -29.31 9.63
C ARG C 284 43.64 -28.54 10.17
N HIS C 285 43.71 -27.23 9.89
CA HIS C 285 44.80 -26.42 10.42
C HIS C 285 44.76 -26.37 11.94
N MET C 286 43.57 -26.21 12.52
CA MET C 286 43.46 -26.11 13.97
C MET C 286 43.78 -27.43 14.65
N GLU C 287 43.45 -28.56 13.99
CA GLU C 287 43.84 -29.85 14.53
C GLU C 287 45.35 -30.05 14.48
N GLU C 288 45.99 -29.60 13.39
CA GLU C 288 47.42 -29.81 13.24
C GLU C 288 48.23 -28.88 14.11
N LYS C 289 47.71 -27.69 14.42
CA LYS C 289 48.45 -26.69 15.19
C LYS C 289 48.09 -26.70 16.67
N TYR C 290 46.80 -26.59 16.98
CA TYR C 290 46.35 -26.54 18.37
C TYR C 290 45.92 -27.90 18.91
N GLY C 291 45.84 -28.92 18.06
CA GLY C 291 45.42 -30.23 18.52
C GLY C 291 43.95 -30.34 18.83
N ILE C 292 43.12 -29.47 18.29
CA ILE C 292 41.68 -29.50 18.54
C ILE C 292 41.05 -30.50 17.59
N PRO C 293 40.40 -31.55 18.08
CA PRO C 293 39.68 -32.45 17.19
C PRO C 293 38.48 -31.75 16.56
N TRP C 294 38.18 -32.13 15.33
CA TRP C 294 37.03 -31.60 14.63
C TRP C 294 36.20 -32.75 14.09
N MET C 295 34.89 -32.63 14.17
CA MET C 295 33.98 -33.65 13.67
C MET C 295 32.83 -33.00 12.93
N GLU C 296 32.34 -33.70 11.91
CA GLU C 296 31.19 -33.24 11.15
C GLU C 296 29.90 -33.63 11.85
N TYR C 297 28.93 -32.71 11.85
CA TYR C 297 27.63 -32.96 12.45
C TYR C 297 26.54 -32.46 11.52
N ASN C 298 25.35 -33.04 11.68
CA ASN C 298 24.20 -32.72 10.83
C ASN C 298 22.99 -32.53 11.73
N PHE C 299 22.42 -31.33 11.72
CA PHE C 299 21.23 -31.03 12.51
C PHE C 299 19.98 -30.88 11.64
N PHE C 300 19.98 -31.48 10.45
CA PHE C 300 18.82 -31.45 9.56
C PHE C 300 17.93 -32.64 9.89
N GLY C 301 16.75 -32.36 10.41
CA GLY C 301 15.80 -33.40 10.75
C GLY C 301 16.11 -34.04 12.08
N PRO C 302 15.09 -34.56 12.75
CA PRO C 302 15.31 -35.17 14.08
C PRO C 302 16.26 -36.35 14.07
N THR C 303 16.24 -37.18 13.03
CA THR C 303 17.08 -38.37 13.01
C THR C 303 18.56 -38.00 12.96
N LYS C 304 18.93 -37.07 12.08
CA LYS C 304 20.32 -36.64 12.02
C LYS C 304 20.69 -35.83 13.25
N THR C 305 19.77 -35.00 13.75
CA THR C 305 20.05 -34.19 14.93
C THR C 305 20.32 -35.07 16.15
N ILE C 306 19.49 -36.10 16.35
CA ILE C 306 19.68 -37.00 17.48
C ILE C 306 21.00 -37.76 17.34
N GLU C 307 21.30 -38.26 16.15
CA GLU C 307 22.55 -38.97 15.93
C GLU C 307 23.75 -38.06 16.16
N SER C 308 23.67 -36.82 15.67
CA SER C 308 24.78 -35.88 15.86
C SER C 308 24.95 -35.50 17.33
N LEU C 309 23.84 -35.26 18.04
CA LEU C 309 23.94 -34.89 19.44
C LEU C 309 24.56 -36.01 20.27
N ARG C 310 24.18 -37.26 20.00
CA ARG C 310 24.76 -38.39 20.71
C ARG C 310 26.24 -38.54 20.36
N LYS C 311 26.58 -38.33 19.09
CA LYS C 311 27.97 -38.44 18.67
C LYS C 311 28.83 -37.32 19.26
N ILE C 312 28.28 -36.12 19.37
CA ILE C 312 29.00 -35.02 20.02
C ILE C 312 29.18 -35.33 21.51
N ALA C 313 28.12 -35.80 22.16
CA ALA C 313 28.18 -36.07 23.59
C ALA C 313 29.18 -37.18 23.91
N ALA C 314 29.39 -38.11 22.97
CA ALA C 314 30.36 -39.18 23.19
C ALA C 314 31.79 -38.67 23.24
N GLN C 315 32.04 -37.44 22.79
CA GLN C 315 33.36 -36.83 22.86
C GLN C 315 33.64 -36.19 24.21
N PHE C 316 32.68 -36.23 25.13
CA PHE C 316 32.85 -35.65 26.46
C PHE C 316 32.55 -36.69 27.52
N ASP C 317 32.47 -36.28 28.79
CA ASP C 317 32.27 -37.22 29.87
C ASP C 317 30.80 -37.64 29.95
N GLU C 318 30.50 -38.47 30.96
CA GLU C 318 29.16 -39.06 31.09
C GLU C 318 28.11 -38.00 31.41
N SER C 319 28.50 -36.91 32.08
CA SER C 319 27.52 -35.87 32.42
C SER C 319 26.95 -35.22 31.16
N ILE C 320 27.79 -35.02 30.15
CA ILE C 320 27.31 -34.46 28.89
C ILE C 320 26.41 -35.47 28.18
N GLN C 321 26.79 -36.75 28.21
CA GLN C 321 25.97 -37.78 27.58
C GLN C 321 24.62 -37.91 28.27
N LYS C 322 24.60 -37.78 29.59
CA LYS C 322 23.33 -37.79 30.33
C LYS C 322 22.46 -36.61 29.93
N LYS C 323 23.05 -35.44 29.80
CA LYS C 323 22.29 -34.26 29.38
C LYS C 323 21.84 -34.38 27.93
N CYS C 324 22.59 -35.13 27.11
CA CYS C 324 22.17 -35.36 25.73
C CYS C 324 20.87 -36.15 25.67
N GLU C 325 20.76 -37.18 26.51
CA GLU C 325 19.53 -37.97 26.54
C GLU C 325 18.36 -37.16 27.10
N GLU C 326 18.66 -36.20 27.98
CA GLU C 326 17.62 -35.31 28.47
C GLU C 326 17.11 -34.39 27.36
N VAL C 327 18.02 -33.87 26.54
CA VAL C 327 17.62 -32.99 25.44
C VAL C 327 16.84 -33.78 24.40
N ILE C 328 17.30 -34.98 24.07
CA ILE C 328 16.62 -35.80 23.07
C ILE C 328 15.22 -36.16 23.56
N ALA C 329 15.09 -36.52 24.84
CA ALA C 329 13.79 -36.85 25.39
C ALA C 329 12.87 -35.63 25.43
N LYS C 330 13.42 -34.45 25.77
CA LYS C 330 12.60 -33.26 25.87
C LYS C 330 12.00 -32.87 24.53
N TYR C 331 12.79 -32.95 23.46
CA TYR C 331 12.32 -32.55 22.14
C TYR C 331 11.64 -33.67 21.38
N GLN C 332 11.66 -34.89 21.91
CA GLN C 332 11.03 -36.01 21.22
C GLN C 332 9.54 -35.79 20.97
N PRO C 333 8.73 -35.36 21.94
CA PRO C 333 7.31 -35.09 21.62
C PRO C 333 7.14 -33.98 20.58
N GLU C 334 8.04 -33.00 20.55
CA GLU C 334 7.88 -31.89 19.63
C GLU C 334 8.03 -32.33 18.19
N TRP C 335 9.12 -33.05 17.87
CA TRP C 335 9.32 -33.44 16.48
C TRP C 335 8.41 -34.60 16.08
N GLU C 336 8.02 -35.43 17.05
CA GLU C 336 7.07 -36.50 16.75
C GLU C 336 5.70 -35.94 16.38
N ALA C 337 5.28 -34.86 17.06
CA ALA C 337 4.05 -34.19 16.68
C ALA C 337 4.16 -33.57 15.30
N VAL C 338 5.35 -33.04 14.97
CA VAL C 338 5.58 -32.49 13.64
C VAL C 338 5.48 -33.57 12.59
N VAL C 339 6.09 -34.73 12.86
CA VAL C 339 6.03 -35.85 11.92
C VAL C 339 4.59 -36.35 11.78
N ALA C 340 3.90 -36.51 12.91
CA ALA C 340 2.52 -37.01 12.87
C ALA C 340 1.61 -36.07 12.09
N LYS C 341 1.87 -34.77 12.14
CA LYS C 341 1.04 -33.81 11.44
C LYS C 341 1.35 -33.76 9.95
N TYR C 342 2.63 -33.81 9.58
CA TYR C 342 3.04 -33.47 8.22
C TYR C 342 3.50 -34.66 7.38
N ARG C 343 3.98 -35.74 8.01
CA ARG C 343 4.35 -36.93 7.23
C ARG C 343 3.19 -37.49 6.42
N PRO C 344 1.95 -37.59 6.92
CA PRO C 344 0.87 -38.09 6.06
C PRO C 344 0.65 -37.25 4.81
N ARG C 345 0.93 -35.95 4.87
CA ARG C 345 0.73 -35.06 3.73
C ARG C 345 1.96 -34.96 2.84
N LEU C 346 3.06 -35.65 3.18
CA LEU C 346 4.27 -35.60 2.39
C LEU C 346 4.85 -36.98 2.08
N GLU C 347 4.24 -38.06 2.57
CA GLU C 347 4.81 -39.39 2.41
C GLU C 347 4.74 -39.82 0.95
N GLY C 348 5.86 -40.32 0.43
CA GLY C 348 5.94 -40.78 -0.94
C GLY C 348 6.32 -39.71 -1.95
N LYS C 349 6.35 -38.45 -1.54
CA LYS C 349 6.72 -37.38 -2.47
C LYS C 349 8.19 -37.48 -2.83
N ARG C 350 8.50 -37.14 -4.08
CA ARG C 350 9.85 -37.24 -4.62
C ARG C 350 10.42 -35.84 -4.81
N VAL C 351 11.66 -35.64 -4.38
CA VAL C 351 12.30 -34.33 -4.42
C VAL C 351 13.63 -34.45 -5.14
N MET C 352 13.94 -33.45 -5.96
CA MET C 352 15.25 -33.30 -6.59
C MET C 352 15.92 -32.07 -6.02
N LEU C 353 17.18 -32.20 -5.62
CA LEU C 353 17.91 -31.13 -4.96
C LEU C 353 19.10 -30.69 -5.79
N TYR C 354 19.44 -29.41 -5.68
CA TYR C 354 20.67 -28.89 -6.28
C TYR C 354 21.08 -27.66 -5.49
N VAL C 355 22.05 -27.82 -4.60
CA VAL C 355 22.57 -26.71 -3.80
C VAL C 355 24.08 -26.70 -3.97
N GLY C 356 24.76 -25.79 -3.29
CA GLY C 356 26.17 -25.56 -3.58
C GLY C 356 27.16 -26.63 -3.19
N GLY C 357 27.43 -26.80 -1.89
CA GLY C 357 28.44 -27.76 -1.51
C GLY C 357 28.17 -28.65 -0.31
N LEU C 358 27.16 -28.32 0.51
CA LEU C 358 26.82 -29.14 1.67
C LEU C 358 25.38 -29.63 1.64
N ARG C 359 24.43 -28.71 1.44
CA ARG C 359 23.00 -29.04 1.56
C ARG C 359 22.50 -30.12 0.60
N PRO C 360 23.10 -30.38 -0.60
CA PRO C 360 22.59 -31.47 -1.44
C PRO C 360 22.57 -32.83 -0.75
N ARG C 361 23.43 -33.03 0.25
CA ARG C 361 23.43 -34.26 1.01
C ARG C 361 22.97 -34.10 2.46
N HIS C 362 23.10 -32.90 3.04
CA HIS C 362 22.80 -32.73 4.45
C HIS C 362 21.31 -32.72 4.74
N VAL C 363 20.49 -32.23 3.80
CA VAL C 363 19.05 -32.13 4.06
C VAL C 363 18.29 -33.41 3.73
N ILE C 364 18.97 -34.44 3.23
CA ILE C 364 18.28 -35.64 2.78
C ILE C 364 17.59 -36.35 3.93
N GLY C 365 18.26 -36.42 5.09
CA GLY C 365 17.66 -37.08 6.24
C GLY C 365 16.39 -36.40 6.73
N ALA C 366 16.35 -35.07 6.65
CA ALA C 366 15.15 -34.34 7.04
C ALA C 366 13.98 -34.68 6.12
N TYR C 367 14.25 -34.78 4.82
CA TYR C 367 13.20 -35.18 3.88
C TYR C 367 12.72 -36.60 4.16
N GLU C 368 13.66 -37.50 4.45
CA GLU C 368 13.30 -38.90 4.74
C GLU C 368 12.56 -39.02 6.06
N ASP C 369 12.75 -38.06 6.98
CA ASP C 369 11.98 -38.06 8.22
C ASP C 369 10.53 -37.69 7.97
N LEU C 370 10.25 -37.03 6.85
CA LEU C 370 8.90 -36.66 6.46
C LEU C 370 8.29 -37.65 5.48
N GLY C 371 8.93 -38.79 5.26
CA GLY C 371 8.43 -39.79 4.34
C GLY C 371 8.75 -39.55 2.89
N MET C 372 9.48 -38.48 2.58
CA MET C 372 9.82 -38.14 1.21
C MET C 372 11.10 -38.83 0.77
N GLU C 373 11.23 -39.00 -0.54
CA GLU C 373 12.38 -39.66 -1.15
C GLU C 373 13.09 -38.67 -2.06
N VAL C 374 14.41 -38.61 -1.94
CA VAL C 374 15.21 -37.73 -2.79
C VAL C 374 15.64 -38.54 -4.01
N VAL C 375 15.03 -38.26 -5.16
CA VAL C 375 15.28 -39.03 -6.37
C VAL C 375 16.39 -38.44 -7.23
N GLY C 376 16.99 -37.33 -6.80
CA GLY C 376 18.09 -36.73 -7.53
C GLY C 376 18.73 -35.60 -6.75
N THR C 377 20.04 -35.47 -6.84
CA THR C 377 20.75 -34.41 -6.13
C THR C 377 22.02 -34.08 -6.89
N GLY C 378 22.59 -32.92 -6.56
CA GLY C 378 23.83 -32.49 -7.20
C GLY C 378 24.36 -31.25 -6.54
N TYR C 379 25.63 -30.95 -6.85
CA TYR C 379 26.36 -29.86 -6.24
C TYR C 379 26.76 -28.84 -7.28
N GLU C 380 26.73 -27.56 -6.90
CA GLU C 380 27.36 -26.54 -7.72
C GLU C 380 28.87 -26.70 -7.70
N PHE C 381 29.46 -26.84 -6.51
CA PHE C 381 30.91 -26.83 -6.36
C PHE C 381 31.41 -27.88 -5.37
N GLY C 382 30.62 -28.90 -5.06
CA GLY C 382 31.11 -29.95 -4.20
C GLY C 382 32.30 -30.67 -4.80
N HIS C 383 33.21 -31.10 -3.94
CA HIS C 383 34.41 -31.80 -4.39
C HIS C 383 34.14 -33.31 -4.44
N ASN C 384 35.18 -34.09 -4.71
CA ASN C 384 35.04 -35.54 -4.72
C ASN C 384 34.67 -36.08 -3.35
N ASP C 385 35.26 -35.50 -2.28
CA ASP C 385 34.92 -35.94 -0.95
C ASP C 385 33.48 -35.60 -0.58
N ASP C 386 32.94 -34.50 -1.13
CA ASP C 386 31.52 -34.22 -0.95
C ASP C 386 30.67 -35.32 -1.57
N TYR C 387 31.04 -35.76 -2.78
CA TYR C 387 30.27 -36.80 -3.45
C TYR C 387 30.50 -38.17 -2.81
N ASP C 388 31.66 -38.36 -2.17
CA ASP C 388 31.88 -39.58 -1.40
C ASP C 388 30.86 -39.71 -0.27
N ARG C 389 30.60 -38.61 0.43
CA ARG C 389 29.63 -38.64 1.52
C ARG C 389 28.20 -38.77 1.01
N THR C 390 27.93 -38.31 -0.21
CA THR C 390 26.58 -38.37 -0.75
C THR C 390 26.20 -39.79 -1.17
N LEU C 391 27.17 -40.61 -1.55
CA LEU C 391 26.87 -41.91 -2.15
C LEU C 391 26.06 -42.79 -1.19
N LYS C 392 26.46 -42.85 0.07
CA LYS C 392 25.74 -43.68 1.02
C LYS C 392 24.43 -43.05 1.46
N GLU C 393 24.37 -41.72 1.50
CA GLU C 393 23.17 -41.00 1.91
C GLU C 393 22.13 -40.91 0.81
N MET C 394 22.40 -41.50 -0.36
CA MET C 394 21.55 -41.31 -1.52
C MET C 394 21.09 -42.67 -2.01
N GLY C 395 19.86 -42.71 -2.54
CA GLY C 395 19.30 -43.97 -2.99
C GLY C 395 20.00 -44.53 -4.21
N ASP C 396 19.88 -45.84 -4.38
CA ASP C 396 20.52 -46.52 -5.50
C ASP C 396 19.89 -46.10 -6.82
N SER C 397 20.73 -46.02 -7.85
CA SER C 397 20.33 -45.66 -9.21
C SER C 397 19.69 -44.29 -9.28
N THR C 398 20.13 -43.37 -8.42
CA THR C 398 19.56 -42.03 -8.34
C THR C 398 20.45 -41.03 -9.08
N LEU C 399 19.81 -40.16 -9.85
CA LEU C 399 20.55 -39.21 -10.67
C LEU C 399 21.42 -38.29 -9.82
N LEU C 400 22.68 -38.14 -10.23
CA LEU C 400 23.61 -37.19 -9.63
C LEU C 400 24.15 -36.29 -10.73
N TYR C 401 24.18 -34.98 -10.47
CA TYR C 401 24.59 -34.01 -11.47
C TYR C 401 25.52 -32.98 -10.84
N ASP C 402 26.75 -32.92 -11.31
CA ASP C 402 27.73 -31.95 -10.82
C ASP C 402 27.79 -30.77 -11.78
N ASP C 403 27.71 -29.56 -11.22
CA ASP C 403 27.72 -28.33 -12.01
C ASP C 403 26.69 -28.40 -13.12
N VAL C 404 25.46 -28.76 -12.75
CA VAL C 404 24.41 -28.95 -13.74
C VAL C 404 24.13 -27.63 -14.44
N THR C 405 23.89 -27.72 -15.75
CA THR C 405 23.56 -26.53 -16.53
C THR C 405 22.07 -26.24 -16.45
N GLY C 406 21.69 -25.05 -16.89
CA GLY C 406 20.28 -24.70 -16.93
C GLY C 406 19.48 -25.64 -17.81
N TYR C 407 20.03 -26.00 -18.97
CA TYR C 407 19.35 -26.94 -19.86
C TYR C 407 19.25 -28.32 -19.23
N GLU C 408 20.35 -28.82 -18.68
CA GLU C 408 20.38 -30.17 -18.16
C GLU C 408 19.41 -30.35 -16.99
N PHE C 409 19.40 -29.39 -16.07
CA PHE C 409 18.53 -29.51 -14.90
C PHE C 409 17.06 -29.47 -15.30
N GLU C 410 16.72 -28.65 -16.30
CA GLU C 410 15.35 -28.62 -16.81
C GLU C 410 14.97 -29.94 -17.48
N GLU C 411 15.86 -30.49 -18.30
CA GLU C 411 15.55 -31.75 -18.98
C GLU C 411 15.44 -32.89 -18.00
N PHE C 412 16.30 -32.92 -16.98
CA PHE C 412 16.20 -33.93 -15.95
C PHE C 412 14.86 -33.86 -15.22
N VAL C 413 14.41 -32.64 -14.92
CA VAL C 413 13.14 -32.47 -14.22
C VAL C 413 11.98 -32.91 -15.10
N LYS C 414 12.07 -32.63 -16.40
CA LYS C 414 10.99 -32.99 -17.32
C LYS C 414 10.79 -34.49 -17.39
N LYS C 415 11.86 -35.27 -17.19
CA LYS C 415 11.76 -36.72 -17.27
C LYS C 415 11.49 -37.34 -15.91
N VAL C 416 12.27 -36.96 -14.90
CA VAL C 416 12.12 -37.52 -13.56
C VAL C 416 10.76 -37.17 -12.98
N LYS C 417 10.29 -35.95 -13.25
CA LYS C 417 9.00 -35.44 -12.78
C LYS C 417 8.93 -35.49 -11.25
N PRO C 418 9.74 -34.72 -10.54
CA PRO C 418 9.67 -34.72 -9.08
C PRO C 418 8.46 -33.95 -8.59
N ASP C 419 7.98 -34.35 -7.41
CA ASP C 419 6.92 -33.60 -6.74
C ASP C 419 7.42 -32.30 -6.15
N LEU C 420 8.72 -32.17 -5.94
CA LEU C 420 9.31 -30.97 -5.34
C LEU C 420 10.73 -30.83 -5.83
N ILE C 421 11.18 -29.59 -5.98
CA ILE C 421 12.55 -29.27 -6.36
C ILE C 421 13.11 -28.31 -5.32
N GLY C 422 14.30 -28.61 -4.81
CA GLY C 422 15.00 -27.72 -3.92
C GLY C 422 16.30 -27.21 -4.53
N SER C 423 16.36 -25.92 -4.83
CA SER C 423 17.50 -25.36 -5.53
C SER C 423 17.58 -23.87 -5.23
N GLY C 424 18.35 -23.13 -6.03
CA GLY C 424 18.58 -21.73 -5.80
C GLY C 424 17.53 -20.83 -6.43
N ILE C 425 17.71 -19.52 -6.21
CA ILE C 425 16.79 -18.52 -6.73
C ILE C 425 16.81 -18.45 -8.25
N LYS C 426 17.92 -18.82 -8.88
CA LYS C 426 18.01 -18.79 -10.33
C LYS C 426 17.25 -19.93 -11.00
N GLU C 427 16.82 -20.93 -10.23
CA GLU C 427 16.02 -22.02 -10.74
C GLU C 427 14.60 -22.01 -10.18
N LYS C 428 14.32 -21.16 -9.19
CA LYS C 428 13.02 -21.18 -8.54
C LYS C 428 11.89 -20.91 -9.53
N TYR C 429 12.03 -19.85 -10.33
CA TYR C 429 10.93 -19.43 -11.17
C TYR C 429 10.88 -20.19 -12.49
N ILE C 430 11.94 -20.91 -12.85
CA ILE C 430 11.88 -21.76 -14.04
C ILE C 430 10.92 -22.92 -13.79
N PHE C 431 11.07 -23.60 -12.66
CA PHE C 431 10.29 -24.80 -12.37
C PHE C 431 8.90 -24.47 -11.82
N GLN C 432 8.72 -23.29 -11.23
CA GLN C 432 7.37 -22.87 -10.85
C GLN C 432 6.52 -22.60 -12.08
N LYS C 433 7.14 -22.14 -13.17
CA LYS C 433 6.41 -21.99 -14.43
C LYS C 433 5.99 -23.34 -14.99
N MET C 434 6.78 -24.39 -14.74
CA MET C 434 6.45 -25.73 -15.19
C MET C 434 5.46 -26.44 -14.28
N GLY C 435 5.04 -25.80 -13.18
CA GLY C 435 4.05 -26.37 -12.30
C GLY C 435 4.58 -27.29 -11.23
N ILE C 436 5.87 -27.26 -10.96
CA ILE C 436 6.50 -28.13 -9.95
C ILE C 436 6.77 -27.29 -8.71
N PRO C 437 6.31 -27.71 -7.53
CA PRO C 437 6.62 -26.96 -6.31
C PRO C 437 8.12 -26.81 -6.11
N PHE C 438 8.52 -25.61 -5.70
CA PHE C 438 9.93 -25.28 -5.53
C PHE C 438 10.15 -24.72 -4.12
N ARG C 439 11.22 -25.17 -3.49
CA ARG C 439 11.68 -24.63 -2.22
C ARG C 439 13.14 -24.22 -2.37
N GLN C 440 13.44 -23.00 -1.95
CA GLN C 440 14.83 -22.53 -2.00
C GLN C 440 15.64 -23.22 -0.91
N MET C 441 16.68 -23.93 -1.31
CA MET C 441 17.55 -24.60 -0.36
C MET C 441 18.74 -23.75 0.05
N HIS C 442 18.82 -22.50 -0.42
CA HIS C 442 19.87 -21.57 -0.01
C HIS C 442 19.36 -20.59 1.03
N SER C 443 18.33 -19.83 0.69
CA SER C 443 17.75 -18.83 1.58
C SER C 443 16.59 -19.38 2.38
N TRP C 444 16.28 -20.67 2.27
CA TRP C 444 15.13 -21.31 2.88
C TRP C 444 13.81 -20.67 2.46
N ASP C 445 13.78 -20.06 1.27
CA ASP C 445 12.64 -19.28 0.81
C ASP C 445 12.23 -18.24 1.84
N TYR C 446 13.23 -17.58 2.43
CA TYR C 446 13.08 -16.53 3.44
C TYR C 446 12.32 -17.01 4.67
N SER C 447 12.21 -18.32 4.84
CA SER C 447 11.68 -18.93 6.05
C SER C 447 12.86 -19.49 6.85
N GLY C 448 12.55 -20.29 7.87
CA GLY C 448 13.58 -20.92 8.64
C GLY C 448 13.60 -20.44 10.07
N PRO C 449 14.54 -20.95 10.87
CA PRO C 449 15.63 -21.87 10.51
C PRO C 449 15.14 -23.29 10.21
N TYR C 450 16.00 -24.13 9.64
CA TYR C 450 15.68 -25.54 9.45
C TYR C 450 16.54 -26.45 10.32
N HIS C 451 17.55 -25.91 11.00
CA HIS C 451 18.41 -26.73 11.84
C HIS C 451 17.75 -27.03 13.18
N GLY C 452 18.18 -28.13 13.78
CA GLY C 452 17.71 -28.49 15.10
C GLY C 452 16.25 -28.93 15.10
N PHE C 453 15.73 -29.10 16.32
CA PHE C 453 14.35 -29.55 16.46
C PHE C 453 13.36 -28.43 16.16
N ASP C 454 13.65 -27.21 16.61
CA ASP C 454 12.76 -26.09 16.30
C ASP C 454 12.75 -25.80 14.80
N GLY C 455 13.89 -26.02 14.13
CA GLY C 455 13.93 -25.80 12.69
C GLY C 455 13.21 -26.87 11.89
N PHE C 456 13.06 -28.07 12.47
CA PHE C 456 12.37 -29.14 11.74
C PHE C 456 10.89 -28.86 11.61
N ALA C 457 10.29 -28.22 12.62
CA ALA C 457 8.88 -27.85 12.52
C ALA C 457 8.65 -26.86 11.39
N ILE C 458 9.54 -25.87 11.26
CA ILE C 458 9.45 -24.91 10.17
C ILE C 458 9.68 -25.60 8.83
N PHE C 459 10.63 -26.54 8.79
CA PHE C 459 10.94 -27.24 7.55
C PHE C 459 9.76 -28.07 7.07
N ALA C 460 9.12 -28.80 7.98
CA ALA C 460 7.97 -29.62 7.60
C ALA C 460 6.79 -28.75 7.22
N ARG C 461 6.57 -27.63 7.92
CA ARG C 461 5.52 -26.71 7.56
C ARG C 461 5.76 -26.12 6.17
N ASP C 462 7.01 -25.78 5.87
CA ASP C 462 7.35 -25.17 4.59
C ASP C 462 7.21 -26.16 3.45
N MET C 463 7.69 -27.39 3.63
CA MET C 463 7.55 -28.40 2.59
C MET C 463 6.09 -28.67 2.30
N ASP C 464 5.27 -28.82 3.36
CA ASP C 464 3.85 -29.04 3.17
C ASP C 464 3.17 -27.84 2.52
N MET C 465 3.54 -26.62 2.94
CA MET C 465 2.90 -25.43 2.42
C MET C 465 3.10 -25.31 0.92
N THR C 466 4.31 -25.57 0.43
CA THR C 466 4.58 -25.43 -0.99
C THR C 466 4.12 -26.63 -1.79
N LEU C 467 4.44 -27.84 -1.33
CA LEU C 467 4.11 -29.04 -2.10
C LEU C 467 2.60 -29.21 -2.25
N ASN C 468 1.84 -28.92 -1.20
CA ASN C 468 0.40 -29.09 -1.21
C ASN C 468 -0.36 -27.78 -1.42
N ASN C 469 0.31 -26.77 -1.94
CA ASN C 469 -0.36 -25.49 -2.18
C ASN C 469 -1.42 -25.63 -3.28
N PRO C 470 -2.58 -24.99 -3.12
CA PRO C 470 -3.60 -25.08 -4.17
C PRO C 470 -3.22 -24.46 -5.49
N CYS C 471 -2.20 -23.59 -5.52
CA CYS C 471 -1.84 -22.91 -6.75
C CYS C 471 -1.38 -23.89 -7.83
N TRP C 472 -0.79 -25.01 -7.43
CA TRP C 472 -0.23 -25.97 -8.38
C TRP C 472 -1.29 -26.74 -9.14
N LYS C 473 -2.50 -26.83 -8.60
CA LYS C 473 -3.58 -27.53 -9.28
C LYS C 473 -4.28 -26.67 -10.34
N LYS C 474 -3.91 -25.40 -10.46
CA LYS C 474 -4.60 -24.47 -11.34
C LYS C 474 -3.70 -23.95 -12.46
N LEU C 475 -2.63 -24.68 -12.79
CA LEU C 475 -1.71 -24.22 -13.83
C LEU C 475 -2.37 -24.26 -15.21
N GLN C 476 -3.21 -25.26 -15.45
CA GLN C 476 -3.89 -25.40 -16.73
C GLN C 476 -5.18 -24.61 -16.73
N ALA C 477 -5.41 -23.83 -17.79
CA ALA C 477 -6.67 -23.15 -17.95
C ALA C 477 -7.80 -24.16 -18.17
N PRO C 478 -8.95 -23.98 -17.53
CA PRO C 478 -10.03 -24.98 -17.65
C PRO C 478 -10.54 -25.15 -19.06
N TRP C 479 -10.46 -24.13 -19.90
CA TRP C 479 -10.92 -24.25 -21.29
C TRP C 479 -9.84 -24.82 -22.21
N LYS C 480 -8.67 -25.15 -21.68
CA LYS C 480 -7.59 -25.71 -22.49
C LYS C 480 -7.36 -27.18 -22.15
N VAL D 5 3.21 -27.50 17.67
CA VAL D 5 2.36 -27.36 16.49
C VAL D 5 1.22 -26.39 16.79
N ASP D 6 0.55 -25.96 15.71
CA ASP D 6 -0.52 -24.97 15.72
C ASP D 6 0.01 -23.57 15.97
N ASN D 7 1.28 -23.46 16.35
CA ASN D 7 1.94 -22.16 16.49
C ASN D 7 3.38 -22.22 16.03
N ILE D 8 3.64 -22.86 14.89
CA ILE D 8 5.00 -23.00 14.41
C ILE D 8 5.56 -21.62 14.09
N LYS D 9 6.67 -21.27 14.74
CA LYS D 9 7.21 -19.93 14.67
C LYS D 9 8.40 -19.88 13.73
N PRO D 10 8.37 -19.04 12.68
CA PRO D 10 9.60 -18.78 11.92
C PRO D 10 10.61 -18.00 12.74
N SER D 11 11.71 -17.57 12.11
CA SER D 11 12.84 -17.02 12.85
C SER D 11 12.44 -15.85 13.74
N TYR D 12 11.67 -14.90 13.21
CA TYR D 12 11.43 -13.66 13.97
C TYR D 12 10.70 -13.91 15.29
N PRO D 13 9.57 -14.62 15.33
CA PRO D 13 8.95 -14.88 16.64
C PRO D 13 9.62 -15.98 17.42
N LEU D 14 10.38 -16.88 16.77
CA LEU D 14 11.01 -17.98 17.47
C LEU D 14 12.13 -17.50 18.38
N PHE D 15 13.03 -16.67 17.84
CA PHE D 15 14.21 -16.25 18.60
C PHE D 15 13.90 -15.13 19.59
N ARG D 16 12.66 -14.65 19.62
CA ARG D 16 12.22 -13.75 20.68
C ARG D 16 11.70 -14.51 21.90
N ASP D 17 11.67 -15.84 21.84
CA ASP D 17 11.36 -16.63 23.02
C ASP D 17 12.46 -16.45 24.06
N GLN D 18 12.09 -16.63 25.34
CA GLN D 18 13.00 -16.31 26.42
C GLN D 18 14.25 -17.21 26.40
N ASP D 19 14.09 -18.46 25.99
CA ASP D 19 15.24 -19.36 25.95
C ASP D 19 16.26 -18.92 24.91
N TYR D 20 15.78 -18.40 23.77
CA TYR D 20 16.71 -17.89 22.76
C TYR D 20 17.27 -16.53 23.17
N LYS D 21 16.48 -15.71 23.85
CA LYS D 21 16.98 -14.43 24.35
C LYS D 21 18.09 -14.65 25.37
N ASP D 22 17.92 -15.61 26.28
CA ASP D 22 18.95 -15.91 27.26
C ASP D 22 20.20 -16.45 26.60
N MET D 23 20.04 -17.29 25.58
CA MET D 23 21.20 -17.81 24.86
C MET D 23 21.97 -16.69 24.18
N LEU D 24 21.27 -15.79 23.49
CA LEU D 24 21.94 -14.71 22.78
C LEU D 24 22.62 -13.75 23.75
N ALA D 25 21.99 -13.49 24.90
CA ALA D 25 22.59 -12.63 25.91
C ALA D 25 23.88 -13.24 26.45
N LYS D 26 23.88 -14.54 26.74
CA LYS D 26 25.10 -15.20 27.21
C LYS D 26 26.19 -15.17 26.16
N LYS D 27 25.82 -15.41 24.90
CA LYS D 27 26.81 -15.41 23.82
C LYS D 27 27.44 -14.04 23.66
N ARG D 28 26.63 -12.98 23.72
CA ARG D 28 27.17 -11.62 23.61
C ARG D 28 28.07 -11.28 24.78
N ASP D 29 27.67 -11.64 26.00
CA ASP D 29 28.38 -11.21 27.19
C ASP D 29 29.67 -11.99 27.43
N ASN D 30 29.76 -13.21 26.92
CA ASN D 30 30.89 -14.08 27.24
C ASN D 30 31.92 -14.19 26.12
N PHE D 31 31.51 -14.09 24.86
CA PHE D 31 32.43 -14.41 23.77
C PHE D 31 32.53 -13.29 22.75
N GLU D 32 31.44 -12.58 22.50
CA GLU D 32 31.42 -11.59 21.42
C GLU D 32 32.30 -10.38 21.73
N GLU D 33 32.61 -10.13 23.00
CA GLU D 33 33.43 -8.99 23.41
C GLU D 33 32.87 -7.69 22.84
N LYS D 34 31.55 -7.56 22.91
CA LYS D 34 30.86 -6.44 22.29
C LYS D 34 31.14 -5.13 23.00
N HIS D 35 31.09 -4.04 22.24
CA HIS D 35 31.17 -2.72 22.85
C HIS D 35 29.99 -2.53 23.79
N PRO D 36 30.17 -1.84 24.91
CA PRO D 36 29.06 -1.62 25.83
C PRO D 36 27.93 -0.87 25.14
N GLN D 37 26.70 -1.20 25.53
CA GLN D 37 25.52 -0.63 24.89
C GLN D 37 25.48 0.89 25.01
N GLU D 38 26.03 1.43 26.11
CA GLU D 38 26.10 2.89 26.24
C GLU D 38 26.99 3.50 25.16
N LYS D 39 28.13 2.88 24.88
CA LYS D 39 29.00 3.38 23.82
C LYS D 39 28.33 3.22 22.47
N ILE D 40 27.63 2.11 22.25
CA ILE D 40 26.94 1.89 20.98
C ILE D 40 25.86 2.95 20.78
N ASP D 41 25.09 3.23 21.83
CA ASP D 41 24.06 4.26 21.75
C ASP D 41 24.67 5.63 21.49
N GLU D 42 25.79 5.94 22.16
CA GLU D 42 26.44 7.22 21.97
C GLU D 42 26.95 7.39 20.54
N VAL D 43 27.53 6.33 19.98
CA VAL D 43 28.04 6.40 18.61
C VAL D 43 26.90 6.56 17.61
N PHE D 44 25.80 5.82 17.82
CA PHE D 44 24.66 5.94 16.92
C PHE D 44 24.09 7.34 16.96
N GLN D 45 23.95 7.92 18.15
CA GLN D 45 23.50 9.30 18.26
C GLN D 45 24.44 10.24 17.53
N TRP D 46 25.74 9.96 17.60
CA TRP D 46 26.72 10.79 16.88
C TRP D 46 26.53 10.69 15.37
N THR D 47 26.20 9.50 14.86
CA THR D 47 26.08 9.33 13.41
C THR D 47 24.85 10.01 12.85
N THR D 48 23.94 10.51 13.68
CA THR D 48 22.75 11.22 13.21
C THR D 48 22.92 12.73 13.23
N THR D 49 24.08 13.25 13.61
CA THR D 49 24.28 14.68 13.80
C THR D 49 24.85 15.33 12.55
N GLU D 50 24.86 16.67 12.56
CA GLU D 50 25.43 17.42 11.45
C GLU D 50 26.94 17.26 11.39
N GLU D 51 27.60 17.13 12.54
CA GLU D 51 29.04 16.94 12.55
C GLU D 51 29.43 15.64 11.86
N TYR D 52 28.67 14.56 12.13
CA TYR D 52 28.91 13.32 11.41
C TYR D 52 28.61 13.48 9.93
N GLN D 53 27.56 14.22 9.57
CA GLN D 53 27.21 14.40 8.17
C GLN D 53 28.32 15.11 7.42
N GLU D 54 28.96 16.11 8.05
CA GLU D 54 30.07 16.80 7.40
C GLU D 54 31.23 15.84 7.14
N LEU D 55 31.57 15.00 8.11
CA LEU D 55 32.58 13.98 7.88
C LEU D 55 32.10 12.96 6.85
N ASN D 56 30.80 12.64 6.88
CA ASN D 56 30.23 11.68 5.94
C ASN D 56 30.33 12.18 4.51
N PHE D 57 30.13 13.48 4.28
CA PHE D 57 30.18 14.05 2.95
C PHE D 57 31.58 14.46 2.53
N GLN D 58 32.56 14.32 3.40
CA GLN D 58 33.95 14.64 3.06
C GLN D 58 34.70 13.45 2.48
N ARG D 59 34.15 12.24 2.52
CA ARG D 59 34.90 11.10 2.03
C ARG D 59 34.97 11.11 0.50
N GLU D 60 36.10 10.64 -0.01
CA GLU D 60 36.33 10.59 -1.45
C GLU D 60 36.74 9.22 -1.95
N ALA D 61 37.04 8.27 -1.07
CA ALA D 61 37.46 6.93 -1.46
C ALA D 61 36.48 5.84 -1.06
N LEU D 62 35.75 6.02 0.03
CA LEU D 62 34.85 5.00 0.56
C LEU D 62 33.43 5.26 0.10
N THR D 63 32.81 4.24 -0.48
CA THR D 63 31.38 4.27 -0.82
C THR D 63 30.66 3.29 0.10
N VAL D 64 29.58 3.77 0.73
CA VAL D 64 28.82 2.98 1.68
C VAL D 64 27.38 2.91 1.19
N ASN D 65 26.90 1.70 0.93
CA ASN D 65 25.54 1.45 0.44
C ASN D 65 25.26 2.26 -0.82
N PRO D 66 25.93 1.98 -1.94
CA PRO D 66 25.66 2.72 -3.16
C PRO D 66 24.24 2.46 -3.67
N ALA D 67 23.77 3.38 -4.50
CA ALA D 67 22.46 3.29 -5.12
C ALA D 67 22.60 3.09 -6.63
N LYS D 68 23.51 2.20 -7.02
CA LYS D 68 23.78 1.92 -8.42
C LYS D 68 24.33 0.51 -8.56
N ALA D 69 24.25 0.00 -9.78
CA ALA D 69 24.83 -1.28 -10.15
C ALA D 69 25.90 -1.03 -11.22
N CYS D 70 26.45 -2.11 -11.75
CA CYS D 70 27.51 -2.03 -12.74
C CYS D 70 26.97 -2.23 -14.14
N GLN D 71 27.77 -1.81 -15.13
CA GLN D 71 27.34 -1.77 -16.52
C GLN D 71 26.75 -3.06 -17.07
N PRO D 72 27.36 -4.24 -16.89
CA PRO D 72 26.81 -5.43 -17.55
C PRO D 72 25.40 -5.79 -17.12
N LEU D 73 24.97 -5.38 -15.93
CA LEU D 73 23.58 -5.62 -15.53
C LEU D 73 22.61 -4.90 -16.46
N GLY D 74 22.90 -3.64 -16.78
CA GLY D 74 22.07 -2.92 -17.74
C GLY D 74 22.13 -3.51 -19.13
N ALA D 75 23.31 -4.01 -19.52
CA ALA D 75 23.45 -4.65 -20.82
C ALA D 75 22.60 -5.92 -20.90
N VAL D 76 22.52 -6.68 -19.81
CA VAL D 76 21.71 -7.89 -19.80
C VAL D 76 20.23 -7.54 -19.97
N LEU D 77 19.76 -6.52 -19.26
CA LEU D 77 18.37 -6.11 -19.38
C LEU D 77 18.04 -5.65 -20.79
N CYS D 78 18.95 -4.90 -21.41
CA CYS D 78 18.73 -4.47 -22.79
C CYS D 78 18.69 -5.66 -23.74
N SER D 79 19.60 -6.62 -23.56
CA SER D 79 19.60 -7.81 -24.41
C SER D 79 18.31 -8.59 -24.26
N LEU D 80 17.78 -8.67 -23.04
CA LEU D 80 16.52 -9.39 -22.80
C LEU D 80 15.35 -8.74 -23.54
N GLY D 81 15.50 -7.51 -24.00
CA GLY D 81 14.45 -6.83 -24.74
C GLY D 81 14.35 -7.20 -26.21
N PHE D 82 15.19 -8.10 -26.70
CA PHE D 82 15.17 -8.46 -28.11
C PHE D 82 14.74 -9.92 -28.27
N GLU D 83 14.07 -10.19 -29.39
CA GLU D 83 13.39 -11.46 -29.58
C GLU D 83 14.38 -12.61 -29.63
N LYS D 84 14.15 -13.60 -28.76
CA LYS D 84 14.94 -14.83 -28.72
C LYS D 84 16.44 -14.53 -28.63
N THR D 85 16.78 -13.54 -27.82
CA THR D 85 18.15 -13.08 -27.67
C THR D 85 18.68 -13.57 -26.33
N MET D 86 19.86 -14.19 -26.36
CA MET D 86 20.50 -14.64 -25.13
C MET D 86 21.51 -13.60 -24.68
N PRO D 87 21.33 -12.99 -23.51
CA PRO D 87 22.40 -12.15 -22.97
C PRO D 87 23.64 -12.99 -22.69
N TYR D 88 24.78 -12.49 -23.14
CA TYR D 88 26.05 -13.22 -23.09
C TYR D 88 27.08 -12.26 -22.54
N VAL D 89 27.58 -12.53 -21.35
CA VAL D 89 28.55 -11.65 -20.70
C VAL D 89 29.91 -12.33 -20.79
N HIS D 90 30.74 -11.85 -21.70
CA HIS D 90 32.13 -12.27 -21.84
C HIS D 90 32.92 -11.88 -20.59
N GLY D 91 33.34 -12.86 -19.83
CA GLY D 91 34.06 -12.61 -18.60
C GLY D 91 33.83 -13.73 -17.60
N SER D 92 34.01 -13.38 -16.33
CA SER D 92 33.91 -14.36 -15.25
C SER D 92 32.45 -14.69 -14.93
N GLN D 93 32.21 -15.93 -14.53
CA GLN D 93 30.85 -16.41 -14.36
C GLN D 93 30.19 -15.87 -13.10
N GLY D 94 30.98 -15.42 -12.13
CA GLY D 94 30.39 -14.88 -10.91
C GLY D 94 29.53 -13.66 -11.15
N CYS D 95 29.89 -12.86 -12.15
CA CYS D 95 29.08 -11.70 -12.50
C CYS D 95 27.70 -12.11 -12.99
N VAL D 96 27.62 -13.11 -13.86
CA VAL D 96 26.34 -13.52 -14.42
C VAL D 96 25.45 -14.12 -13.34
N ALA D 97 26.03 -14.89 -12.42
CA ALA D 97 25.24 -15.41 -11.31
C ALA D 97 24.63 -14.28 -10.49
N TYR D 98 25.39 -13.21 -10.29
CA TYR D 98 24.87 -12.06 -9.56
C TYR D 98 23.83 -11.31 -10.38
N PHE D 99 24.08 -11.14 -11.69
CA PHE D 99 23.11 -10.43 -12.54
C PHE D 99 21.78 -11.16 -12.56
N ARG D 100 21.81 -12.47 -12.78
CA ARG D 100 20.57 -13.25 -12.82
C ARG D 100 19.85 -13.21 -11.48
N THR D 101 20.60 -13.40 -10.39
CA THR D 101 19.99 -13.37 -9.06
C THR D 101 19.38 -12.01 -8.76
N TYR D 102 20.07 -10.93 -9.13
CA TYR D 102 19.57 -9.59 -8.91
C TYR D 102 18.23 -9.38 -9.61
N PHE D 103 18.14 -9.79 -10.88
CA PHE D 103 16.90 -9.65 -11.62
C PHE D 103 15.86 -10.67 -11.18
N ASN D 104 16.30 -11.86 -10.74
CA ASN D 104 15.38 -12.85 -10.21
C ASN D 104 14.61 -12.30 -9.02
N ARG D 105 15.30 -11.62 -8.11
CA ARG D 105 14.67 -11.15 -6.89
C ARG D 105 13.76 -9.95 -7.13
N HIS D 106 14.04 -9.16 -8.16
CA HIS D 106 13.21 -8.00 -8.44
C HIS D 106 11.97 -8.37 -9.24
N PHE D 107 12.14 -9.11 -10.33
CA PHE D 107 11.04 -9.46 -11.20
C PHE D 107 10.29 -10.71 -10.78
N LYS D 108 10.86 -11.52 -9.88
CA LYS D 108 10.31 -12.82 -9.49
C LYS D 108 10.07 -13.69 -10.72
N GLU D 109 11.00 -13.63 -11.66
CA GLU D 109 10.89 -14.28 -12.95
C GLU D 109 12.21 -14.93 -13.29
N PRO D 110 12.20 -15.96 -14.14
CA PRO D 110 13.46 -16.50 -14.65
C PRO D 110 14.19 -15.45 -15.48
N ILE D 111 15.51 -15.43 -15.36
CA ILE D 111 16.35 -14.50 -16.10
C ILE D 111 17.41 -15.32 -16.82
N SER D 112 17.39 -15.28 -18.15
CA SER D 112 18.32 -16.05 -18.96
C SER D 112 19.53 -15.19 -19.28
N CYS D 113 20.72 -15.71 -18.96
CA CYS D 113 21.97 -15.02 -19.22
C CYS D 113 23.10 -16.01 -19.04
N VAL D 114 24.06 -15.99 -19.95
CA VAL D 114 25.15 -16.96 -19.94
C VAL D 114 26.48 -16.22 -19.80
N SER D 115 27.44 -16.94 -19.24
CA SER D 115 28.82 -16.50 -19.18
C SER D 115 29.69 -17.52 -19.90
N ASP D 116 30.85 -17.08 -20.37
CA ASP D 116 31.82 -18.00 -20.93
C ASP D 116 32.87 -18.41 -19.92
N SER D 117 32.68 -18.06 -18.64
CA SER D 117 33.44 -18.63 -17.53
C SER D 117 34.94 -18.41 -17.69
N MET D 118 35.32 -17.16 -17.89
CA MET D 118 36.73 -16.81 -17.96
C MET D 118 37.37 -17.00 -16.59
N THR D 119 38.53 -17.65 -16.57
CA THR D 119 39.20 -18.00 -15.33
C THR D 119 40.63 -17.47 -15.31
N GLU D 120 41.43 -17.92 -14.34
CA GLU D 120 42.80 -17.45 -14.22
C GLU D 120 43.61 -17.72 -15.49
N ASP D 121 43.27 -18.77 -16.23
CA ASP D 121 43.94 -19.04 -17.49
C ASP D 121 43.72 -17.92 -18.49
N ALA D 122 42.48 -17.41 -18.58
CA ALA D 122 42.18 -16.33 -19.50
C ALA D 122 42.73 -14.99 -19.02
N ALA D 123 43.12 -14.89 -17.75
CA ALA D 123 43.72 -13.66 -17.25
C ALA D 123 45.08 -13.39 -17.90
N VAL D 124 45.71 -14.41 -18.45
CA VAL D 124 47.02 -14.28 -19.08
C VAL D 124 46.91 -14.34 -20.60
N PHE D 125 46.20 -15.34 -21.12
CA PHE D 125 46.14 -15.58 -22.56
C PHE D 125 44.94 -14.91 -23.23
N GLY D 126 44.05 -14.28 -22.47
CA GLY D 126 42.85 -13.69 -23.02
C GLY D 126 41.69 -14.67 -23.04
N GLY D 127 40.51 -14.13 -23.33
CA GLY D 127 39.29 -14.91 -23.32
C GLY D 127 38.80 -15.33 -24.69
N GLN D 128 39.72 -15.42 -25.65
CA GLN D 128 39.33 -15.76 -27.02
C GLN D 128 38.74 -17.17 -27.10
N GLN D 129 39.40 -18.14 -26.45
CA GLN D 129 38.89 -19.51 -26.48
C GLN D 129 37.55 -19.61 -25.75
N ASN D 130 37.39 -18.87 -24.66
CA ASN D 130 36.10 -18.84 -23.97
C ASN D 130 35.01 -18.29 -24.87
N MET D 131 35.33 -17.28 -25.68
CA MET D 131 34.34 -16.72 -26.60
C MET D 131 33.97 -17.72 -27.68
N LYS D 132 34.95 -18.42 -28.24
CA LYS D 132 34.66 -19.38 -29.30
C LYS D 132 33.82 -20.54 -28.78
N ASP D 133 34.22 -21.11 -27.64
CA ASP D 133 33.46 -22.21 -27.06
C ASP D 133 32.11 -21.74 -26.54
N GLY D 134 32.08 -20.56 -25.92
CA GLY D 134 30.85 -20.08 -25.32
C GLY D 134 29.77 -19.77 -26.33
N LEU D 135 30.15 -19.12 -27.44
CA LEU D 135 29.17 -18.81 -28.48
C LEU D 135 28.64 -20.08 -29.12
N GLN D 136 29.52 -21.05 -29.38
CA GLN D 136 29.09 -22.32 -29.96
C GLN D 136 28.17 -23.07 -29.00
N ASN D 137 28.54 -23.13 -27.72
CA ASN D 137 27.72 -23.85 -26.76
C ASN D 137 26.38 -23.17 -26.54
N CYS D 138 26.38 -21.84 -26.43
CA CYS D 138 25.14 -21.11 -26.18
C CYS D 138 24.17 -21.29 -27.33
N LYS D 139 24.66 -21.19 -28.57
CA LYS D 139 23.79 -21.37 -29.73
C LYS D 139 23.27 -22.80 -29.80
N ALA D 140 24.13 -23.79 -29.54
CA ALA D 140 23.71 -25.18 -29.68
C ALA D 140 22.73 -25.60 -28.59
N ILE D 141 22.88 -25.06 -27.39
CA ILE D 141 22.10 -25.52 -26.25
C ILE D 141 20.77 -24.77 -26.13
N TYR D 142 20.81 -23.44 -26.14
CA TYR D 142 19.62 -22.64 -25.92
C TYR D 142 18.99 -22.12 -27.20
N LYS D 143 19.64 -22.34 -28.34
CA LYS D 143 19.15 -21.99 -29.67
C LYS D 143 18.54 -20.57 -29.74
N PRO D 144 19.33 -19.54 -29.45
CA PRO D 144 18.83 -18.18 -29.62
C PRO D 144 18.91 -17.75 -31.07
N ASP D 145 18.06 -16.78 -31.41
CA ASP D 145 18.17 -16.12 -32.72
C ASP D 145 19.32 -15.12 -32.76
N MET D 146 19.79 -14.69 -31.59
CA MET D 146 20.80 -13.64 -31.51
C MET D 146 21.49 -13.75 -30.15
N ILE D 147 22.79 -13.51 -30.15
CA ILE D 147 23.59 -13.51 -28.93
C ILE D 147 24.18 -12.12 -28.76
N ALA D 148 23.78 -11.43 -27.69
CA ALA D 148 24.27 -10.08 -27.40
C ALA D 148 25.39 -10.19 -26.37
N VAL D 149 26.58 -9.71 -26.73
CA VAL D 149 27.78 -9.90 -25.93
C VAL D 149 28.10 -8.61 -25.20
N SER D 150 28.20 -8.69 -23.88
CA SER D 150 28.73 -7.63 -23.03
C SER D 150 29.99 -8.17 -22.34
N THR D 151 30.55 -7.38 -21.42
CA THR D 151 31.80 -7.74 -20.77
C THR D 151 31.70 -7.53 -19.27
N THR D 152 32.34 -8.42 -18.53
CA THR D 152 32.62 -8.19 -17.11
C THR D 152 33.89 -7.35 -16.99
N CYS D 153 34.15 -6.87 -15.77
CA CYS D 153 35.30 -6.00 -15.55
C CYS D 153 36.61 -6.73 -15.82
N MET D 154 36.65 -8.04 -15.59
CA MET D 154 37.87 -8.80 -15.86
C MET D 154 38.24 -8.75 -17.34
N ALA D 155 37.26 -8.96 -18.22
CA ALA D 155 37.53 -8.92 -19.64
C ALA D 155 37.95 -7.52 -20.10
N GLU D 156 37.36 -6.49 -19.49
CA GLU D 156 37.71 -5.12 -19.85
C GLU D 156 39.11 -4.76 -19.38
N VAL D 157 39.49 -5.19 -18.17
CA VAL D 157 40.80 -4.86 -17.63
C VAL D 157 41.91 -5.50 -18.47
N ILE D 158 41.73 -6.76 -18.88
CA ILE D 158 42.74 -7.42 -19.71
C ILE D 158 42.65 -7.01 -21.17
N GLY D 159 41.71 -6.14 -21.52
CA GLY D 159 41.64 -5.61 -22.86
C GLY D 159 41.24 -6.60 -23.94
N ASP D 160 40.28 -7.46 -23.66
CA ASP D 160 39.81 -8.40 -24.67
C ASP D 160 39.07 -7.67 -25.79
N ASP D 161 39.40 -8.01 -27.02
CA ASP D 161 38.77 -7.40 -28.20
C ASP D 161 37.54 -8.21 -28.55
N LEU D 162 36.36 -7.67 -28.21
CA LEU D 162 35.11 -8.36 -28.52
C LEU D 162 34.94 -8.55 -30.02
N ASN D 163 35.20 -7.50 -30.79
CA ASN D 163 35.00 -7.58 -32.24
C ASN D 163 35.90 -8.64 -32.85
N ALA D 164 37.18 -8.64 -32.50
CA ALA D 164 38.11 -9.63 -33.05
C ALA D 164 37.74 -11.04 -32.58
N PHE D 165 37.35 -11.19 -31.33
CA PHE D 165 37.02 -12.52 -30.81
C PHE D 165 35.79 -13.09 -31.50
N ILE D 166 34.76 -12.28 -31.69
CA ILE D 166 33.55 -12.76 -32.35
C ILE D 166 33.81 -13.02 -33.83
N ASN D 167 34.63 -12.18 -34.47
CA ASN D 167 34.99 -12.42 -35.86
C ASN D 167 35.76 -13.72 -36.02
N ASN D 168 36.67 -14.01 -35.08
CA ASN D 168 37.43 -15.26 -35.15
C ASN D 168 36.54 -16.47 -34.87
N SER D 169 35.52 -16.30 -34.02
CA SER D 169 34.58 -17.38 -33.80
C SER D 169 33.81 -17.73 -35.06
N LYS D 170 33.44 -16.71 -35.85
CA LYS D 170 32.73 -16.95 -37.10
C LYS D 170 33.65 -17.49 -38.18
N LYS D 171 34.91 -17.05 -38.20
CA LYS D 171 35.82 -17.50 -39.25
C LYS D 171 36.20 -18.96 -39.06
N GLU D 172 36.32 -19.40 -37.81
CA GLU D 172 36.73 -20.77 -37.50
C GLU D 172 35.54 -21.71 -37.37
N GLY D 173 34.33 -21.25 -37.64
CA GLY D 173 33.18 -22.12 -37.74
C GLY D 173 32.48 -22.45 -36.44
N HIS D 174 32.84 -21.79 -35.33
CA HIS D 174 32.14 -22.04 -34.08
C HIS D 174 30.71 -21.53 -34.13
N ILE D 175 30.46 -20.48 -34.91
CA ILE D 175 29.11 -20.00 -35.16
C ILE D 175 29.00 -19.59 -36.62
N PRO D 176 27.78 -19.66 -37.17
CA PRO D 176 27.59 -19.25 -38.56
C PRO D 176 27.93 -17.77 -38.76
N ASP D 177 28.44 -17.46 -39.95
CA ASP D 177 28.83 -16.08 -40.25
C ASP D 177 27.63 -15.14 -40.19
N GLU D 178 26.45 -15.63 -40.58
CA GLU D 178 25.26 -14.79 -40.62
C GLU D 178 24.55 -14.69 -39.27
N PHE D 179 24.98 -15.45 -38.27
CA PHE D 179 24.31 -15.41 -36.97
C PHE D 179 24.59 -14.07 -36.29
N PRO D 180 23.56 -13.31 -35.93
CA PRO D 180 23.80 -11.97 -35.37
C PRO D 180 24.40 -12.05 -33.97
N VAL D 181 25.59 -11.49 -33.82
CA VAL D 181 26.26 -11.41 -32.53
C VAL D 181 26.63 -9.95 -32.26
N PRO D 182 25.68 -9.09 -31.92
CA PRO D 182 26.04 -7.73 -31.52
C PRO D 182 26.81 -7.75 -30.20
N PHE D 183 27.70 -6.79 -30.05
CA PHE D 183 28.55 -6.73 -28.87
C PHE D 183 28.65 -5.29 -28.39
N ALA D 184 28.96 -5.14 -27.10
CA ALA D 184 29.22 -3.84 -26.51
C ALA D 184 30.20 -4.01 -25.36
N HIS D 185 31.21 -3.15 -25.32
CA HIS D 185 32.10 -3.10 -24.17
C HIS D 185 31.39 -2.37 -23.03
N THR D 186 31.24 -3.05 -21.91
CA THR D 186 30.46 -2.53 -20.77
C THR D 186 31.31 -2.58 -19.51
N PRO D 187 32.31 -1.70 -19.41
CA PRO D 187 33.20 -1.72 -18.23
C PRO D 187 32.46 -1.26 -16.98
N SER D 188 32.55 -2.07 -15.92
CA SER D 188 31.83 -1.79 -14.70
C SER D 188 32.46 -0.67 -13.88
N PHE D 189 33.68 -0.26 -14.19
CA PHE D 189 34.32 0.87 -13.55
C PHE D 189 34.03 2.19 -14.26
N VAL D 190 33.11 2.18 -15.22
CA VAL D 190 32.66 3.39 -15.91
C VAL D 190 31.15 3.46 -15.78
N GLY D 191 30.65 4.63 -15.38
CA GLY D 191 29.21 4.84 -15.30
C GLY D 191 28.54 3.91 -14.31
N SER D 192 27.40 3.35 -14.72
CA SER D 192 26.62 2.46 -13.87
C SER D 192 25.88 1.47 -14.75
N HIS D 193 24.87 0.81 -14.19
CA HIS D 193 24.10 -0.15 -14.96
C HIS D 193 23.36 0.51 -16.13
N VAL D 194 22.88 1.73 -15.93
CA VAL D 194 22.18 2.42 -17.03
C VAL D 194 23.15 2.74 -18.15
N THR D 195 24.43 2.94 -17.85
CA THR D 195 25.44 3.10 -18.90
C THR D 195 25.60 1.81 -19.69
N GLY D 196 25.55 0.67 -19.02
CA GLY D 196 25.64 -0.60 -19.73
C GLY D 196 24.46 -0.83 -20.65
N TRP D 197 23.26 -0.44 -20.23
CA TRP D 197 22.10 -0.52 -21.10
C TRP D 197 22.30 0.33 -22.35
N ASP D 198 22.78 1.56 -22.16
CA ASP D 198 23.03 2.46 -23.28
C ASP D 198 24.07 1.90 -24.23
N ASN D 199 25.16 1.36 -23.68
CA ASN D 199 26.20 0.78 -24.52
C ASN D 199 25.69 -0.45 -25.26
N MET D 200 24.93 -1.31 -24.57
CA MET D 200 24.42 -2.52 -25.20
C MET D 200 23.46 -2.18 -26.33
N PHE D 201 22.55 -1.24 -26.10
CA PHE D 201 21.60 -0.86 -27.15
C PHE D 201 22.32 -0.25 -28.34
N GLU D 202 23.31 0.62 -28.08
CA GLU D 202 24.07 1.22 -29.17
C GLU D 202 24.83 0.16 -29.95
N GLY D 203 25.34 -0.86 -29.24
CA GLY D 203 26.00 -1.95 -29.93
C GLY D 203 25.08 -2.76 -30.82
N ILE D 204 23.86 -3.02 -30.34
CA ILE D 204 22.90 -3.78 -31.13
C ILE D 204 22.41 -2.97 -32.31
N ALA D 205 22.09 -1.69 -32.09
CA ALA D 205 21.66 -0.83 -33.18
C ALA D 205 22.76 -0.65 -34.22
N ARG D 206 24.00 -0.48 -33.76
CA ARG D 206 25.13 -0.36 -34.68
C ARG D 206 25.35 -1.65 -35.45
N TYR D 207 25.14 -2.78 -34.79
CA TYR D 207 25.36 -4.07 -35.46
C TYR D 207 24.43 -4.27 -36.64
N PHE D 208 23.18 -3.82 -36.51
CA PHE D 208 22.16 -4.12 -37.51
C PHE D 208 22.00 -3.02 -38.55
N THR D 209 22.47 -1.81 -38.30
CA THR D 209 22.16 -0.68 -39.17
C THR D 209 23.37 0.10 -39.68
N LEU D 210 24.54 0.01 -39.04
CA LEU D 210 25.64 0.90 -39.38
C LEU D 210 26.10 0.69 -40.82
N ASN D 211 26.21 -0.55 -41.25
CA ASN D 211 26.70 -0.87 -42.59
C ASN D 211 25.58 -1.05 -43.60
N TYR D 212 24.36 -0.61 -43.29
CA TYR D 212 23.21 -0.78 -44.16
C TYR D 212 22.41 0.51 -44.29
N MET D 213 23.08 1.65 -44.16
CA MET D 213 22.43 2.95 -44.22
C MET D 213 22.13 3.41 -45.64
N GLU D 214 22.68 2.74 -46.65
CA GLU D 214 22.58 3.22 -48.03
C GLU D 214 21.14 3.23 -48.52
N ASP D 215 20.38 2.18 -48.25
CA ASP D 215 19.01 2.08 -48.73
C ASP D 215 17.99 2.62 -47.74
N LYS D 216 18.43 3.21 -46.63
CA LYS D 216 17.52 3.74 -45.63
C LYS D 216 17.05 5.14 -46.00
N GLU D 217 15.77 5.40 -45.75
CA GLU D 217 15.17 6.70 -45.93
C GLU D 217 14.40 7.05 -44.66
N VAL D 218 14.66 8.25 -44.12
CA VAL D 218 13.99 8.65 -42.88
C VAL D 218 12.51 8.83 -43.13
N GLY D 219 11.69 8.18 -42.31
CA GLY D 219 10.25 8.28 -42.43
C GLY D 219 9.61 7.40 -43.47
N SER D 220 10.37 6.49 -44.09
CA SER D 220 9.81 5.69 -45.17
C SER D 220 8.88 4.59 -44.65
N ASN D 221 9.06 4.14 -43.41
CA ASN D 221 8.14 3.16 -42.83
C ASN D 221 7.04 3.81 -41.98
N GLY D 222 7.05 5.14 -41.85
CA GLY D 222 5.98 5.84 -41.17
C GLY D 222 5.81 5.55 -39.70
N LYS D 223 6.84 5.04 -39.04
CA LYS D 223 6.77 4.69 -37.62
C LYS D 223 7.59 5.65 -36.78
N ILE D 224 7.48 5.49 -35.47
CA ILE D 224 8.31 6.22 -34.51
C ILE D 224 9.01 5.19 -33.63
N ASN D 225 10.34 5.26 -33.59
CA ASN D 225 11.09 4.41 -32.68
C ASN D 225 10.96 4.90 -31.25
N ILE D 226 10.84 3.96 -30.32
CA ILE D 226 10.82 4.26 -28.89
C ILE D 226 11.95 3.46 -28.26
N VAL D 227 12.90 4.15 -27.63
CA VAL D 227 13.98 3.52 -26.88
C VAL D 227 13.71 3.78 -25.40
N PRO D 228 13.37 2.75 -24.63
CA PRO D 228 12.99 2.99 -23.23
C PRO D 228 14.17 3.17 -22.29
N GLY D 229 15.29 2.53 -22.59
CA GLY D 229 16.39 2.49 -21.66
C GLY D 229 16.19 1.43 -20.59
N PHE D 230 17.05 1.50 -19.57
CA PHE D 230 16.96 0.60 -18.43
C PHE D 230 15.64 0.83 -17.70
N GLU D 231 14.71 -0.11 -17.84
CA GLU D 231 13.38 0.05 -17.29
C GLU D 231 12.98 -1.27 -16.63
N THR D 232 12.64 -1.21 -15.35
CA THR D 232 12.31 -2.39 -14.58
C THR D 232 10.85 -2.41 -14.13
N TYR D 233 10.03 -1.52 -14.67
CA TYR D 233 8.59 -1.54 -14.46
C TYR D 233 7.92 -2.03 -15.73
N LEU D 234 7.24 -3.18 -15.64
CA LEU D 234 6.53 -3.72 -16.80
C LEU D 234 5.45 -2.78 -17.28
N GLY D 235 4.80 -2.06 -16.36
CA GLY D 235 3.75 -1.14 -16.75
C GLY D 235 4.25 0.03 -17.56
N ASN D 236 5.54 0.35 -17.46
CA ASN D 236 6.10 1.44 -18.26
C ASN D 236 6.19 1.05 -19.73
N PHE D 237 6.59 -0.19 -20.02
CA PHE D 237 6.52 -0.67 -21.39
C PHE D 237 5.08 -0.75 -21.87
N ARG D 238 4.17 -1.17 -20.98
CA ARG D 238 2.77 -1.33 -21.37
C ARG D 238 2.10 0.02 -21.63
N VAL D 239 2.40 1.02 -20.79
CA VAL D 239 1.72 2.31 -20.91
C VAL D 239 2.16 3.02 -22.19
N ILE D 240 3.42 2.87 -22.59
CA ILE D 240 3.89 3.51 -23.80
C ILE D 240 3.22 2.88 -25.03
N LYS D 241 3.15 1.54 -25.05
CA LYS D 241 2.46 0.86 -26.13
C LYS D 241 0.99 1.25 -26.18
N ARG D 242 0.33 1.28 -25.02
CA ARG D 242 -1.08 1.59 -24.96
C ARG D 242 -1.36 3.01 -25.45
N MET D 243 -0.54 3.97 -25.03
CA MET D 243 -0.73 5.35 -25.44
C MET D 243 -0.51 5.52 -26.94
N MET D 244 0.50 4.84 -27.50
CA MET D 244 0.72 4.92 -28.94
C MET D 244 -0.41 4.26 -29.71
N ASN D 245 -0.95 3.16 -29.18
CA ASN D 245 -2.05 2.48 -29.87
C ASN D 245 -3.30 3.34 -29.90
N GLU D 246 -3.63 4.00 -28.80
CA GLU D 246 -4.84 4.82 -28.78
C GLU D 246 -4.66 6.12 -29.56
N MET D 247 -3.42 6.55 -29.80
CA MET D 247 -3.18 7.63 -30.75
C MET D 247 -3.11 7.15 -32.19
N ASN D 248 -3.22 5.84 -32.41
CA ASN D 248 -3.09 5.25 -33.75
C ASN D 248 -1.77 5.64 -34.39
N VAL D 249 -0.71 5.66 -33.58
CA VAL D 249 0.63 6.00 -34.03
C VAL D 249 1.41 4.71 -34.21
N ASP D 250 1.85 4.45 -35.43
CA ASP D 250 2.71 3.30 -35.66
C ASP D 250 4.05 3.51 -34.98
N TYR D 251 4.48 2.53 -34.20
CA TYR D 251 5.67 2.68 -33.37
C TYR D 251 6.46 1.38 -33.40
N THR D 252 7.73 1.50 -33.01
CA THR D 252 8.62 0.36 -32.83
C THR D 252 9.34 0.53 -31.50
N LEU D 253 8.96 -0.28 -30.51
CA LEU D 253 9.62 -0.26 -29.21
C LEU D 253 10.86 -1.14 -29.28
N LEU D 254 12.01 -0.52 -29.41
CA LEU D 254 13.27 -1.25 -29.49
C LEU D 254 13.75 -1.60 -28.08
N SER D 255 14.19 -2.85 -27.90
CA SER D 255 14.50 -3.42 -26.59
C SER D 255 13.26 -3.42 -25.70
N ASP D 256 12.31 -4.28 -26.09
CA ASP D 256 11.07 -4.51 -25.38
C ASP D 256 11.13 -5.83 -24.61
N PRO D 257 11.55 -5.82 -23.35
CA PRO D 257 11.58 -7.05 -22.54
C PRO D 257 10.30 -7.35 -21.78
N GLU D 258 9.20 -6.70 -22.13
CA GLU D 258 7.96 -6.83 -21.36
C GLU D 258 7.46 -8.27 -21.32
N GLU D 259 7.46 -8.96 -22.45
CA GLU D 259 6.88 -10.30 -22.50
C GLU D 259 7.76 -11.32 -21.77
N VAL D 260 9.08 -11.25 -21.98
CA VAL D 260 9.96 -12.25 -21.39
C VAL D 260 10.10 -12.07 -19.89
N LEU D 261 9.82 -10.88 -19.37
CA LEU D 261 9.85 -10.65 -17.94
C LEU D 261 8.51 -10.88 -17.27
N ASP D 262 7.49 -11.27 -18.03
CA ASP D 262 6.16 -11.52 -17.48
C ASP D 262 5.51 -12.72 -18.13
N THR D 263 6.26 -13.81 -18.31
CA THR D 263 5.68 -14.99 -18.93
C THR D 263 4.65 -15.62 -18.00
N PRO D 264 3.62 -16.26 -18.55
CA PRO D 264 2.62 -16.90 -17.68
C PRO D 264 3.13 -18.21 -17.10
N ALA D 265 2.53 -18.61 -15.99
CA ALA D 265 2.77 -19.92 -15.39
C ALA D 265 1.63 -20.84 -15.83
N ASP D 266 1.90 -21.67 -16.83
CA ASP D 266 0.89 -22.58 -17.37
C ASP D 266 1.46 -23.97 -17.62
N GLY D 267 2.43 -24.40 -16.82
CA GLY D 267 3.03 -25.71 -16.98
C GLY D 267 4.13 -25.78 -18.00
N GLN D 268 4.55 -24.66 -18.56
CA GLN D 268 5.62 -24.63 -19.55
C GLN D 268 6.54 -23.46 -19.25
N PHE D 269 7.84 -23.68 -19.40
CA PHE D 269 8.84 -22.63 -19.23
C PHE D 269 9.23 -22.07 -20.59
N ARG D 270 9.12 -20.77 -20.74
CA ARG D 270 9.51 -20.07 -21.96
C ARG D 270 10.77 -19.28 -21.67
N MET D 271 11.91 -19.76 -22.19
CA MET D 271 13.15 -19.02 -22.05
C MET D 271 13.08 -17.69 -22.79
N TYR D 272 12.41 -17.68 -23.95
CA TYR D 272 12.23 -16.48 -24.75
C TYR D 272 10.74 -16.18 -24.88
N ALA D 273 10.40 -14.89 -24.91
CA ALA D 273 9.04 -14.45 -25.12
C ALA D 273 9.05 -13.01 -25.62
N GLY D 274 8.39 -12.77 -26.75
CA GLY D 274 8.30 -11.42 -27.28
C GLY D 274 9.66 -10.87 -27.66
N GLY D 275 9.81 -9.57 -27.47
CA GLY D 275 11.07 -8.90 -27.74
C GLY D 275 11.10 -8.26 -29.12
N THR D 276 11.97 -7.28 -29.27
CA THR D 276 12.13 -6.58 -30.53
C THR D 276 12.76 -7.50 -31.57
N THR D 277 12.09 -7.63 -32.72
CA THR D 277 12.60 -8.50 -33.76
C THR D 277 13.80 -7.86 -34.46
N GLN D 278 14.62 -8.71 -35.08
CA GLN D 278 15.76 -8.22 -35.83
C GLN D 278 15.33 -7.37 -37.03
N ASP D 279 14.19 -7.70 -37.64
CA ASP D 279 13.65 -6.86 -38.70
C ASP D 279 13.26 -5.49 -38.18
N GLU D 280 12.73 -5.42 -36.95
CA GLU D 280 12.39 -4.12 -36.36
C GLU D 280 13.64 -3.26 -36.16
N MET D 281 14.73 -3.87 -35.67
CA MET D 281 15.97 -3.13 -35.51
C MET D 281 16.55 -2.73 -36.86
N LYS D 282 16.48 -3.62 -37.85
CA LYS D 282 17.02 -3.32 -39.17
C LYS D 282 16.25 -2.18 -39.82
N ASP D 283 14.93 -2.15 -39.65
CA ASP D 283 14.10 -1.13 -40.25
C ASP D 283 14.03 0.15 -39.43
N ALA D 284 14.63 0.18 -38.25
CA ALA D 284 14.59 1.35 -37.38
C ALA D 284 15.08 2.63 -38.03
N PRO D 285 16.17 2.65 -38.82
CA PRO D 285 16.56 3.91 -39.48
C PRO D 285 15.50 4.46 -40.43
N ASN D 286 14.56 3.63 -40.88
CA ASN D 286 13.50 4.07 -41.77
C ASN D 286 12.37 4.76 -41.03
N ALA D 287 12.42 4.83 -39.70
CA ALA D 287 11.37 5.48 -38.93
C ALA D 287 11.41 7.00 -39.15
N LEU D 288 10.27 7.64 -38.85
CA LEU D 288 10.20 9.09 -38.90
C LEU D 288 11.18 9.72 -37.92
N ASN D 289 11.29 9.16 -36.73
CA ASN D 289 12.13 9.71 -35.67
C ASN D 289 12.32 8.63 -34.62
N THR D 290 13.16 8.94 -33.63
CA THR D 290 13.39 8.06 -32.49
C THR D 290 13.25 8.88 -31.22
N LEU D 291 12.50 8.35 -30.26
CA LEU D 291 12.27 9.01 -28.98
C LEU D 291 13.00 8.27 -27.88
N MET D 292 13.84 8.99 -27.14
CA MET D 292 14.53 8.46 -25.97
C MET D 292 13.65 8.67 -24.76
N LEU D 293 13.07 7.59 -24.23
CA LEU D 293 12.22 7.71 -23.05
C LEU D 293 13.01 8.21 -21.85
N GLN D 294 14.29 7.84 -21.74
CA GLN D 294 15.15 8.26 -20.64
C GLN D 294 16.41 8.85 -21.24
N PRO D 295 16.34 10.11 -21.71
CA PRO D 295 17.44 10.68 -22.49
C PRO D 295 18.75 10.80 -21.75
N TRP D 296 18.72 10.96 -20.42
CA TRP D 296 19.96 11.19 -19.68
C TRP D 296 20.83 9.95 -19.65
N GLN D 297 20.24 8.76 -19.69
CA GLN D 297 21.00 7.52 -19.71
C GLN D 297 21.18 6.95 -21.10
N LEU D 298 20.76 7.67 -22.15
CA LEU D 298 20.81 7.17 -23.51
C LEU D 298 21.67 8.07 -24.40
N THR D 299 22.70 8.69 -23.85
CA THR D 299 23.48 9.67 -24.61
C THR D 299 24.23 9.03 -25.77
N LYS D 300 24.86 7.87 -25.54
CA LYS D 300 25.58 7.21 -26.63
C LYS D 300 24.62 6.75 -27.72
N THR D 301 23.46 6.22 -27.33
CA THR D 301 22.45 5.85 -28.32
C THR D 301 21.93 7.07 -29.07
N THR D 302 21.71 8.18 -28.34
CA THR D 302 21.24 9.40 -28.97
C THR D 302 22.24 9.93 -29.99
N LYS D 303 23.53 9.91 -29.63
CA LYS D 303 24.56 10.35 -30.57
C LYS D 303 24.60 9.48 -31.80
N PHE D 304 24.47 8.16 -31.62
CA PHE D 304 24.48 7.25 -32.76
C PHE D 304 23.26 7.44 -33.64
N VAL D 305 22.08 7.60 -33.05
CA VAL D 305 20.86 7.72 -33.83
C VAL D 305 20.83 9.04 -34.60
N LYS D 306 21.30 10.12 -33.97
CA LYS D 306 21.34 11.41 -34.65
C LYS D 306 22.33 11.41 -35.80
N ASN D 307 23.48 10.75 -35.63
CA ASN D 307 24.57 10.87 -36.59
C ASN D 307 24.55 9.78 -37.65
N THR D 308 23.98 8.61 -37.37
CA THR D 308 23.92 7.53 -38.33
C THR D 308 22.55 7.40 -38.99
N TRP D 309 21.49 7.35 -38.20
CA TRP D 309 20.14 7.29 -38.76
C TRP D 309 19.63 8.64 -39.24
N LYS D 310 20.31 9.73 -38.87
CA LYS D 310 19.89 11.08 -39.22
C LYS D 310 18.49 11.40 -38.67
N HIS D 311 18.14 10.80 -37.54
CA HIS D 311 16.89 11.14 -36.86
C HIS D 311 17.10 12.35 -35.96
N GLU D 312 16.08 13.20 -35.86
CA GLU D 312 16.23 14.45 -35.11
C GLU D 312 16.35 14.21 -33.62
N VAL D 313 15.66 13.21 -33.08
CA VAL D 313 15.69 12.88 -31.66
C VAL D 313 15.38 14.12 -30.82
N PRO D 314 14.12 14.52 -30.73
CA PRO D 314 13.79 15.76 -30.03
C PRO D 314 14.21 15.72 -28.58
N LYS D 315 14.48 16.91 -28.03
CA LYS D 315 14.86 17.05 -26.62
C LYS D 315 13.61 16.89 -25.77
N LEU D 316 13.28 15.64 -25.47
CA LEU D 316 12.11 15.29 -24.67
C LEU D 316 12.56 14.82 -23.29
N ASN D 317 11.85 15.28 -22.27
CA ASN D 317 12.05 14.75 -20.94
C ASN D 317 11.42 13.36 -20.83
N ILE D 318 11.72 12.68 -19.74
CA ILE D 318 11.04 11.41 -19.47
C ILE D 318 9.54 11.67 -19.36
N PRO D 319 8.68 10.85 -19.97
CA PRO D 319 7.23 11.11 -19.86
C PRO D 319 6.69 10.76 -18.48
N MET D 320 6.97 11.61 -17.50
CA MET D 320 6.56 11.41 -16.13
C MET D 320 5.82 12.64 -15.64
N GLY D 321 4.84 12.42 -14.77
CA GLY D 321 4.04 13.51 -14.28
C GLY D 321 3.00 13.97 -15.29
N LEU D 322 2.66 15.24 -15.19
CA LEU D 322 1.63 15.83 -16.05
C LEU D 322 2.22 16.62 -17.21
N ASP D 323 3.11 17.58 -16.92
CA ASP D 323 3.65 18.44 -17.96
C ASP D 323 4.45 17.63 -18.98
N TRP D 324 5.29 16.70 -18.52
CA TRP D 324 6.18 15.99 -19.42
C TRP D 324 5.45 14.88 -20.20
N THR D 325 4.40 14.31 -19.62
CA THR D 325 3.55 13.42 -20.42
C THR D 325 2.80 14.22 -21.49
N ASP D 326 2.40 15.45 -21.16
CA ASP D 326 1.82 16.33 -22.17
C ASP D 326 2.81 16.60 -23.30
N GLU D 327 4.06 16.90 -22.95
CA GLU D 327 5.07 17.18 -23.96
C GLU D 327 5.37 15.96 -24.81
N PHE D 328 5.43 14.78 -24.19
CA PHE D 328 5.66 13.56 -24.95
C PHE D 328 4.54 13.30 -25.94
N LEU D 329 3.29 13.44 -25.48
CA LEU D 329 2.14 13.19 -26.35
C LEU D 329 2.09 14.20 -27.48
N MET D 330 2.37 15.47 -27.20
CA MET D 330 2.34 16.49 -28.24
C MET D 330 3.50 16.31 -29.24
N LYS D 331 4.65 15.84 -28.75
CA LYS D 331 5.76 15.56 -29.66
C LYS D 331 5.45 14.36 -30.54
N VAL D 332 4.84 13.32 -29.97
CA VAL D 332 4.39 12.18 -30.78
C VAL D 332 3.37 12.63 -31.81
N SER D 333 2.43 13.48 -31.38
CA SER D 333 1.42 14.00 -32.30
C SER D 333 2.05 14.80 -33.43
N GLU D 334 3.05 15.61 -33.11
CA GLU D 334 3.69 16.43 -34.14
C GLU D 334 4.46 15.58 -35.14
N ILE D 335 5.18 14.56 -34.66
CA ILE D 335 5.99 13.73 -35.55
C ILE D 335 5.11 12.89 -36.46
N SER D 336 4.11 12.22 -35.89
CA SER D 336 3.28 11.30 -36.65
C SER D 336 2.15 12.00 -37.41
N GLY D 337 1.81 13.24 -37.02
CA GLY D 337 0.65 13.90 -37.58
C GLY D 337 -0.68 13.42 -37.05
N GLN D 338 -0.69 12.56 -36.05
CA GLN D 338 -1.89 11.99 -35.46
C GLN D 338 -2.37 12.85 -34.31
N PRO D 339 -3.64 13.28 -34.29
CA PRO D 339 -4.13 14.07 -33.16
C PRO D 339 -4.17 13.26 -31.87
N ILE D 340 -4.04 13.96 -30.76
CA ILE D 340 -4.17 13.33 -29.45
C ILE D 340 -5.63 13.01 -29.22
N PRO D 341 -6.00 11.75 -29.00
CA PRO D 341 -7.41 11.39 -28.90
C PRO D 341 -8.04 11.91 -27.61
N GLU D 342 -9.38 12.00 -27.64
CA GLU D 342 -10.13 12.46 -26.48
C GLU D 342 -9.98 11.51 -25.30
N SER D 343 -9.69 10.23 -25.54
CA SER D 343 -9.47 9.30 -24.43
C SER D 343 -8.25 9.70 -23.62
N LEU D 344 -7.19 10.18 -24.28
CA LEU D 344 -6.00 10.59 -23.56
C LEU D 344 -6.23 11.92 -22.84
N ALA D 345 -7.01 12.81 -23.44
CA ALA D 345 -7.40 14.03 -22.74
C ALA D 345 -8.25 13.71 -21.52
N LYS D 346 -9.14 12.73 -21.64
CA LYS D 346 -9.94 12.29 -20.49
C LYS D 346 -9.05 11.68 -19.41
N GLU D 347 -8.07 10.86 -19.82
CA GLU D 347 -7.16 10.28 -18.83
C GLU D 347 -6.34 11.36 -18.15
N ARG D 348 -5.87 12.35 -18.91
CA ARG D 348 -5.17 13.47 -18.32
C ARG D 348 -6.07 14.23 -17.34
N GLY D 349 -7.33 14.44 -17.72
CA GLY D 349 -8.25 15.13 -16.84
C GLY D 349 -8.53 14.37 -15.56
N ARG D 350 -8.58 13.04 -15.65
CA ARG D 350 -8.77 12.23 -14.45
C ARG D 350 -7.55 12.30 -13.53
N LEU D 351 -6.36 12.35 -14.10
CA LEU D 351 -5.17 12.57 -13.29
C LEU D 351 -5.21 13.93 -12.62
N VAL D 352 -5.64 14.96 -13.35
CA VAL D 352 -5.77 16.29 -12.75
C VAL D 352 -6.83 16.29 -11.66
N ASP D 353 -7.91 15.54 -11.86
CA ASP D 353 -8.94 15.44 -10.84
C ASP D 353 -8.40 14.80 -9.57
N MET D 354 -7.59 13.74 -9.71
CA MET D 354 -6.97 13.13 -8.54
C MET D 354 -5.97 14.07 -7.89
N MET D 355 -5.22 14.85 -8.69
CA MET D 355 -4.33 15.85 -8.13
C MET D 355 -5.10 16.85 -7.30
N THR D 356 -6.27 17.26 -7.79
CA THR D 356 -7.12 18.18 -7.04
C THR D 356 -7.69 17.52 -5.80
N ASP D 357 -8.06 16.25 -5.89
CA ASP D 357 -8.71 15.57 -4.76
C ASP D 357 -7.72 15.30 -3.63
N SER D 358 -6.43 15.20 -3.93
CA SER D 358 -5.43 14.80 -2.96
C SER D 358 -4.45 15.92 -2.61
N HIS D 359 -4.66 17.13 -3.13
CA HIS D 359 -3.64 18.16 -3.00
C HIS D 359 -3.45 18.61 -1.55
N THR D 360 -4.51 18.56 -0.73
CA THR D 360 -4.38 19.04 0.65
C THR D 360 -3.48 18.12 1.47
N TRP D 361 -3.49 16.82 1.20
CA TRP D 361 -2.65 15.88 1.94
C TRP D 361 -1.22 15.81 1.41
N LEU D 362 -0.96 16.33 0.22
CA LEU D 362 0.38 16.26 -0.38
C LEU D 362 1.13 17.57 -0.32
N HIS D 363 0.42 18.69 -0.20
CA HIS D 363 1.07 20.01 -0.20
C HIS D 363 2.02 20.14 0.97
N GLY D 364 3.24 20.59 0.69
CA GLY D 364 4.25 20.81 1.72
C GLY D 364 4.97 19.57 2.19
N LYS D 365 4.56 18.38 1.74
CA LYS D 365 5.22 17.16 2.17
C LYS D 365 6.65 17.12 1.65
N LYS D 366 7.57 16.72 2.51
CA LYS D 366 9.00 16.72 2.20
C LYS D 366 9.44 15.30 1.83
N PHE D 367 10.15 15.17 0.72
CA PHE D 367 10.56 13.87 0.23
C PHE D 367 12.06 13.87 -0.03
N ALA D 368 12.72 12.77 0.36
CA ALA D 368 14.07 12.47 -0.08
C ALA D 368 13.98 11.33 -1.09
N LEU D 369 14.56 11.52 -2.26
CA LEU D 369 14.42 10.53 -3.31
C LEU D 369 15.77 10.22 -3.92
N TRP D 370 15.90 8.98 -4.41
CA TRP D 370 17.09 8.55 -5.12
C TRP D 370 16.67 7.55 -6.18
N GLY D 371 17.60 7.23 -7.06
CA GLY D 371 17.35 6.32 -8.16
C GLY D 371 18.16 6.74 -9.37
N ASP D 372 17.75 6.22 -10.52
CA ASP D 372 18.42 6.51 -11.77
C ASP D 372 18.12 7.95 -12.20
N PRO D 373 19.02 8.56 -12.99
CA PRO D 373 18.87 10.00 -13.29
C PRO D 373 17.52 10.39 -13.88
N ASP D 374 17.03 9.67 -14.88
CA ASP D 374 15.79 10.07 -15.54
C ASP D 374 14.58 9.85 -14.64
N PHE D 375 14.53 8.72 -13.94
CA PHE D 375 13.43 8.48 -13.02
C PHE D 375 13.41 9.53 -11.90
N VAL D 376 14.59 9.87 -11.38
CA VAL D 376 14.67 10.86 -10.31
C VAL D 376 14.21 12.22 -10.81
N MET D 377 14.65 12.59 -12.02
CA MET D 377 14.22 13.87 -12.60
C MET D 377 12.71 13.90 -12.82
N GLY D 378 12.14 12.80 -13.32
CA GLY D 378 10.70 12.75 -13.50
C GLY D 378 9.95 12.74 -12.18
N MET D 379 10.45 11.99 -11.20
CA MET D 379 9.83 11.99 -9.88
C MET D 379 9.88 13.37 -9.25
N THR D 380 11.02 14.05 -9.36
CA THR D 380 11.13 15.41 -8.82
C THR D 380 10.16 16.35 -9.51
N LYS D 381 10.04 16.23 -10.84
CA LYS D 381 9.14 17.10 -11.58
C LYS D 381 7.69 16.87 -11.16
N PHE D 382 7.28 15.60 -11.00
CA PHE D 382 5.91 15.31 -10.58
C PHE D 382 5.67 15.76 -9.16
N LEU D 383 6.67 15.62 -8.27
CA LEU D 383 6.51 16.07 -6.90
C LEU D 383 6.30 17.57 -6.83
N LEU D 384 7.05 18.33 -7.64
CA LEU D 384 6.83 19.77 -7.70
C LEU D 384 5.43 20.10 -8.22
N GLU D 385 4.96 19.33 -9.21
CA GLU D 385 3.61 19.52 -9.72
C GLU D 385 2.55 19.25 -8.66
N LEU D 386 2.85 18.40 -7.70
CA LEU D 386 1.92 18.05 -6.64
C LEU D 386 2.02 18.99 -5.44
N GLY D 387 2.85 20.03 -5.51
CA GLY D 387 3.06 20.89 -4.38
C GLY D 387 3.94 20.30 -3.30
N CYS D 388 4.58 19.17 -3.56
CA CYS D 388 5.50 18.57 -2.61
C CYS D 388 6.88 19.20 -2.74
N GLU D 389 7.66 19.08 -1.67
CA GLU D 389 9.02 19.61 -1.63
C GLU D 389 10.00 18.46 -1.60
N PRO D 390 10.65 18.12 -2.71
CA PRO D 390 11.73 17.14 -2.64
C PRO D 390 13.00 17.79 -2.10
N ILE D 391 13.29 17.57 -0.82
CA ILE D 391 14.35 18.33 -0.17
C ILE D 391 15.72 17.68 -0.34
N HIS D 392 15.77 16.38 -0.52
CA HIS D 392 17.02 15.65 -0.73
C HIS D 392 16.87 14.82 -2.00
N ILE D 393 17.41 15.33 -3.10
CA ILE D 393 17.39 14.64 -4.38
C ILE D 393 18.77 14.04 -4.58
N LEU D 394 18.85 12.72 -4.62
CA LEU D 394 20.11 12.00 -4.71
C LEU D 394 20.13 11.14 -5.95
N CYS D 395 21.29 11.06 -6.60
CA CYS D 395 21.48 10.18 -7.75
C CYS D 395 22.94 9.77 -7.80
N ASN D 396 23.21 8.48 -7.55
CA ASN D 396 24.57 7.99 -7.52
C ASN D 396 25.20 7.97 -8.91
N ASN D 397 24.38 7.93 -9.97
CA ASN D 397 24.90 7.78 -11.32
C ASN D 397 25.12 9.10 -12.04
N ALA D 398 24.39 10.14 -11.67
CA ALA D 398 24.29 11.33 -12.50
C ALA D 398 25.58 12.12 -12.52
N ASN D 399 25.75 12.90 -13.58
CA ASN D 399 26.90 13.77 -13.77
C ASN D 399 26.54 15.20 -13.37
N LYS D 400 27.46 16.13 -13.63
CA LYS D 400 27.22 17.53 -13.28
C LYS D 400 26.23 18.18 -14.24
N ARG D 401 26.17 17.71 -15.49
CA ARG D 401 25.18 18.22 -16.43
C ARG D 401 23.77 17.92 -15.96
N TRP D 402 23.54 16.71 -15.46
CA TRP D 402 22.24 16.36 -14.91
C TRP D 402 21.90 17.22 -13.70
N LYS D 403 22.87 17.45 -12.83
CA LYS D 403 22.64 18.30 -11.66
C LYS D 403 22.28 19.72 -12.07
N LYS D 404 22.90 20.21 -13.14
CA LYS D 404 22.55 21.54 -13.64
C LYS D 404 21.11 21.59 -14.11
N ALA D 405 20.67 20.57 -14.85
CA ALA D 405 19.29 20.54 -15.31
C ALA D 405 18.31 20.42 -14.15
N MET D 406 18.63 19.61 -13.15
CA MET D 406 17.77 19.47 -11.98
C MET D 406 17.66 20.77 -11.21
N ASP D 407 18.77 21.51 -11.08
CA ASP D 407 18.72 22.80 -10.41
C ASP D 407 17.83 23.78 -11.15
N ALA D 408 17.84 23.73 -12.49
CA ALA D 408 16.96 24.59 -13.27
C ALA D 408 15.51 24.20 -13.07
N ILE D 409 15.22 22.89 -12.99
CA ILE D 409 13.85 22.45 -12.74
C ILE D 409 13.37 22.93 -11.38
N LEU D 410 14.22 22.79 -10.36
CA LEU D 410 13.85 23.24 -9.02
C LEU D 410 13.71 24.75 -8.95
N ALA D 411 14.56 25.48 -9.68
CA ALA D 411 14.48 26.93 -9.69
C ALA D 411 13.20 27.42 -10.34
N GLU D 412 12.63 26.63 -11.25
CA GLU D 412 11.39 27.01 -11.91
C GLU D 412 10.18 26.92 -10.98
N SER D 413 10.30 26.18 -9.88
CA SER D 413 9.18 25.95 -9.00
C SER D 413 9.43 26.55 -7.63
N PRO D 414 8.45 27.22 -7.03
CA PRO D 414 8.60 27.67 -5.64
C PRO D 414 8.75 26.52 -4.66
N TYR D 415 8.32 25.32 -5.03
CA TYR D 415 8.43 24.15 -4.15
C TYR D 415 9.79 23.49 -4.21
N GLY D 416 10.70 23.98 -5.06
CA GLY D 416 12.06 23.51 -5.12
C GLY D 416 13.07 24.42 -4.44
N ALA D 417 12.62 25.43 -3.69
CA ALA D 417 13.54 26.38 -3.08
C ALA D 417 14.37 25.73 -1.99
N ASN D 418 13.77 24.81 -1.22
CA ASN D 418 14.46 24.11 -0.15
C ASN D 418 15.04 22.79 -0.60
N SER D 419 15.34 22.65 -1.88
CA SER D 419 15.78 21.38 -2.45
C SER D 419 17.29 21.41 -2.70
N GLU D 420 17.93 20.28 -2.44
CA GLU D 420 19.35 20.12 -2.74
C GLU D 420 19.53 18.85 -3.57
N VAL D 421 20.31 18.97 -4.64
CA VAL D 421 20.61 17.85 -5.53
C VAL D 421 22.00 17.34 -5.21
N HIS D 422 22.10 16.04 -4.96
CA HIS D 422 23.36 15.37 -4.68
C HIS D 422 23.66 14.37 -5.78
N ILE D 423 24.87 14.43 -6.32
CA ILE D 423 25.32 13.50 -7.33
C ILE D 423 26.59 12.83 -6.83
N GLY D 424 26.77 11.57 -7.20
CA GLY D 424 27.92 10.82 -6.73
C GLY D 424 27.88 10.49 -5.26
N LYS D 425 26.69 10.51 -4.66
CA LYS D 425 26.51 10.21 -3.25
C LYS D 425 25.71 8.91 -3.11
N ASP D 426 26.01 8.17 -2.06
CA ASP D 426 25.38 6.88 -1.81
C ASP D 426 24.29 7.02 -0.75
N LEU D 427 23.73 5.89 -0.31
CA LEU D 427 22.64 5.91 0.64
C LEU D 427 23.10 6.10 2.08
N TRP D 428 24.39 5.97 2.37
CA TRP D 428 24.90 6.42 3.66
C TRP D 428 24.91 7.93 3.74
N HIS D 429 25.20 8.60 2.62
CA HIS D 429 24.98 10.04 2.54
C HIS D 429 23.51 10.38 2.73
N MET D 430 22.62 9.61 2.11
CA MET D 430 21.19 9.83 2.26
C MET D 430 20.74 9.65 3.70
N ARG D 431 21.33 8.69 4.41
CA ARG D 431 20.97 8.46 5.80
C ARG D 431 21.27 9.68 6.67
N SER D 432 22.43 10.31 6.46
CA SER D 432 22.74 11.54 7.17
C SER D 432 21.76 12.64 6.82
N LEU D 433 21.39 12.74 5.53
CA LEU D 433 20.51 13.82 5.10
C LEU D 433 19.13 13.70 5.73
N VAL D 434 18.59 12.50 5.83
CA VAL D 434 17.25 12.35 6.40
C VAL D 434 17.28 12.47 7.92
N PHE D 435 18.45 12.34 8.54
CA PHE D 435 18.56 12.61 9.97
C PHE D 435 18.68 14.10 10.26
N THR D 436 19.54 14.80 9.53
CA THR D 436 19.82 16.20 9.86
C THR D 436 18.74 17.15 9.33
N ASN D 437 18.17 16.84 8.17
CA ASN D 437 17.09 17.63 7.58
C ASN D 437 16.00 16.62 7.22
N LYS D 438 15.14 16.33 8.18
CA LYS D 438 14.23 15.19 8.08
C LYS D 438 13.13 15.42 7.06
N PRO D 439 12.99 14.57 6.05
CA PRO D 439 11.78 14.60 5.22
C PRO D 439 10.68 13.79 5.87
N ASP D 440 9.47 13.98 5.35
CA ASP D 440 8.34 13.17 5.81
C ASP D 440 8.41 11.75 5.28
N PHE D 441 8.91 11.57 4.05
CA PHE D 441 9.02 10.27 3.43
C PHE D 441 10.25 10.24 2.55
N MET D 442 10.70 9.03 2.21
CA MET D 442 11.71 8.85 1.18
C MET D 442 11.12 8.00 0.06
N ILE D 443 11.39 8.39 -1.18
CA ILE D 443 11.06 7.57 -2.34
C ILE D 443 12.35 6.93 -2.83
N GLY D 444 12.37 5.61 -2.86
CA GLY D 444 13.59 4.92 -3.24
C GLY D 444 13.36 3.43 -3.34
N ASN D 445 14.46 2.70 -3.58
CA ASN D 445 14.40 1.26 -3.74
C ASN D 445 14.44 0.59 -2.37
N SER D 446 14.56 -0.74 -2.35
CA SER D 446 14.43 -1.50 -1.11
C SER D 446 15.56 -1.21 -0.14
N TYR D 447 16.69 -0.71 -0.64
CA TYR D 447 17.81 -0.40 0.25
C TYR D 447 17.48 0.72 1.23
N GLY D 448 16.45 1.52 0.94
CA GLY D 448 16.01 2.54 1.86
C GLY D 448 15.40 1.99 3.13
N LYS D 449 15.03 0.71 3.15
CA LYS D 449 14.41 0.13 4.34
C LYS D 449 15.37 0.17 5.52
N PHE D 450 16.68 0.09 5.26
CA PHE D 450 17.66 0.15 6.34
C PHE D 450 17.80 1.56 6.87
N ILE D 451 17.56 2.57 6.02
CA ILE D 451 17.54 3.94 6.48
C ILE D 451 16.34 4.18 7.39
N GLN D 452 15.18 3.60 7.04
CA GLN D 452 14.01 3.72 7.90
C GLN D 452 14.23 3.04 9.24
N ARG D 453 14.92 1.90 9.24
CA ARG D 453 15.25 1.23 10.49
C ARG D 453 16.12 2.12 11.37
N ASP D 454 17.10 2.80 10.77
CA ASP D 454 17.97 3.68 11.54
C ASP D 454 17.21 4.86 12.11
N THR D 455 16.36 5.51 11.31
CA THR D 455 15.64 6.68 11.79
C THR D 455 14.59 6.31 12.83
N LEU D 456 13.97 5.14 12.70
CA LEU D 456 13.09 4.66 13.75
C LEU D 456 13.86 4.41 15.04
N TYR D 457 15.09 3.89 14.93
CA TYR D 457 15.87 3.60 16.11
C TYR D 457 16.19 4.87 16.90
N LYS D 458 16.44 5.97 16.20
CA LYS D 458 16.62 7.25 16.89
C LYS D 458 15.34 7.65 17.62
N GLY D 459 14.19 7.36 17.03
CA GLY D 459 12.92 7.65 17.65
C GLY D 459 11.77 7.50 16.68
N LYS D 460 10.57 7.25 17.20
CA LYS D 460 9.39 7.14 16.34
C LYS D 460 9.12 8.46 15.62
N GLU D 461 9.29 9.58 16.32
CA GLU D 461 9.11 10.89 15.69
C GLU D 461 10.18 11.21 14.68
N PHE D 462 11.28 10.45 14.64
CA PHE D 462 12.33 10.65 13.65
C PHE D 462 12.26 9.66 12.50
N GLU D 463 11.40 8.65 12.57
CA GLU D 463 11.34 7.64 11.52
C GLU D 463 10.86 8.26 10.21
N VAL D 464 11.59 7.97 9.14
CA VAL D 464 11.22 8.42 7.80
C VAL D 464 10.76 7.19 7.02
N PRO D 465 9.46 7.03 6.78
CA PRO D 465 8.99 5.84 6.06
C PRO D 465 9.47 5.83 4.62
N LEU D 466 9.70 4.62 4.12
CA LEU D 466 10.16 4.41 2.75
C LEU D 466 8.96 4.11 1.85
N ILE D 467 8.86 4.84 0.75
CA ILE D 467 7.92 4.54 -0.32
C ILE D 467 8.72 3.89 -1.44
N ARG D 468 8.37 2.65 -1.77
CA ARG D 468 9.18 1.82 -2.67
C ARG D 468 8.80 2.13 -4.11
N ILE D 469 9.55 3.04 -4.73
CA ILE D 469 9.45 3.31 -6.16
C ILE D 469 10.87 3.34 -6.71
N GLY D 470 11.13 2.50 -7.70
CA GLY D 470 12.45 2.43 -8.30
C GLY D 470 12.96 1.01 -8.46
N PHE D 471 14.27 0.86 -8.52
CA PHE D 471 14.89 -0.44 -8.73
C PHE D 471 16.13 -0.55 -7.84
N PRO D 472 16.33 -1.67 -7.16
CA PRO D 472 15.46 -2.85 -7.13
C PRO D 472 14.45 -2.85 -5.99
N ILE D 473 13.33 -3.56 -6.16
CA ILE D 473 12.38 -3.79 -5.08
C ILE D 473 12.43 -5.28 -4.77
N PHE D 474 12.94 -5.61 -3.58
CA PHE D 474 13.18 -6.99 -3.18
C PHE D 474 12.26 -7.47 -2.07
N ASP D 475 11.83 -6.58 -1.18
CA ASP D 475 11.05 -6.97 -0.01
C ASP D 475 9.55 -6.77 -0.20
N ARG D 476 9.12 -6.40 -1.40
CA ARG D 476 7.71 -6.39 -1.76
C ARG D 476 7.55 -7.23 -3.03
N HIS D 477 6.31 -7.64 -3.28
CA HIS D 477 6.01 -8.52 -4.40
C HIS D 477 5.17 -7.80 -5.43
N HIS D 478 5.49 -8.02 -6.71
CA HIS D 478 4.73 -7.59 -7.88
C HIS D 478 4.67 -6.07 -8.04
N LEU D 479 5.48 -5.32 -7.31
CA LEU D 479 5.56 -3.89 -7.55
C LEU D 479 6.20 -3.57 -8.89
N HIS D 480 6.97 -4.51 -9.45
CA HIS D 480 7.56 -4.32 -10.77
C HIS D 480 6.49 -4.26 -11.86
N ARG D 481 5.27 -4.73 -11.58
CA ARG D 481 4.19 -4.66 -12.55
C ARG D 481 3.58 -3.27 -12.69
N GLN D 482 3.86 -2.36 -11.75
CA GLN D 482 3.17 -1.09 -11.76
C GLN D 482 3.82 -0.12 -12.75
N THR D 483 3.24 1.07 -12.86
CA THR D 483 3.61 2.05 -13.87
C THR D 483 4.02 3.36 -13.22
N THR D 484 5.07 3.97 -13.76
CA THR D 484 5.48 5.31 -13.39
C THR D 484 5.45 6.30 -14.54
N LEU D 485 5.19 5.86 -15.76
CA LEU D 485 5.19 6.72 -16.93
C LEU D 485 3.76 7.05 -17.36
N GLY D 486 3.60 8.22 -17.97
CA GLY D 486 2.31 8.63 -18.48
C GLY D 486 1.36 9.10 -17.39
N TYR D 487 0.12 9.38 -17.81
CA TYR D 487 -0.90 9.73 -16.83
C TYR D 487 -1.23 8.56 -15.92
N GLU D 488 -1.25 7.35 -16.47
CA GLU D 488 -1.49 6.16 -15.64
C GLU D 488 -0.39 5.99 -14.61
N GLY D 489 0.86 6.18 -15.00
CA GLY D 489 1.96 6.12 -14.05
C GLY D 489 1.88 7.22 -13.01
N ALA D 490 1.50 8.42 -13.44
CA ALA D 490 1.35 9.53 -12.50
C ALA D 490 0.21 9.27 -11.52
N MET D 491 -0.87 8.65 -11.99
CA MET D 491 -1.97 8.30 -11.11
C MET D 491 -1.54 7.28 -10.07
N GLN D 492 -0.78 6.26 -10.49
CA GLN D 492 -0.29 5.26 -9.55
C GLN D 492 0.68 5.87 -8.54
N ILE D 493 1.56 6.76 -9.00
CA ILE D 493 2.47 7.44 -8.09
C ILE D 493 1.70 8.32 -7.12
N LEU D 494 0.73 9.08 -7.64
CA LEU D 494 -0.08 9.94 -6.77
C LEU D 494 -0.82 9.13 -5.72
N THR D 495 -1.46 8.04 -6.13
CA THR D 495 -2.20 7.20 -5.20
C THR D 495 -1.27 6.63 -4.13
N THR D 496 -0.09 6.19 -4.52
CA THR D 496 0.88 5.68 -3.56
C THR D 496 1.32 6.77 -2.60
N LEU D 497 1.59 7.98 -3.11
CA LEU D 497 2.08 9.06 -2.26
C LEU D 497 1.02 9.52 -1.27
N VAL D 498 -0.20 9.79 -1.74
CA VAL D 498 -1.23 10.32 -0.86
C VAL D 498 -1.63 9.29 0.19
N ASN D 499 -1.72 8.02 -0.20
CA ASN D 499 -2.09 6.99 0.75
C ASN D 499 -0.94 6.63 1.68
N SER D 500 0.30 6.89 1.29
CA SER D 500 1.40 6.80 2.23
C SER D 500 1.28 7.86 3.32
N VAL D 501 0.88 9.08 2.93
CA VAL D 501 0.62 10.13 3.92
C VAL D 501 -0.53 9.72 4.83
N LEU D 502 -1.61 9.22 4.24
CA LEU D 502 -2.80 8.88 5.02
C LEU D 502 -2.55 7.68 5.93
N GLU D 503 -1.82 6.68 5.44
CA GLU D 503 -1.49 5.53 6.28
C GLU D 503 -0.59 5.93 7.43
N ARG D 504 0.41 6.79 7.16
CA ARG D 504 1.29 7.26 8.22
C ARG D 504 0.52 8.09 9.23
N LEU D 505 -0.40 8.93 8.77
CA LEU D 505 -1.22 9.72 9.68
C LEU D 505 -2.10 8.83 10.55
N ASP D 506 -2.67 7.79 9.97
CA ASP D 506 -3.48 6.85 10.74
C ASP D 506 -2.64 6.14 11.81
N GLU D 507 -1.40 5.80 11.47
CA GLU D 507 -0.50 5.19 12.44
C GLU D 507 -0.21 6.15 13.59
N GLU D 508 -0.01 7.43 13.27
CA GLU D 508 0.27 8.43 14.31
C GLU D 508 -0.95 8.77 15.16
N THR D 509 -2.16 8.55 14.63
CA THR D 509 -3.38 8.92 15.34
C THR D 509 -4.18 7.72 15.84
N ARG D 510 -3.59 6.53 15.82
CA ARG D 510 -4.30 5.34 16.28
C ARG D 510 -4.32 5.20 17.80
N GLY D 511 -3.45 5.90 18.51
CA GLY D 511 -3.35 5.77 19.95
C GLY D 511 -4.60 6.18 20.69
N MET D 512 -5.27 5.22 21.31
CA MET D 512 -6.54 5.49 22.00
C MET D 512 -6.33 6.47 23.15
N GLN D 513 -7.20 7.49 23.19
CA GLN D 513 -7.26 8.54 24.21
C GLN D 513 -6.04 9.44 24.24
N THR D 514 -5.06 9.24 23.38
CA THR D 514 -3.91 10.14 23.29
C THR D 514 -3.88 10.88 21.96
N THR D 515 -3.90 10.13 20.85
CA THR D 515 -3.99 10.72 19.53
C THR D 515 -5.17 10.19 18.74
N ASP D 516 -6.13 9.52 19.38
CA ASP D 516 -7.27 8.96 18.68
C ASP D 516 -8.25 10.03 18.23
N TYR D 517 -8.22 11.22 18.84
CA TYR D 517 -8.74 12.39 18.15
C TYR D 517 -7.87 12.63 16.92
N ASN D 518 -8.49 13.03 15.82
CA ASN D 518 -7.88 13.12 14.49
C ASN D 518 -7.68 11.75 13.86
N TYR D 519 -8.17 10.67 14.48
CA TYR D 519 -8.24 9.37 13.81
C TYR D 519 -9.52 9.33 12.98
N ASP D 520 -9.54 10.20 11.98
CA ASP D 520 -10.78 10.50 11.26
C ASP D 520 -11.19 9.36 10.35
N LEU D 521 -12.49 9.06 10.32
CA LEU D 521 -13.01 8.14 9.33
C LEU D 521 -12.83 8.69 7.93
N VAL D 522 -13.07 9.98 7.74
CA VAL D 522 -13.02 10.63 6.44
C VAL D 522 -11.74 11.46 6.35
N ARG D 523 -10.98 11.27 5.28
CA ARG D 523 -9.75 12.01 5.06
C ARG D 523 -9.74 12.68 3.69
FE1 ICS E . -23.72 26.10 14.05
MO1 ICS E . -21.78 21.68 9.02
FE2 ICS E . -24.52 24.09 12.47
FE3 ICS E . -21.98 24.22 13.35
FE4 ICS E . -22.87 25.96 11.57
FE5 ICS E . -22.16 24.32 9.66
FE6 ICS E . -23.74 22.45 10.64
FE7 ICS E . -21.29 22.61 11.48
CX ICS E . -22.75 23.97 11.54
S1A ICS E . -25.04 26.28 12.17
S1B ICS E . -23.63 23.05 8.49
S2A ICS E . -23.85 23.91 14.61
S2B ICS E . -25.68 22.42 11.62
S3A ICS E . -22.23 26.57 9.51
S3B ICS E . -22.44 20.70 11.07
S4A ICS E . -21.56 26.43 13.38
S4B ICS E . -20.16 23.27 9.69
S5A ICS E . -20.26 22.83 13.42
C1 HCA F . -24.69 18.35 8.58
C2 HCA F . -23.24 17.92 8.83
C3 HCA F . -22.22 18.29 7.73
C4 HCA F . -22.31 17.39 6.50
C5 HCA F . -21.11 17.42 5.56
C6 HCA F . -20.94 18.66 4.65
C7 HCA F . -20.83 18.19 8.41
O1 HCA F . -24.92 19.55 8.37
O2 HCA F . -25.55 17.44 8.62
O3 HCA F . -19.79 18.97 4.29
O4 HCA F . -21.99 19.24 4.32
O5 HCA F . -20.45 17.02 8.65
O6 HCA F . -20.22 19.24 8.68
O7 HCA F . -22.40 19.63 7.31
FE1 CLF G . -35.39 10.79 7.75
FE2 CLF G . -33.55 10.73 6.03
FE3 CLF G . -33.11 12.36 8.21
FE4 CLF G . -33.07 9.67 8.32
S1 CLF G . -34.66 8.69 6.86
S2A CLF G . -34.68 12.65 6.58
S4A CLF G . -31.61 11.01 7.18
S3A CLF G . -34.23 11.03 9.73
FE5 CLF G . -32.61 7.15 6.96
FE6 CLF G . -34.75 6.31 5.95
FE7 CLF G . -32.29 5.56 4.69
FE8 CLF G . -33.58 7.99 4.91
S2B CLF G . -32.89 4.72 6.76
S3B CLF G . -34.28 6.20 3.68
S4B CLF G . -31.32 7.57 5.21
FE FE H . 6.89 -14.39 -11.41
FE1 ICS I . 28.52 -24.66 3.00
MO1 ICS I . 24.05 -20.93 -0.83
FE2 ICS I . 28.31 -22.92 0.98
FE3 ICS I . 26.61 -22.80 3.06
FE4 ICS I . 26.48 -24.82 1.34
FE5 ICS I . 24.83 -23.45 -0.12
FE6 ICS I . 26.61 -21.53 -0.39
FE7 ICS I . 24.99 -21.45 1.61
CX ICS I . 26.31 -22.85 1.10
S1A ICS I . 28.66 -25.14 0.75
S1B ICS I . 25.42 -22.42 -2.05
S2A ICS I . 28.87 -22.42 3.09
S2B ICS I . 28.77 -21.43 -0.58
S3A ICS I . 24.89 -25.71 0.04
S3B ICS I . 25.66 -19.69 0.38
S4A ICS I . 26.34 -24.97 3.62
S4B ICS I . 23.11 -22.32 0.82
S5A ICS I . 25.16 -21.31 3.82
C1 HCA J . 26.19 -17.83 -3.19
C2 HCA J . 25.10 -17.26 -2.27
C3 HCA J . 23.65 -17.71 -2.53
C4 HCA J . 22.97 -16.97 -3.70
C5 HCA J . 21.46 -17.15 -3.76
C6 HCA J . 20.93 -18.47 -4.37
C7 HCA J . 22.89 -17.46 -1.20
O1 HCA J . 26.95 -17.00 -3.74
O2 HCA J . 26.25 -19.07 -3.31
O3 HCA J . 21.74 -19.20 -4.97
O4 HCA J . 19.71 -18.69 -4.20
O5 HCA J . 22.50 -18.49 -0.61
O6 HCA J . 22.74 -16.29 -0.83
O7 HCA J . 23.60 -19.09 -2.81
FE FE K . -12.54 13.03 -8.02
FE1 CLF L . 34.52 -10.85 -10.56
FE2 CLF L . 32.06 -10.98 -11.05
FE3 CLF L . 32.91 -12.29 -8.78
FE4 CLF L . 32.80 -9.59 -9.00
S1 CLF L . 33.35 -8.87 -11.19
S2A CLF L . 33.40 -12.84 -10.94
S4A CLF L . 31.03 -11.05 -9.02
S3A CLF L . 34.59 -10.79 -8.25
FE5 CLF L . 31.58 -7.26 -10.24
FE6 CLF L . 32.83 -6.64 -12.34
FE7 CLF L . 30.05 -5.99 -12.20
FE8 CLF L . 31.37 -8.42 -12.37
S2B CLF L . 31.61 -4.90 -10.88
S3B CLF L . 31.24 -6.84 -14.01
S4B CLF L . 29.58 -7.88 -10.98
#